data_1WRF
#
_entry.id   1WRF
#
_cell.length_a   1.000
_cell.length_b   1.000
_cell.length_c   1.000
_cell.angle_alpha   90.00
_cell.angle_beta   90.00
_cell.angle_gamma   90.00
#
_symmetry.space_group_name_H-M   'P 1'
#
_entity_poly.entity_id   1
_entity_poly.type   'polypeptide(L)'
_entity_poly.pdbx_seq_one_letter_code
;DQVDVKDCANNEIKKVMVDGCHGSDPCIIHRGKPFTLEALFDANQNTKTAKIEIKASLDGLEIDVPGIDTNACHFVKCPL
VKGQQYDIKYTWNVPKIAPKSENVVVTVKLIGDNGVLACAIATHGKIRD
;
_entity_poly.pdbx_strand_id   A
#
# COMPACT_ATOMS: atom_id res chain seq x y z
N ASP A 1 -1.41 -11.03 -10.37
CA ASP A 1 -2.82 -10.63 -10.60
C ASP A 1 -3.18 -9.48 -9.64
N GLN A 2 -4.29 -8.83 -9.88
CA GLN A 2 -4.70 -7.71 -8.99
C GLN A 2 -5.30 -8.28 -7.70
N VAL A 3 -5.22 -7.55 -6.63
CA VAL A 3 -5.78 -8.05 -5.34
C VAL A 3 -7.07 -7.29 -5.01
N ASP A 4 -7.84 -7.80 -4.09
CA ASP A 4 -9.11 -7.10 -3.73
C ASP A 4 -8.84 -6.05 -2.66
N VAL A 5 -9.11 -4.81 -2.95
CA VAL A 5 -8.86 -3.74 -1.96
C VAL A 5 -9.86 -2.60 -2.19
N LYS A 6 -10.11 -1.81 -1.19
CA LYS A 6 -11.07 -0.67 -1.36
C LYS A 6 -10.35 0.65 -1.07
N ASP A 7 -10.10 1.43 -2.09
CA ASP A 7 -9.41 2.73 -1.87
C ASP A 7 -10.15 3.52 -0.80
N CYS A 8 -9.51 3.75 0.32
CA CYS A 8 -10.17 4.51 1.41
C CYS A 8 -9.98 6.01 1.17
N ALA A 9 -9.48 6.38 0.02
CA ALA A 9 -9.25 7.82 -0.27
C ALA A 9 -10.49 8.40 -0.94
N ASN A 10 -10.75 8.01 -2.15
CA ASN A 10 -11.93 8.56 -2.87
C ASN A 10 -11.88 8.10 -4.34
N ASN A 11 -11.84 6.81 -4.56
CA ASN A 11 -11.79 6.32 -5.97
C ASN A 11 -10.47 6.76 -6.59
N GLU A 12 -9.54 7.21 -5.79
CA GLU A 12 -8.23 7.66 -6.33
C GLU A 12 -7.51 6.48 -6.99
N ILE A 13 -7.10 5.51 -6.21
CA ILE A 13 -6.38 4.36 -6.81
C ILE A 13 -7.25 3.71 -7.89
N LYS A 14 -6.71 3.49 -9.05
CA LYS A 14 -7.50 2.87 -10.15
C LYS A 14 -7.41 1.35 -10.05
N LYS A 15 -6.49 0.85 -9.27
CA LYS A 15 -6.34 -0.63 -9.13
C LYS A 15 -4.96 -0.95 -8.56
N VAL A 16 -4.93 -1.75 -7.52
CA VAL A 16 -3.62 -2.11 -6.90
C VAL A 16 -3.41 -3.63 -7.04
N MET A 17 -2.31 -4.04 -7.58
CA MET A 17 -2.07 -5.50 -7.74
C MET A 17 -0.77 -5.92 -7.03
N VAL A 18 -0.66 -7.17 -6.67
CA VAL A 18 0.57 -7.64 -5.98
C VAL A 18 1.13 -8.86 -6.73
N ASP A 19 2.42 -9.03 -6.71
CA ASP A 19 3.02 -10.21 -7.41
C ASP A 19 3.10 -11.39 -6.45
N GLY A 20 2.00 -12.03 -6.19
CA GLY A 20 2.01 -13.19 -5.25
C GLY A 20 0.58 -13.61 -4.90
N CYS A 21 -0.11 -12.80 -4.15
CA CYS A 21 -1.51 -13.15 -3.76
C CYS A 21 -2.42 -13.12 -5.01
N HIS A 22 -3.60 -13.63 -4.89
CA HIS A 22 -4.54 -13.63 -6.06
C HIS A 22 -5.64 -12.59 -5.84
N GLY A 23 -5.72 -12.05 -4.66
CA GLY A 23 -6.78 -11.03 -4.39
C GLY A 23 -7.91 -11.66 -3.56
N SER A 24 -9.02 -11.94 -4.19
CA SER A 24 -10.16 -12.55 -3.44
C SER A 24 -9.64 -13.62 -2.47
N ASP A 25 -8.68 -14.38 -2.89
CA ASP A 25 -8.12 -15.44 -1.99
C ASP A 25 -7.37 -14.77 -0.84
N PRO A 26 -6.96 -15.58 0.10
CA PRO A 26 -6.22 -15.11 1.28
C PRO A 26 -4.76 -14.83 0.93
N CYS A 27 -4.13 -13.94 1.64
CA CYS A 27 -2.70 -13.62 1.33
C CYS A 27 -1.84 -14.02 2.53
N ILE A 28 -0.78 -14.74 2.30
CA ILE A 28 0.11 -15.14 3.43
C ILE A 28 1.39 -14.32 3.36
N ILE A 29 1.52 -13.32 4.18
CA ILE A 29 2.75 -12.48 4.15
C ILE A 29 3.79 -13.10 5.07
N HIS A 30 4.91 -13.50 4.53
CA HIS A 30 5.98 -14.11 5.38
C HIS A 30 6.89 -13.00 5.90
N ARG A 31 6.73 -12.62 7.13
CA ARG A 31 7.59 -11.54 7.69
C ARG A 31 9.03 -11.74 7.27
N GLY A 32 9.72 -10.68 6.92
CA GLY A 32 11.14 -10.82 6.50
C GLY A 32 11.25 -10.86 4.97
N LYS A 33 10.15 -11.07 4.29
CA LYS A 33 10.19 -11.12 2.81
C LYS A 33 9.65 -9.82 2.22
N PRO A 34 10.16 -9.48 1.06
CA PRO A 34 9.76 -8.26 0.35
C PRO A 34 8.43 -8.45 -0.39
N PHE A 35 7.41 -7.75 0.04
CA PHE A 35 6.08 -7.86 -0.64
C PHE A 35 5.96 -6.66 -1.58
N THR A 36 5.76 -6.88 -2.85
CA THR A 36 5.67 -5.73 -3.79
C THR A 36 4.21 -5.44 -4.16
N LEU A 37 3.86 -4.19 -4.22
CA LEU A 37 2.47 -3.82 -4.61
C LEU A 37 2.51 -2.58 -5.52
N GLU A 38 1.88 -2.64 -6.66
CA GLU A 38 1.89 -1.47 -7.57
C GLU A 38 0.51 -0.79 -7.49
N ALA A 39 0.45 0.48 -7.21
CA ALA A 39 -0.87 1.14 -7.10
C ALA A 39 -0.95 2.33 -8.04
N LEU A 40 -1.92 2.32 -8.91
CA LEU A 40 -2.10 3.48 -9.83
C LEU A 40 -3.02 4.46 -9.12
N PHE A 41 -2.81 5.72 -9.26
CA PHE A 41 -3.71 6.68 -8.57
C PHE A 41 -3.64 8.04 -9.23
N ASP A 42 -4.75 8.69 -9.38
CA ASP A 42 -4.75 10.03 -10.01
C ASP A 42 -4.44 11.07 -8.95
N ALA A 43 -3.31 11.70 -9.06
CA ALA A 43 -2.93 12.73 -8.06
C ALA A 43 -4.12 13.63 -7.79
N ASN A 44 -4.66 13.57 -6.60
CA ASN A 44 -5.83 14.43 -6.28
C ASN A 44 -5.37 15.84 -5.93
N GLN A 45 -4.11 16.13 -6.11
CA GLN A 45 -3.59 17.48 -5.80
C GLN A 45 -2.17 17.64 -6.31
N ASN A 46 -1.69 18.85 -6.41
CA ASN A 46 -0.30 19.07 -6.90
C ASN A 46 0.65 19.12 -5.70
N THR A 47 1.63 18.25 -5.67
CA THR A 47 2.59 18.26 -4.52
C THR A 47 4.00 17.96 -5.03
N LYS A 48 4.99 18.38 -4.29
CA LYS A 48 6.40 18.14 -4.72
C LYS A 48 6.93 16.89 -4.04
N THR A 49 6.24 16.42 -3.04
CA THR A 49 6.70 15.19 -2.35
C THR A 49 5.51 14.34 -1.97
N ALA A 50 5.64 13.07 -2.16
CA ALA A 50 4.54 12.13 -1.81
C ALA A 50 5.10 11.02 -0.96
N LYS A 51 4.30 10.42 -0.13
CA LYS A 51 4.82 9.34 0.74
C LYS A 51 3.87 8.14 0.73
N ILE A 52 4.41 6.96 0.70
CA ILE A 52 3.52 5.77 0.73
C ILE A 52 3.40 5.33 2.20
N GLU A 53 2.29 4.77 2.56
CA GLU A 53 2.12 4.34 3.97
C GLU A 53 1.46 2.96 4.02
N ILE A 54 2.15 1.98 4.51
CA ILE A 54 1.54 0.63 4.59
C ILE A 54 1.38 0.24 6.06
N LYS A 55 0.17 0.04 6.49
CA LYS A 55 -0.04 -0.34 7.92
C LYS A 55 -0.72 -1.71 7.99
N ALA A 56 -0.21 -2.59 8.78
CA ALA A 56 -0.82 -3.94 8.88
C ALA A 56 -1.55 -4.10 10.21
N SER A 57 -2.76 -4.62 10.17
CA SER A 57 -3.54 -4.82 11.42
C SER A 57 -3.40 -6.27 11.87
N LEU A 58 -3.50 -6.53 13.14
CA LEU A 58 -3.37 -7.94 13.62
C LEU A 58 -4.73 -8.45 14.11
N ASP A 59 -5.76 -8.28 13.31
CA ASP A 59 -7.10 -8.76 13.73
C ASP A 59 -7.35 -8.37 15.18
N GLY A 60 -6.72 -7.33 15.65
CA GLY A 60 -6.91 -6.90 17.06
C GLY A 60 -5.92 -5.78 17.39
N LEU A 61 -4.65 -6.03 17.19
CA LEU A 61 -3.63 -4.99 17.49
C LEU A 61 -3.17 -4.35 16.18
N GLU A 62 -3.45 -3.10 15.97
CA GLU A 62 -3.03 -2.43 14.71
C GLU A 62 -1.57 -1.99 14.84
N ILE A 63 -0.78 -2.27 13.84
CA ILE A 63 0.65 -1.89 13.88
C ILE A 63 1.00 -1.08 12.65
N ASP A 64 2.15 -0.50 12.66
CA ASP A 64 2.61 0.30 11.49
C ASP A 64 3.79 -0.45 10.86
N VAL A 65 3.89 -0.46 9.57
CA VAL A 65 5.02 -1.19 8.93
C VAL A 65 6.04 -0.21 8.34
N PRO A 66 7.15 -0.11 9.02
CA PRO A 66 8.26 0.77 8.62
C PRO A 66 9.14 0.08 7.57
N GLY A 67 10.37 0.48 7.45
CA GLY A 67 11.27 -0.17 6.44
C GLY A 67 10.68 0.02 5.05
N ILE A 68 9.78 0.93 4.89
CA ILE A 68 9.18 1.16 3.54
C ILE A 68 9.77 2.44 2.93
N ASP A 69 9.17 2.93 1.88
CA ASP A 69 9.69 4.16 1.23
C ASP A 69 8.87 5.36 1.70
N THR A 70 9.46 6.21 2.50
CA THR A 70 8.71 7.41 2.97
C THR A 70 8.86 8.53 1.94
N ASN A 71 8.65 8.21 0.69
CA ASN A 71 8.77 9.22 -0.38
C ASN A 71 8.52 8.51 -1.73
N ALA A 72 7.28 8.32 -2.07
CA ALA A 72 6.94 7.59 -3.33
C ALA A 72 7.39 8.37 -4.57
N CYS A 73 7.88 9.57 -4.42
CA CYS A 73 8.33 10.32 -5.64
C CYS A 73 9.51 9.59 -6.28
N HIS A 74 10.07 8.63 -5.60
CA HIS A 74 11.22 7.88 -6.17
C HIS A 74 10.72 6.89 -7.22
N PHE A 75 9.47 6.50 -7.15
CA PHE A 75 8.93 5.54 -8.15
C PHE A 75 7.93 6.27 -9.05
N VAL A 76 7.36 7.33 -8.55
CA VAL A 76 6.38 8.11 -9.37
C VAL A 76 7.04 9.43 -9.78
N LYS A 77 6.52 10.11 -10.76
CA LYS A 77 7.17 11.38 -11.22
C LYS A 77 6.65 12.58 -10.42
N CYS A 78 7.34 12.94 -9.36
CA CYS A 78 6.91 14.14 -8.58
C CYS A 78 7.59 15.36 -9.20
N PRO A 79 6.99 16.52 -9.04
CA PRO A 79 5.74 16.72 -8.27
C PRO A 79 4.53 16.10 -8.96
N LEU A 80 3.73 15.41 -8.22
CA LEU A 80 2.50 14.81 -8.82
C LEU A 80 1.50 15.93 -9.00
N VAL A 81 1.15 16.20 -10.22
CA VAL A 81 0.20 17.32 -10.46
C VAL A 81 -1.25 16.82 -10.42
N LYS A 82 -2.10 17.57 -9.78
CA LYS A 82 -3.53 17.18 -9.67
C LYS A 82 -4.13 17.00 -11.05
N GLY A 83 -4.58 15.82 -11.34
CA GLY A 83 -5.21 15.58 -12.67
C GLY A 83 -4.40 14.54 -13.45
N GLN A 84 -3.20 14.26 -13.03
CA GLN A 84 -2.37 13.25 -13.76
C GLN A 84 -2.40 11.96 -12.96
N GLN A 85 -2.17 10.85 -13.59
CA GLN A 85 -2.17 9.58 -12.83
C GLN A 85 -0.74 9.07 -12.74
N TYR A 86 -0.41 8.38 -11.68
CA TYR A 86 0.97 7.88 -11.54
C TYR A 86 0.96 6.40 -11.16
N ASP A 87 1.96 5.69 -11.56
CA ASP A 87 2.02 4.24 -11.23
C ASP A 87 3.27 4.01 -10.37
N ILE A 88 3.08 3.61 -9.15
CA ILE A 88 4.25 3.41 -8.27
C ILE A 88 4.51 1.93 -8.04
N LYS A 89 5.67 1.48 -8.41
CA LYS A 89 6.04 0.06 -8.16
C LYS A 89 6.99 0.10 -6.97
N TYR A 90 6.50 -0.21 -5.80
CA TYR A 90 7.36 -0.11 -4.61
C TYR A 90 7.55 -1.46 -3.93
N THR A 91 8.75 -1.72 -3.47
CA THR A 91 8.99 -3.01 -2.76
C THR A 91 8.76 -2.77 -1.27
N TRP A 92 7.68 -3.28 -0.76
CA TRP A 92 7.34 -3.08 0.67
C TRP A 92 8.04 -4.15 1.51
N ASN A 93 9.19 -3.81 2.03
CA ASN A 93 9.95 -4.80 2.86
C ASN A 93 9.12 -5.18 4.09
N VAL A 94 8.61 -6.38 4.12
CA VAL A 94 7.80 -6.81 5.29
C VAL A 94 8.70 -6.83 6.53
N PRO A 95 8.16 -6.40 7.63
CA PRO A 95 8.90 -6.36 8.91
C PRO A 95 9.03 -7.77 9.48
N LYS A 96 10.16 -8.10 10.03
CA LYS A 96 10.37 -9.46 10.60
C LYS A 96 9.66 -9.56 11.96
N ILE A 97 8.95 -8.53 12.36
CA ILE A 97 8.25 -8.57 13.67
C ILE A 97 6.82 -9.07 13.47
N ALA A 98 6.28 -8.83 12.31
CA ALA A 98 4.88 -9.27 12.04
C ALA A 98 4.65 -10.65 12.66
N PRO A 99 3.77 -10.69 13.61
CA PRO A 99 3.44 -11.93 14.32
C PRO A 99 2.42 -12.73 13.52
N LYS A 100 2.57 -14.03 13.46
CA LYS A 100 1.58 -14.84 12.69
C LYS A 100 0.17 -14.45 13.13
N SER A 101 -0.40 -13.48 12.47
CA SER A 101 -1.77 -13.03 12.85
C SER A 101 -2.79 -13.73 11.96
N GLU A 102 -3.70 -14.47 12.55
CA GLU A 102 -4.72 -15.19 11.75
C GLU A 102 -5.21 -14.29 10.62
N ASN A 103 -5.55 -13.06 10.92
CA ASN A 103 -6.03 -12.14 9.85
C ASN A 103 -5.28 -10.81 9.94
N VAL A 104 -4.82 -10.30 8.84
CA VAL A 104 -4.09 -9.00 8.84
C VAL A 104 -4.70 -8.07 7.79
N VAL A 105 -4.63 -6.80 8.00
CA VAL A 105 -5.20 -5.85 7.00
C VAL A 105 -4.12 -4.83 6.64
N VAL A 106 -3.75 -4.78 5.40
CA VAL A 106 -2.68 -3.82 5.00
C VAL A 106 -3.33 -2.56 4.44
N THR A 107 -2.79 -1.42 4.78
CA THR A 107 -3.38 -0.13 4.29
C THR A 107 -2.34 0.63 3.48
N VAL A 108 -2.57 0.83 2.22
CA VAL A 108 -1.59 1.60 1.41
C VAL A 108 -2.08 3.05 1.36
N LYS A 109 -1.26 4.00 1.70
CA LYS A 109 -1.73 5.39 1.69
C LYS A 109 -0.67 6.32 1.10
N LEU A 110 -1.07 7.14 0.17
CA LEU A 110 -0.10 8.09 -0.44
C LEU A 110 -0.40 9.47 0.14
N ILE A 111 0.61 10.22 0.47
CA ILE A 111 0.37 11.56 1.07
C ILE A 111 1.26 12.59 0.39
N GLY A 112 0.67 13.55 -0.27
CA GLY A 112 1.49 14.60 -0.93
C GLY A 112 1.73 15.74 0.04
N ASP A 113 1.41 16.95 -0.35
CA ASP A 113 1.62 18.11 0.56
C ASP A 113 0.26 18.75 0.88
N ASN A 114 -0.80 18.24 0.32
CA ASN A 114 -2.15 18.83 0.60
C ASN A 114 -3.02 17.82 1.33
N GLY A 115 -2.52 16.62 1.53
CA GLY A 115 -3.33 15.59 2.24
C GLY A 115 -2.93 14.20 1.77
N VAL A 116 -3.85 13.27 1.76
CA VAL A 116 -3.50 11.89 1.31
C VAL A 116 -3.72 11.76 -0.19
N LEU A 117 -2.67 11.65 -0.94
CA LEU A 117 -2.82 11.51 -2.41
C LEU A 117 -3.77 10.35 -2.74
N ALA A 118 -3.69 9.26 -2.03
CA ALA A 118 -4.60 8.11 -2.32
C ALA A 118 -4.74 7.24 -1.07
N CYS A 119 -5.25 6.04 -1.22
CA CYS A 119 -5.40 5.16 -0.03
C CYS A 119 -5.90 3.77 -0.48
N ALA A 120 -5.64 2.76 0.31
CA ALA A 120 -6.09 1.40 -0.06
C ALA A 120 -6.27 0.55 1.21
N ILE A 121 -7.27 -0.28 1.24
CA ILE A 121 -7.47 -1.13 2.44
C ILE A 121 -7.76 -2.57 2.00
N ALA A 122 -6.92 -3.50 2.39
CA ALA A 122 -7.15 -4.91 1.98
C ALA A 122 -7.93 -5.64 3.08
N THR A 123 -8.82 -6.51 2.71
CA THR A 123 -9.62 -7.25 3.73
C THR A 123 -9.00 -8.63 3.96
N HIS A 124 -9.38 -9.60 3.18
CA HIS A 124 -8.81 -10.97 3.36
C HIS A 124 -7.28 -10.88 3.45
N GLY A 125 -6.73 -11.25 4.58
CA GLY A 125 -5.25 -11.19 4.73
C GLY A 125 -4.84 -12.11 5.89
N LYS A 126 -3.66 -12.66 5.82
CA LYS A 126 -3.18 -13.56 6.90
C LYS A 126 -1.65 -13.50 6.94
N ILE A 127 -1.06 -13.41 8.09
CA ILE A 127 0.44 -13.35 8.14
C ILE A 127 0.99 -14.68 8.67
N ARG A 128 2.08 -15.12 8.10
CA ARG A 128 2.69 -16.41 8.55
C ARG A 128 4.18 -16.19 8.79
N ASP A 129 4.88 -17.20 9.25
CA ASP A 129 6.33 -17.05 9.49
C ASP A 129 7.11 -17.71 8.35
N ASP A 1 -1.57 -10.51 -11.25
CA ASP A 1 -2.89 -10.68 -10.57
C ASP A 1 -3.11 -9.52 -9.60
N GLN A 2 -4.29 -8.95 -9.61
CA GLN A 2 -4.58 -7.81 -8.70
C GLN A 2 -5.17 -8.33 -7.39
N VAL A 3 -5.02 -7.60 -6.32
CA VAL A 3 -5.58 -8.05 -5.02
C VAL A 3 -6.84 -7.24 -4.70
N ASP A 4 -7.82 -7.86 -4.11
CA ASP A 4 -9.07 -7.13 -3.80
C ASP A 4 -8.83 -6.15 -2.65
N VAL A 5 -9.00 -4.88 -2.91
CA VAL A 5 -8.80 -3.85 -1.85
C VAL A 5 -9.86 -2.75 -2.03
N LYS A 6 -10.21 -2.07 -0.99
CA LYS A 6 -11.22 -0.99 -1.12
C LYS A 6 -10.54 0.37 -0.92
N ASP A 7 -10.39 1.12 -1.98
CA ASP A 7 -9.73 2.44 -1.85
C ASP A 7 -10.53 3.31 -0.89
N CYS A 8 -9.86 4.00 0.01
CA CYS A 8 -10.60 4.86 0.97
C CYS A 8 -10.31 6.34 0.64
N ALA A 9 -9.41 6.58 -0.27
CA ALA A 9 -9.09 7.99 -0.62
C ALA A 9 -10.29 8.63 -1.32
N ASN A 10 -10.65 8.13 -2.47
CA ASN A 10 -11.80 8.71 -3.20
C ASN A 10 -11.80 8.17 -4.64
N ASN A 11 -11.70 6.88 -4.79
CA ASN A 11 -11.69 6.31 -6.16
C ASN A 11 -10.42 6.80 -6.86
N GLU A 12 -9.40 7.06 -6.11
CA GLU A 12 -8.12 7.55 -6.70
C GLU A 12 -7.38 6.38 -7.32
N ILE A 13 -6.84 5.50 -6.52
CA ILE A 13 -6.10 4.34 -7.08
C ILE A 13 -6.99 3.58 -8.07
N LYS A 14 -6.54 3.43 -9.28
CA LYS A 14 -7.34 2.70 -10.30
C LYS A 14 -7.43 1.23 -9.89
N LYS A 15 -6.43 0.76 -9.19
CA LYS A 15 -6.41 -0.66 -8.76
C LYS A 15 -4.99 -0.97 -8.28
N VAL A 16 -4.87 -1.64 -7.18
CA VAL A 16 -3.53 -1.98 -6.67
C VAL A 16 -3.34 -3.49 -6.76
N MET A 17 -2.37 -3.93 -7.51
CA MET A 17 -2.14 -5.39 -7.67
C MET A 17 -0.88 -5.83 -6.93
N VAL A 18 -0.80 -7.09 -6.59
CA VAL A 18 0.41 -7.60 -5.88
C VAL A 18 0.97 -8.77 -6.69
N ASP A 19 2.27 -8.88 -6.78
CA ASP A 19 2.86 -10.01 -7.56
C ASP A 19 2.95 -11.25 -6.67
N GLY A 20 1.88 -11.99 -6.54
CA GLY A 20 1.93 -13.21 -5.68
C GLY A 20 0.50 -13.59 -5.24
N CYS A 21 -0.07 -12.84 -4.34
CA CYS A 21 -1.45 -13.16 -3.85
C CYS A 21 -2.40 -13.32 -5.04
N HIS A 22 -3.55 -13.89 -4.79
CA HIS A 22 -4.54 -14.09 -5.90
C HIS A 22 -5.69 -13.10 -5.72
N GLY A 23 -5.68 -12.33 -4.66
CA GLY A 23 -6.78 -11.35 -4.43
C GLY A 23 -7.83 -11.99 -3.51
N SER A 24 -9.05 -12.07 -3.96
CA SER A 24 -10.13 -12.68 -3.11
C SER A 24 -9.57 -13.91 -2.40
N ASP A 25 -8.79 -14.70 -3.08
CA ASP A 25 -8.21 -15.91 -2.44
C ASP A 25 -7.54 -15.50 -1.12
N PRO A 26 -6.98 -16.47 -0.43
CA PRO A 26 -6.29 -16.23 0.86
C PRO A 26 -4.92 -15.59 0.62
N CYS A 27 -4.53 -14.67 1.46
CA CYS A 27 -3.21 -14.00 1.29
C CYS A 27 -2.28 -14.38 2.44
N ILE A 28 -1.17 -14.99 2.14
CA ILE A 28 -0.22 -15.37 3.22
C ILE A 28 1.04 -14.52 3.10
N ILE A 29 1.23 -13.59 3.98
CA ILE A 29 2.45 -12.74 3.89
C ILE A 29 3.54 -13.33 4.79
N HIS A 30 4.64 -13.70 4.21
CA HIS A 30 5.75 -14.27 5.03
C HIS A 30 6.67 -13.12 5.45
N ARG A 31 6.75 -12.84 6.72
CA ARG A 31 7.63 -11.70 7.15
C ARG A 31 9.06 -11.94 6.67
N GLY A 32 9.84 -10.90 6.58
CA GLY A 32 11.25 -11.05 6.11
C GLY A 32 11.29 -10.96 4.59
N LYS A 33 10.17 -11.17 3.93
CA LYS A 33 10.16 -11.10 2.44
C LYS A 33 9.60 -9.76 1.99
N PRO A 34 10.03 -9.35 0.83
CA PRO A 34 9.59 -8.09 0.21
C PRO A 34 8.23 -8.25 -0.48
N PHE A 35 7.25 -7.51 -0.06
CA PHE A 35 5.90 -7.60 -0.70
C PHE A 35 5.80 -6.49 -1.74
N THR A 36 5.58 -6.84 -2.97
CA THR A 36 5.50 -5.79 -4.02
C THR A 36 4.05 -5.48 -4.36
N LEU A 37 3.73 -4.22 -4.46
CA LEU A 37 2.34 -3.82 -4.80
C LEU A 37 2.42 -2.56 -5.66
N GLU A 38 1.84 -2.59 -6.83
CA GLU A 38 1.88 -1.38 -7.70
C GLU A 38 0.52 -0.71 -7.62
N ALA A 39 0.50 0.58 -7.46
CA ALA A 39 -0.81 1.28 -7.36
C ALA A 39 -0.84 2.47 -8.31
N LEU A 40 -1.76 2.46 -9.23
CA LEU A 40 -1.90 3.62 -10.14
C LEU A 40 -2.87 4.55 -9.45
N PHE A 41 -2.68 5.84 -9.50
CA PHE A 41 -3.63 6.73 -8.79
C PHE A 41 -3.61 8.11 -9.41
N ASP A 42 -4.75 8.70 -9.59
CA ASP A 42 -4.77 10.06 -10.18
C ASP A 42 -4.51 11.08 -9.08
N ALA A 43 -3.38 11.73 -9.15
CA ALA A 43 -3.03 12.73 -8.12
C ALA A 43 -4.24 13.60 -7.81
N ASN A 44 -4.74 13.54 -6.62
CA ASN A 44 -5.91 14.39 -6.26
C ASN A 44 -5.44 15.80 -5.95
N GLN A 45 -4.17 16.07 -6.13
CA GLN A 45 -3.64 17.42 -5.86
C GLN A 45 -2.22 17.53 -6.41
N ASN A 46 -1.67 18.72 -6.42
CA ASN A 46 -0.28 18.88 -6.93
C ASN A 46 0.68 18.99 -5.74
N THR A 47 1.63 18.11 -5.65
CA THR A 47 2.58 18.16 -4.51
C THR A 47 4.00 17.90 -5.01
N LYS A 48 4.97 18.53 -4.40
CA LYS A 48 6.39 18.33 -4.83
C LYS A 48 6.97 17.12 -4.12
N THR A 49 6.30 16.63 -3.12
CA THR A 49 6.81 15.44 -2.40
C THR A 49 5.64 14.54 -2.02
N ALA A 50 5.87 13.26 -1.95
CA ALA A 50 4.77 12.32 -1.60
C ALA A 50 5.33 11.18 -0.77
N LYS A 51 4.50 10.53 0.00
CA LYS A 51 5.01 9.41 0.83
C LYS A 51 4.04 8.23 0.79
N ILE A 52 4.54 7.03 0.73
CA ILE A 52 3.62 5.87 0.73
C ILE A 52 3.48 5.42 2.19
N GLU A 53 2.38 4.81 2.54
CA GLU A 53 2.19 4.39 3.95
C GLU A 53 1.54 3.01 4.01
N ILE A 54 2.21 2.05 4.54
CA ILE A 54 1.61 0.69 4.63
C ILE A 54 1.50 0.28 6.10
N LYS A 55 0.31 0.09 6.59
CA LYS A 55 0.16 -0.33 8.00
C LYS A 55 -0.48 -1.71 8.04
N ALA A 56 -0.30 -2.45 9.09
CA ALA A 56 -0.90 -3.81 9.14
C ALA A 56 -1.59 -4.04 10.48
N SER A 57 -2.85 -4.38 10.45
CA SER A 57 -3.59 -4.63 11.73
C SER A 57 -3.55 -6.13 12.03
N LEU A 58 -3.56 -6.50 13.28
CA LEU A 58 -3.51 -7.95 13.64
C LEU A 58 -4.89 -8.41 14.12
N ASP A 59 -5.92 -8.03 13.43
CA ASP A 59 -7.29 -8.45 13.84
C ASP A 59 -7.54 -7.99 15.28
N GLY A 60 -6.76 -7.06 15.77
CA GLY A 60 -6.96 -6.59 17.17
C GLY A 60 -5.96 -5.46 17.48
N LEU A 61 -4.71 -5.64 17.13
CA LEU A 61 -3.70 -4.59 17.41
C LEU A 61 -3.27 -3.93 16.10
N GLU A 62 -3.61 -2.67 15.91
CA GLU A 62 -3.20 -1.99 14.65
C GLU A 62 -1.72 -1.62 14.73
N ILE A 63 -0.95 -2.03 13.76
CA ILE A 63 0.50 -1.74 13.79
C ILE A 63 0.86 -0.88 12.60
N ASP A 64 2.04 -0.34 12.63
CA ASP A 64 2.55 0.46 11.49
C ASP A 64 3.70 -0.33 10.91
N VAL A 65 3.79 -0.43 9.62
CA VAL A 65 4.87 -1.24 9.02
C VAL A 65 6.01 -0.36 8.51
N PRO A 66 7.13 -0.42 9.20
CA PRO A 66 8.33 0.35 8.86
C PRO A 66 9.10 -0.37 7.74
N GLY A 67 10.34 -0.02 7.54
CA GLY A 67 11.14 -0.70 6.48
C GLY A 67 10.45 -0.53 5.12
N ILE A 68 10.10 0.67 4.77
CA ILE A 68 9.43 0.90 3.46
C ILE A 68 9.97 2.18 2.84
N ASP A 69 9.22 2.79 1.96
CA ASP A 69 9.70 4.03 1.31
C ASP A 69 8.88 5.22 1.81
N THR A 70 9.45 6.04 2.64
CA THR A 70 8.71 7.23 3.14
C THR A 70 8.90 8.38 2.14
N ASN A 71 8.71 8.09 0.89
CA ASN A 71 8.87 9.12 -0.18
C ASN A 71 8.60 8.44 -1.52
N ALA A 72 7.35 8.24 -1.85
CA ALA A 72 7.00 7.54 -3.11
C ALA A 72 7.49 8.30 -4.35
N CYS A 73 8.06 9.46 -4.19
CA CYS A 73 8.56 10.21 -5.38
C CYS A 73 9.69 9.42 -6.05
N HIS A 74 10.17 8.40 -5.41
CA HIS A 74 11.27 7.59 -6.01
C HIS A 74 10.70 6.63 -7.05
N PHE A 75 9.43 6.35 -6.96
CA PHE A 75 8.81 5.42 -7.93
C PHE A 75 7.82 6.19 -8.82
N VAL A 76 7.38 7.33 -8.36
CA VAL A 76 6.43 8.15 -9.15
C VAL A 76 7.14 9.44 -9.58
N LYS A 77 6.58 10.15 -10.51
CA LYS A 77 7.25 11.40 -10.99
C LYS A 77 6.78 12.62 -10.21
N CYS A 78 7.51 13.00 -9.19
CA CYS A 78 7.11 14.22 -8.41
C CYS A 78 7.71 15.44 -9.13
N PRO A 79 7.04 16.56 -9.03
CA PRO A 79 5.79 16.73 -8.27
C PRO A 79 4.60 16.02 -8.91
N LEU A 80 3.82 15.34 -8.12
CA LEU A 80 2.62 14.69 -8.69
C LEU A 80 1.66 15.83 -9.01
N VAL A 81 0.87 15.72 -10.03
CA VAL A 81 -0.01 16.87 -10.36
C VAL A 81 -1.49 16.47 -10.24
N LYS A 82 -2.28 17.38 -9.75
CA LYS A 82 -3.73 17.12 -9.59
C LYS A 82 -4.37 16.94 -10.95
N GLY A 83 -4.70 15.72 -11.28
CA GLY A 83 -5.35 15.47 -12.58
C GLY A 83 -4.52 14.46 -13.39
N GLN A 84 -3.28 14.28 -13.05
CA GLN A 84 -2.42 13.31 -13.80
C GLN A 84 -2.45 12.00 -13.03
N GLN A 85 -2.14 10.92 -13.66
CA GLN A 85 -2.14 9.63 -12.93
C GLN A 85 -0.69 9.17 -12.79
N TYR A 86 -0.39 8.49 -11.73
CA TYR A 86 1.00 8.03 -11.52
C TYR A 86 1.01 6.53 -11.22
N ASP A 87 2.06 5.85 -11.62
CA ASP A 87 2.13 4.39 -11.36
C ASP A 87 3.35 4.12 -10.48
N ILE A 88 3.13 3.68 -9.29
CA ILE A 88 4.28 3.40 -8.38
C ILE A 88 4.48 1.91 -8.18
N LYS A 89 5.61 1.43 -8.56
CA LYS A 89 5.94 -0.01 -8.33
C LYS A 89 6.82 -0.01 -7.10
N TYR A 90 6.32 -0.45 -5.99
CA TYR A 90 7.14 -0.36 -4.75
C TYR A 90 7.34 -1.71 -4.06
N THR A 91 8.51 -1.92 -3.53
CA THR A 91 8.80 -3.16 -2.78
C THR A 91 8.49 -2.86 -1.31
N TRP A 92 7.99 -3.80 -0.59
CA TRP A 92 7.61 -3.53 0.83
C TRP A 92 8.33 -4.50 1.75
N ASN A 93 9.56 -4.21 2.10
CA ASN A 93 10.32 -5.11 2.98
C ASN A 93 9.61 -5.23 4.33
N VAL A 94 8.98 -6.35 4.57
CA VAL A 94 8.27 -6.54 5.86
C VAL A 94 9.28 -6.33 7.00
N PRO A 95 8.81 -5.77 8.09
CA PRO A 95 9.68 -5.49 9.25
C PRO A 95 10.21 -6.79 9.89
N LYS A 96 9.74 -7.92 9.46
CA LYS A 96 10.22 -9.21 10.04
C LYS A 96 9.58 -9.43 11.42
N ILE A 97 8.93 -8.43 11.95
CA ILE A 97 8.28 -8.59 13.27
C ILE A 97 6.86 -9.05 13.04
N ALA A 98 6.30 -8.68 11.92
CA ALA A 98 4.91 -9.10 11.61
C ALA A 98 4.71 -10.52 12.12
N PRO A 99 3.86 -10.65 13.10
CA PRO A 99 3.59 -11.94 13.75
C PRO A 99 2.66 -12.78 12.89
N LYS A 100 2.35 -13.98 13.32
CA LYS A 100 1.43 -14.84 12.54
C LYS A 100 0.01 -14.41 12.89
N SER A 101 -0.38 -13.24 12.48
CA SER A 101 -1.74 -12.73 12.80
C SER A 101 -2.78 -13.52 11.99
N GLU A 102 -3.67 -14.19 12.66
CA GLU A 102 -4.72 -14.97 11.94
C GLU A 102 -5.22 -14.13 10.76
N ASN A 103 -5.51 -12.88 11.01
CA ASN A 103 -5.99 -11.99 9.92
C ASN A 103 -5.19 -10.68 9.96
N VAL A 104 -4.86 -10.15 8.81
CA VAL A 104 -4.08 -8.89 8.79
C VAL A 104 -4.75 -7.91 7.82
N VAL A 105 -4.73 -6.65 8.15
CA VAL A 105 -5.34 -5.65 7.23
C VAL A 105 -4.24 -4.68 6.82
N VAL A 106 -3.93 -4.62 5.56
CA VAL A 106 -2.83 -3.71 5.14
C VAL A 106 -3.42 -2.43 4.54
N THR A 107 -2.88 -1.30 4.90
CA THR A 107 -3.40 -0.03 4.35
C THR A 107 -2.33 0.67 3.52
N VAL A 108 -2.55 0.83 2.26
CA VAL A 108 -1.54 1.54 1.43
C VAL A 108 -1.97 3.00 1.37
N LYS A 109 -1.07 3.92 1.61
CA LYS A 109 -1.52 5.34 1.60
C LYS A 109 -0.49 6.26 0.97
N LEU A 110 -0.91 7.07 0.05
CA LEU A 110 0.02 8.05 -0.56
C LEU A 110 -0.28 9.41 0.06
N ILE A 111 0.72 10.17 0.40
CA ILE A 111 0.44 11.48 1.04
C ILE A 111 1.29 12.56 0.40
N GLY A 112 0.66 13.53 -0.23
CA GLY A 112 1.44 14.63 -0.87
C GLY A 112 1.68 15.72 0.18
N ASP A 113 1.50 16.96 -0.19
CA ASP A 113 1.72 18.06 0.77
C ASP A 113 0.37 18.67 1.17
N ASN A 114 -0.70 18.21 0.58
CA ASN A 114 -2.04 18.77 0.91
C ASN A 114 -2.88 17.72 1.63
N GLY A 115 -2.42 16.49 1.71
CA GLY A 115 -3.23 15.45 2.41
C GLY A 115 -2.83 14.06 1.91
N VAL A 116 -3.78 13.15 1.88
CA VAL A 116 -3.48 11.78 1.42
C VAL A 116 -3.73 11.65 -0.09
N LEU A 117 -2.68 11.56 -0.85
CA LEU A 117 -2.84 11.44 -2.33
C LEU A 117 -3.72 10.24 -2.68
N ALA A 118 -3.53 9.12 -2.03
CA ALA A 118 -4.36 7.92 -2.36
C ALA A 118 -4.53 7.08 -1.10
N CYS A 119 -5.18 5.96 -1.21
CA CYS A 119 -5.38 5.12 0.01
C CYS A 119 -5.96 3.75 -0.40
N ALA A 120 -5.65 2.72 0.35
CA ALA A 120 -6.19 1.37 0.02
C ALA A 120 -6.34 0.55 1.31
N ILE A 121 -7.33 -0.31 1.36
CA ILE A 121 -7.52 -1.15 2.58
C ILE A 121 -7.75 -2.60 2.15
N ALA A 122 -6.86 -3.49 2.50
CA ALA A 122 -7.05 -4.92 2.11
C ALA A 122 -7.82 -5.64 3.20
N THR A 123 -8.69 -6.55 2.82
CA THR A 123 -9.48 -7.29 3.84
C THR A 123 -8.90 -8.70 4.01
N HIS A 124 -9.34 -9.63 3.22
CA HIS A 124 -8.81 -11.02 3.34
C HIS A 124 -7.29 -10.97 3.46
N GLY A 125 -6.75 -11.40 4.57
CA GLY A 125 -5.27 -11.35 4.73
C GLY A 125 -4.86 -12.21 5.94
N LYS A 126 -3.74 -12.86 5.85
CA LYS A 126 -3.25 -13.69 6.98
C LYS A 126 -1.71 -13.70 6.93
N ILE A 127 -1.06 -13.54 8.05
CA ILE A 127 0.43 -13.54 8.01
C ILE A 127 0.98 -14.84 8.59
N ARG A 128 2.05 -15.34 8.02
CA ARG A 128 2.66 -16.60 8.54
C ARG A 128 4.16 -16.36 8.75
N ASP A 129 4.86 -17.35 9.25
CA ASP A 129 6.32 -17.17 9.47
C ASP A 129 7.10 -17.70 8.26
N ASP A 1 -0.83 -10.72 -10.23
CA ASP A 1 -2.26 -10.99 -9.91
C ASP A 1 -2.85 -9.80 -9.13
N GLN A 2 -4.04 -9.40 -9.45
CA GLN A 2 -4.67 -8.26 -8.71
C GLN A 2 -5.29 -8.77 -7.41
N VAL A 3 -5.20 -7.99 -6.36
CA VAL A 3 -5.78 -8.43 -5.07
C VAL A 3 -7.06 -7.64 -4.81
N ASP A 4 -7.85 -8.08 -3.88
CA ASP A 4 -9.13 -7.36 -3.57
C ASP A 4 -8.88 -6.30 -2.48
N VAL A 5 -9.18 -5.07 -2.77
CA VAL A 5 -8.98 -3.99 -1.77
C VAL A 5 -10.05 -2.91 -1.98
N LYS A 6 -10.34 -2.14 -0.96
CA LYS A 6 -11.36 -1.08 -1.10
C LYS A 6 -10.72 0.28 -0.80
N ASP A 7 -10.47 1.06 -1.82
CA ASP A 7 -9.83 2.38 -1.60
C ASP A 7 -10.66 3.19 -0.59
N CYS A 8 -10.00 3.92 0.28
CA CYS A 8 -10.73 4.74 1.27
C CYS A 8 -10.49 6.21 0.96
N ALA A 9 -9.55 6.50 0.10
CA ALA A 9 -9.27 7.92 -0.26
C ALA A 9 -10.50 8.55 -0.87
N ASN A 10 -10.74 8.26 -2.12
CA ASN A 10 -11.90 8.86 -2.82
C ASN A 10 -11.91 8.32 -4.26
N ASN A 11 -11.57 7.08 -4.44
CA ASN A 11 -11.55 6.52 -5.81
C ASN A 11 -10.30 7.03 -6.53
N GLU A 12 -9.25 7.29 -5.78
CA GLU A 12 -8.00 7.81 -6.39
C GLU A 12 -7.24 6.68 -7.09
N ILE A 13 -6.82 5.68 -6.35
CA ILE A 13 -6.07 4.56 -6.99
C ILE A 13 -6.95 3.87 -8.02
N LYS A 14 -6.54 3.82 -9.26
CA LYS A 14 -7.35 3.13 -10.29
C LYS A 14 -7.36 1.64 -9.98
N LYS A 15 -6.31 1.16 -9.37
CA LYS A 15 -6.23 -0.28 -9.02
C LYS A 15 -4.78 -0.65 -8.69
N VAL A 16 -4.55 -1.32 -7.60
CA VAL A 16 -3.15 -1.70 -7.24
C VAL A 16 -3.09 -3.23 -7.13
N MET A 17 -2.18 -3.85 -7.84
CA MET A 17 -2.08 -5.33 -7.82
C MET A 17 -0.81 -5.78 -7.08
N VAL A 18 -0.79 -7.00 -6.62
CA VAL A 18 0.41 -7.52 -5.90
C VAL A 18 0.93 -8.75 -6.65
N ASP A 19 2.21 -8.97 -6.63
CA ASP A 19 2.77 -10.15 -7.34
C ASP A 19 3.07 -11.26 -6.32
N GLY A 20 2.07 -11.71 -5.59
CA GLY A 20 2.32 -12.78 -4.59
C GLY A 20 1.02 -13.21 -3.91
N CYS A 21 -0.11 -13.07 -4.58
CA CYS A 21 -1.39 -13.49 -3.95
C CYS A 21 -2.29 -14.16 -4.99
N HIS A 22 -3.55 -14.36 -4.68
CA HIS A 22 -4.46 -15.03 -5.65
C HIS A 22 -5.73 -14.19 -5.85
N GLY A 23 -5.91 -13.18 -5.04
CA GLY A 23 -7.13 -12.33 -5.19
C GLY A 23 -8.09 -12.60 -4.03
N SER A 24 -9.35 -12.79 -4.33
CA SER A 24 -10.34 -13.06 -3.25
C SER A 24 -9.74 -14.03 -2.23
N ASP A 25 -9.01 -15.01 -2.68
CA ASP A 25 -8.40 -15.97 -1.74
C ASP A 25 -7.64 -15.20 -0.66
N PRO A 26 -7.22 -15.91 0.34
CA PRO A 26 -6.47 -15.31 1.47
C PRO A 26 -5.04 -15.00 1.05
N CYS A 27 -4.42 -14.04 1.68
CA CYS A 27 -3.02 -13.67 1.31
C CYS A 27 -2.09 -14.03 2.46
N ILE A 28 -0.95 -14.61 2.17
CA ILE A 28 -0.01 -14.97 3.25
C ILE A 28 1.23 -14.09 3.14
N ILE A 29 1.38 -13.16 4.03
CA ILE A 29 2.57 -12.28 3.98
C ILE A 29 3.71 -12.91 4.78
N HIS A 30 4.81 -13.16 4.14
CA HIS A 30 5.96 -13.80 4.86
C HIS A 30 6.78 -12.73 5.59
N ARG A 31 7.12 -12.98 6.82
CA ARG A 31 7.92 -11.99 7.59
C ARG A 31 9.24 -11.69 6.88
N GLY A 32 9.64 -10.44 6.88
CA GLY A 32 10.93 -10.06 6.23
C GLY A 32 10.87 -10.24 4.71
N LYS A 33 9.75 -10.65 4.18
CA LYS A 33 9.66 -10.84 2.70
C LYS A 33 9.23 -9.53 2.04
N PRO A 34 9.68 -9.34 0.82
CA PRO A 34 9.38 -8.13 0.03
C PRO A 34 7.99 -8.25 -0.62
N PHE A 35 7.08 -7.42 -0.21
CA PHE A 35 5.71 -7.44 -0.81
C PHE A 35 5.67 -6.34 -1.87
N THR A 36 5.51 -6.70 -3.12
CA THR A 36 5.51 -5.65 -4.18
C THR A 36 4.11 -5.44 -4.74
N LEU A 37 3.67 -4.22 -4.80
CA LEU A 37 2.33 -3.92 -5.35
C LEU A 37 2.39 -2.60 -6.12
N GLU A 38 1.97 -2.60 -7.35
CA GLU A 38 1.99 -1.34 -8.14
C GLU A 38 0.63 -0.69 -8.02
N ALA A 39 0.58 0.60 -7.78
CA ALA A 39 -0.74 1.25 -7.64
C ALA A 39 -0.82 2.49 -8.52
N LEU A 40 -1.83 2.56 -9.35
CA LEU A 40 -1.99 3.76 -10.21
C LEU A 40 -2.93 4.70 -9.47
N PHE A 41 -2.74 5.97 -9.57
CA PHE A 41 -3.66 6.88 -8.84
C PHE A 41 -3.55 8.28 -9.43
N ASP A 42 -4.65 8.96 -9.57
CA ASP A 42 -4.59 10.33 -10.14
C ASP A 42 -4.33 11.33 -9.03
N ALA A 43 -3.19 11.96 -9.08
CA ALA A 43 -2.83 12.95 -8.04
C ALA A 43 -4.02 13.89 -7.82
N ASN A 44 -4.64 13.83 -6.66
CA ASN A 44 -5.80 14.72 -6.39
C ASN A 44 -5.30 16.09 -5.93
N GLN A 45 -4.02 16.33 -6.06
CA GLN A 45 -3.45 17.63 -5.65
C GLN A 45 -2.02 17.75 -6.18
N ASN A 46 -1.60 18.93 -6.52
CA ASN A 46 -0.21 19.08 -7.05
C ASN A 46 0.77 19.20 -5.86
N THR A 47 1.62 18.23 -5.71
CA THR A 47 2.59 18.25 -4.58
C THR A 47 4.00 17.96 -5.09
N LYS A 48 5.01 18.41 -4.39
CA LYS A 48 6.41 18.17 -4.83
C LYS A 48 6.95 16.89 -4.19
N THR A 49 6.23 16.35 -3.25
CA THR A 49 6.72 15.11 -2.59
C THR A 49 5.54 14.24 -2.18
N ALA A 50 5.66 12.97 -2.37
CA ALA A 50 4.56 12.06 -2.00
C ALA A 50 5.10 10.94 -1.12
N LYS A 51 4.29 10.36 -0.29
CA LYS A 51 4.80 9.28 0.60
C LYS A 51 3.86 8.09 0.60
N ILE A 52 4.38 6.89 0.52
CA ILE A 52 3.48 5.71 0.56
C ILE A 52 3.32 5.31 2.01
N GLU A 53 2.23 4.71 2.37
CA GLU A 53 2.04 4.33 3.79
C GLU A 53 1.42 2.94 3.90
N ILE A 54 2.11 2.00 4.47
CA ILE A 54 1.51 0.66 4.59
C ILE A 54 1.38 0.29 6.07
N LYS A 55 0.18 0.19 6.56
CA LYS A 55 -0.02 -0.18 7.98
C LYS A 55 -0.63 -1.57 8.04
N ALA A 56 -0.41 -2.29 9.08
CA ALA A 56 -1.00 -3.66 9.12
C ALA A 56 -1.88 -3.84 10.35
N SER A 57 -2.81 -4.75 10.28
CA SER A 57 -3.72 -4.99 11.43
C SER A 57 -3.50 -6.42 11.93
N LEU A 58 -3.70 -6.66 13.20
CA LEU A 58 -3.51 -8.04 13.72
C LEU A 58 -4.85 -8.60 14.22
N ASP A 59 -5.90 -8.40 13.48
CA ASP A 59 -7.23 -8.89 13.93
C ASP A 59 -7.47 -8.42 15.36
N GLY A 60 -6.80 -7.37 15.77
CA GLY A 60 -6.99 -6.85 17.15
C GLY A 60 -5.95 -5.75 17.41
N LEU A 61 -4.70 -6.05 17.20
CA LEU A 61 -3.64 -5.04 17.42
C LEU A 61 -3.19 -4.49 16.06
N GLU A 62 -3.40 -3.23 15.81
CA GLU A 62 -2.97 -2.67 14.50
C GLU A 62 -1.55 -2.10 14.62
N ILE A 63 -0.64 -2.62 13.84
CA ILE A 63 0.76 -2.14 13.90
C ILE A 63 1.06 -1.24 12.70
N ASP A 64 2.18 -0.60 12.75
CA ASP A 64 2.63 0.27 11.63
C ASP A 64 3.81 -0.44 10.97
N VAL A 65 3.88 -0.45 9.67
CA VAL A 65 5.00 -1.19 9.02
C VAL A 65 6.04 -0.22 8.45
N PRO A 66 7.18 -0.16 9.10
CA PRO A 66 8.30 0.68 8.68
C PRO A 66 9.12 -0.04 7.60
N GLY A 67 10.36 0.33 7.44
CA GLY A 67 11.21 -0.33 6.41
C GLY A 67 10.57 -0.23 5.03
N ILE A 68 10.11 0.93 4.67
CA ILE A 68 9.49 1.09 3.33
C ILE A 68 9.99 2.39 2.69
N ASP A 69 9.24 2.94 1.77
CA ASP A 69 9.68 4.22 1.12
C ASP A 69 8.81 5.37 1.61
N THR A 70 9.34 6.20 2.46
CA THR A 70 8.55 7.35 2.96
C THR A 70 8.72 8.52 1.98
N ASN A 71 8.56 8.23 0.72
CA ASN A 71 8.71 9.29 -0.33
C ASN A 71 8.51 8.62 -1.69
N ALA A 72 7.29 8.33 -2.05
CA ALA A 72 7.01 7.64 -3.34
C ALA A 72 7.48 8.45 -4.55
N CYS A 73 7.93 9.66 -4.37
CA CYS A 73 8.40 10.45 -5.55
C CYS A 73 9.60 9.74 -6.18
N HIS A 74 10.18 8.80 -5.50
CA HIS A 74 11.36 8.07 -6.05
C HIS A 74 10.91 7.09 -7.14
N PHE A 75 9.67 6.68 -7.11
CA PHE A 75 9.17 5.72 -8.14
C PHE A 75 8.22 6.45 -9.07
N VAL A 76 7.53 7.43 -8.55
CA VAL A 76 6.59 8.22 -9.38
C VAL A 76 7.29 9.52 -9.78
N LYS A 77 6.75 10.22 -10.74
CA LYS A 77 7.42 11.47 -11.20
C LYS A 77 6.91 12.70 -10.43
N CYS A 78 7.55 13.04 -9.35
CA CYS A 78 7.12 14.25 -8.59
C CYS A 78 7.87 15.46 -9.16
N PRO A 79 7.30 16.63 -9.06
CA PRO A 79 6.03 16.88 -8.35
C PRO A 79 4.83 16.27 -9.07
N LEU A 80 4.02 15.55 -8.36
CA LEU A 80 2.82 14.96 -8.96
C LEU A 80 1.83 16.09 -9.16
N VAL A 81 1.50 16.38 -10.37
CA VAL A 81 0.56 17.50 -10.61
C VAL A 81 -0.88 17.03 -10.45
N LYS A 82 -1.71 17.84 -9.88
CA LYS A 82 -3.13 17.46 -9.66
C LYS A 82 -3.83 17.30 -11.00
N GLY A 83 -4.28 16.11 -11.28
CA GLY A 83 -5.00 15.86 -12.55
C GLY A 83 -4.20 14.85 -13.38
N GLN A 84 -2.99 14.57 -12.98
CA GLN A 84 -2.18 13.58 -13.74
C GLN A 84 -2.23 12.27 -12.98
N GLN A 85 -2.00 11.18 -13.64
CA GLN A 85 -2.03 9.89 -12.94
C GLN A 85 -0.60 9.35 -12.85
N TYR A 86 -0.30 8.61 -11.82
CA TYR A 86 1.09 8.09 -11.69
C TYR A 86 1.06 6.60 -11.38
N ASP A 87 2.06 5.90 -11.81
CA ASP A 87 2.13 4.44 -11.53
C ASP A 87 3.36 4.16 -10.69
N ILE A 88 3.19 3.74 -9.47
CA ILE A 88 4.36 3.47 -8.60
C ILE A 88 4.56 1.97 -8.37
N LYS A 89 5.73 1.50 -8.69
CA LYS A 89 6.06 0.07 -8.44
C LYS A 89 6.88 0.06 -7.16
N TYR A 90 6.31 -0.34 -6.05
CA TYR A 90 7.08 -0.28 -4.78
C TYR A 90 7.28 -1.64 -4.12
N THR A 91 8.44 -1.84 -3.56
CA THR A 91 8.73 -3.10 -2.83
C THR A 91 8.43 -2.83 -1.36
N TRP A 92 7.93 -3.80 -0.65
CA TRP A 92 7.57 -3.53 0.78
C TRP A 92 8.29 -4.49 1.72
N ASN A 93 9.46 -4.13 2.15
CA ASN A 93 10.21 -5.01 3.08
C ASN A 93 9.40 -5.17 4.37
N VAL A 94 8.82 -6.32 4.58
CA VAL A 94 8.01 -6.56 5.79
C VAL A 94 8.95 -6.72 6.99
N PRO A 95 8.51 -6.24 8.13
CA PRO A 95 9.29 -6.35 9.36
C PRO A 95 9.30 -7.81 9.84
N LYS A 96 10.44 -8.29 10.25
CA LYS A 96 10.53 -9.71 10.69
C LYS A 96 9.85 -9.92 12.04
N ILE A 97 9.20 -8.92 12.59
CA ILE A 97 8.52 -9.10 13.89
C ILE A 97 7.09 -9.57 13.65
N ALA A 98 6.56 -9.23 12.51
CA ALA A 98 5.16 -9.62 12.15
C ALA A 98 4.88 -11.02 12.72
N PRO A 99 3.93 -11.09 13.60
CA PRO A 99 3.54 -12.33 14.25
C PRO A 99 2.57 -13.09 13.34
N LYS A 100 2.31 -14.33 13.62
CA LYS A 100 1.36 -15.09 12.76
C LYS A 100 -0.05 -14.68 13.18
N SER A 101 -0.49 -13.54 12.75
CA SER A 101 -1.84 -13.06 13.13
C SER A 101 -2.87 -13.74 12.21
N GLU A 102 -3.77 -14.50 12.79
CA GLU A 102 -4.80 -15.20 11.96
C GLU A 102 -5.24 -14.31 10.80
N ASN A 103 -5.61 -13.09 11.09
CA ASN A 103 -6.04 -12.18 9.99
C ASN A 103 -5.30 -10.84 10.09
N VAL A 104 -4.88 -10.31 8.98
CA VAL A 104 -4.15 -9.01 8.99
C VAL A 104 -4.79 -8.06 7.98
N VAL A 105 -4.74 -6.78 8.24
CA VAL A 105 -5.33 -5.80 7.29
C VAL A 105 -4.24 -4.81 6.91
N VAL A 106 -3.95 -4.68 5.65
CA VAL A 106 -2.88 -3.74 5.24
C VAL A 106 -3.51 -2.47 4.64
N THR A 107 -2.90 -1.34 4.88
CA THR A 107 -3.46 -0.07 4.34
C THR A 107 -2.41 0.63 3.50
N VAL A 108 -2.63 0.75 2.23
CA VAL A 108 -1.64 1.47 1.37
C VAL A 108 -2.10 2.91 1.27
N LYS A 109 -1.26 3.87 1.55
CA LYS A 109 -1.74 5.27 1.48
C LYS A 109 -0.65 6.20 0.94
N LEU A 110 -0.98 6.95 -0.06
CA LEU A 110 -0.01 7.91 -0.63
C LEU A 110 -0.40 9.30 -0.15
N ILE A 111 0.55 10.09 0.25
CA ILE A 111 0.24 11.43 0.78
C ILE A 111 1.11 12.48 0.11
N GLY A 112 0.50 13.44 -0.52
CA GLY A 112 1.30 14.50 -1.19
C GLY A 112 1.72 15.51 -0.13
N ASP A 113 1.50 16.77 -0.39
CA ASP A 113 1.87 17.80 0.61
C ASP A 113 0.61 18.51 1.11
N ASN A 114 -0.53 18.17 0.55
CA ASN A 114 -1.79 18.83 0.99
C ASN A 114 -2.75 17.81 1.62
N GLY A 115 -2.47 16.55 1.50
CA GLY A 115 -3.38 15.53 2.10
C GLY A 115 -3.03 14.12 1.60
N VAL A 116 -3.96 13.21 1.68
CA VAL A 116 -3.68 11.82 1.22
C VAL A 116 -3.97 11.69 -0.27
N LEU A 117 -2.96 11.53 -1.08
CA LEU A 117 -3.19 11.38 -2.55
C LEU A 117 -4.17 10.23 -2.77
N ALA A 118 -4.02 9.13 -2.08
CA ALA A 118 -4.95 7.99 -2.26
C ALA A 118 -4.98 7.14 -0.99
N CYS A 119 -5.45 5.92 -1.09
CA CYS A 119 -5.50 5.05 0.12
C CYS A 119 -6.07 3.68 -0.28
N ALA A 120 -5.75 2.65 0.45
CA ALA A 120 -6.27 1.30 0.11
C ALA A 120 -6.39 0.43 1.37
N ILE A 121 -7.39 -0.39 1.46
CA ILE A 121 -7.53 -1.27 2.64
C ILE A 121 -7.83 -2.70 2.17
N ALA A 122 -6.96 -3.63 2.45
CA ALA A 122 -7.19 -5.02 1.97
C ALA A 122 -7.98 -5.82 3.01
N THR A 123 -8.81 -6.72 2.56
CA THR A 123 -9.62 -7.54 3.50
C THR A 123 -9.22 -9.01 3.36
N HIS A 124 -9.56 -9.82 4.32
CA HIS A 124 -9.20 -11.27 4.24
C HIS A 124 -7.70 -11.43 4.01
N GLY A 125 -6.91 -11.20 5.02
CA GLY A 125 -5.44 -11.35 4.88
C GLY A 125 -4.90 -12.20 6.04
N LYS A 126 -3.72 -12.74 5.90
CA LYS A 126 -3.16 -13.58 7.01
C LYS A 126 -1.63 -13.53 6.94
N ILE A 127 -0.95 -13.43 8.06
CA ILE A 127 0.54 -13.41 8.01
C ILE A 127 1.10 -14.74 8.50
N ARG A 128 2.13 -15.22 7.86
CA ARG A 128 2.73 -16.51 8.28
C ARG A 128 4.25 -16.35 8.36
N ASP A 129 4.95 -17.39 8.74
CA ASP A 129 6.43 -17.30 8.83
C ASP A 129 7.01 -16.98 7.45
N ASP A 1 -0.90 -11.23 -10.11
CA ASP A 1 -2.33 -10.86 -10.34
C ASP A 1 -2.69 -9.65 -9.49
N GLN A 2 -3.90 -9.18 -9.59
CA GLN A 2 -4.32 -8.00 -8.78
C GLN A 2 -5.02 -8.49 -7.52
N VAL A 3 -4.97 -7.71 -6.47
CA VAL A 3 -5.63 -8.12 -5.20
C VAL A 3 -6.91 -7.31 -5.03
N ASP A 4 -7.82 -7.75 -4.22
CA ASP A 4 -9.09 -6.99 -4.03
C ASP A 4 -8.96 -6.03 -2.85
N VAL A 5 -9.08 -4.76 -3.10
CA VAL A 5 -8.98 -3.75 -2.01
C VAL A 5 -9.99 -2.64 -2.29
N LYS A 6 -10.40 -1.91 -1.29
CA LYS A 6 -11.38 -0.81 -1.52
C LYS A 6 -10.73 0.54 -1.19
N ASP A 7 -10.45 1.33 -2.20
CA ASP A 7 -9.81 2.66 -1.95
C ASP A 7 -10.52 3.36 -0.77
N CYS A 8 -9.76 3.87 0.14
CA CYS A 8 -10.37 4.58 1.30
C CYS A 8 -10.12 6.08 1.19
N ALA A 9 -9.40 6.50 0.17
CA ALA A 9 -9.12 7.95 0.00
C ALA A 9 -10.38 8.65 -0.52
N ASN A 10 -10.67 8.46 -1.78
CA ASN A 10 -11.85 9.12 -2.38
C ASN A 10 -11.93 8.74 -3.86
N ASN A 11 -11.95 7.47 -4.15
CA ASN A 11 -11.98 7.05 -5.58
C ASN A 11 -10.68 7.48 -6.25
N GLU A 12 -9.58 7.29 -5.59
CA GLU A 12 -8.27 7.71 -6.17
C GLU A 12 -7.55 6.51 -6.80
N ILE A 13 -7.19 5.53 -6.01
CA ILE A 13 -6.47 4.35 -6.58
C ILE A 13 -7.34 3.65 -7.64
N LYS A 14 -6.80 3.44 -8.80
CA LYS A 14 -7.57 2.76 -9.88
C LYS A 14 -7.53 1.25 -9.67
N LYS A 15 -6.62 0.79 -8.84
CA LYS A 15 -6.49 -0.68 -8.56
C LYS A 15 -5.06 -0.95 -8.07
N VAL A 16 -4.93 -1.82 -7.13
CA VAL A 16 -3.58 -2.15 -6.60
C VAL A 16 -3.33 -3.64 -6.77
N MET A 17 -2.23 -4.01 -7.40
CA MET A 17 -1.95 -5.46 -7.60
C MET A 17 -0.74 -5.89 -6.77
N VAL A 18 -0.64 -7.15 -6.47
CA VAL A 18 0.53 -7.65 -5.68
C VAL A 18 1.07 -8.91 -6.35
N ASP A 19 2.36 -9.08 -6.35
CA ASP A 19 2.94 -10.30 -6.99
C ASP A 19 2.91 -11.47 -6.01
N GLY A 20 1.95 -12.35 -6.15
CA GLY A 20 1.87 -13.52 -5.22
C GLY A 20 0.41 -13.90 -4.99
N CYS A 21 -0.38 -12.96 -4.53
CA CYS A 21 -1.81 -13.26 -4.28
C CYS A 21 -2.48 -13.71 -5.59
N HIS A 22 -3.78 -13.78 -5.61
CA HIS A 22 -4.46 -14.21 -6.87
C HIS A 22 -5.78 -13.43 -7.03
N GLY A 23 -5.95 -12.36 -6.31
CA GLY A 23 -7.20 -11.57 -6.44
C GLY A 23 -8.34 -12.28 -5.69
N SER A 24 -9.24 -11.52 -5.11
CA SER A 24 -10.38 -12.12 -4.37
C SER A 24 -9.92 -13.36 -3.60
N ASP A 25 -8.82 -13.26 -2.90
CA ASP A 25 -8.33 -14.44 -2.13
C ASP A 25 -7.42 -13.96 -0.99
N PRO A 26 -7.07 -14.86 -0.13
CA PRO A 26 -6.20 -14.57 1.03
C PRO A 26 -4.74 -14.46 0.60
N CYS A 27 -3.99 -13.64 1.28
CA CYS A 27 -2.55 -13.47 0.92
C CYS A 27 -1.68 -13.93 2.11
N ILE A 28 -0.66 -14.71 1.86
CA ILE A 28 0.21 -15.15 2.98
C ILE A 28 1.47 -14.29 2.98
N ILE A 29 1.56 -13.36 3.88
CA ILE A 29 2.76 -12.50 3.93
C ILE A 29 3.83 -13.15 4.80
N HIS A 30 4.96 -13.44 4.24
CA HIS A 30 6.05 -14.07 5.03
C HIS A 30 6.99 -12.95 5.50
N ARG A 31 6.95 -12.61 6.77
CA ARG A 31 7.83 -11.51 7.26
C ARG A 31 9.27 -11.78 6.84
N GLY A 32 10.06 -10.75 6.72
CA GLY A 32 11.49 -10.94 6.32
C GLY A 32 11.59 -10.98 4.80
N LYS A 33 10.47 -11.07 4.12
CA LYS A 33 10.50 -11.11 2.63
C LYS A 33 9.98 -9.79 2.07
N PRO A 34 10.40 -9.48 0.88
CA PRO A 34 10.00 -8.25 0.19
C PRO A 34 8.62 -8.41 -0.45
N PHE A 35 7.67 -7.67 0.02
CA PHE A 35 6.29 -7.74 -0.54
C PHE A 35 6.15 -6.62 -1.57
N THR A 36 5.64 -6.89 -2.73
CA THR A 36 5.54 -5.80 -3.74
C THR A 36 4.08 -5.46 -4.03
N LEU A 37 3.79 -4.21 -4.19
CA LEU A 37 2.40 -3.80 -4.50
C LEU A 37 2.44 -2.57 -5.41
N GLU A 38 1.83 -2.65 -6.56
CA GLU A 38 1.81 -1.48 -7.48
C GLU A 38 0.45 -0.81 -7.34
N ALA A 39 0.41 0.46 -7.10
CA ALA A 39 -0.91 1.12 -6.95
C ALA A 39 -1.02 2.30 -7.90
N LEU A 40 -2.02 2.30 -8.73
CA LEU A 40 -2.21 3.45 -9.65
C LEU A 40 -3.11 4.44 -8.92
N PHE A 41 -2.88 5.71 -9.06
CA PHE A 41 -3.74 6.68 -8.35
C PHE A 41 -3.69 8.03 -9.04
N ASP A 42 -4.80 8.68 -9.18
CA ASP A 42 -4.80 10.00 -9.86
C ASP A 42 -4.45 11.08 -8.82
N ALA A 43 -3.29 11.66 -8.97
CA ALA A 43 -2.87 12.71 -8.01
C ALA A 43 -4.01 13.71 -7.82
N ASN A 44 -4.56 13.79 -6.65
CA ASN A 44 -5.67 14.75 -6.41
C ASN A 44 -5.08 16.07 -5.89
N GLN A 45 -3.80 16.22 -6.02
CA GLN A 45 -3.14 17.48 -5.57
C GLN A 45 -1.74 17.56 -6.17
N ASN A 46 -1.33 18.72 -6.60
CA ASN A 46 0.02 18.85 -7.20
C ASN A 46 1.06 18.98 -6.07
N THR A 47 2.03 18.11 -6.05
CA THR A 47 3.06 18.17 -4.98
C THR A 47 4.41 17.76 -5.56
N LYS A 48 5.49 18.22 -4.99
CA LYS A 48 6.84 17.85 -5.51
C LYS A 48 7.32 16.58 -4.84
N THR A 49 6.67 16.18 -3.78
CA THR A 49 7.10 14.94 -3.10
C THR A 49 5.89 14.22 -2.50
N ALA A 50 5.86 12.95 -2.66
CA ALA A 50 4.75 12.15 -2.12
C ALA A 50 5.31 11.02 -1.27
N LYS A 51 4.56 10.51 -0.34
CA LYS A 51 5.09 9.43 0.52
C LYS A 51 4.05 8.31 0.66
N ILE A 52 4.50 7.09 0.74
CA ILE A 52 3.53 5.97 0.88
C ILE A 52 3.39 5.63 2.37
N GLU A 53 2.28 5.07 2.74
CA GLU A 53 2.05 4.73 4.18
C GLU A 53 1.32 3.38 4.24
N ILE A 54 1.95 2.38 4.76
CA ILE A 54 1.27 1.06 4.84
C ILE A 54 1.05 0.71 6.31
N LYS A 55 -0.14 0.33 6.67
CA LYS A 55 -0.42 -0.03 8.08
C LYS A 55 -1.02 -1.43 8.13
N ALA A 56 -0.57 -2.26 9.01
CA ALA A 56 -1.12 -3.64 9.04
C ALA A 56 -1.70 -3.97 10.42
N SER A 57 -2.89 -4.48 10.44
CA SER A 57 -3.53 -4.86 11.73
C SER A 57 -3.31 -6.36 11.96
N LEU A 58 -3.18 -6.78 13.17
CA LEU A 58 -2.96 -8.22 13.44
C LEU A 58 -4.21 -8.83 14.08
N ASP A 59 -5.32 -8.72 13.40
CA ASP A 59 -6.59 -9.29 13.93
C ASP A 59 -6.68 -9.01 15.43
N GLY A 60 -6.08 -7.94 15.89
CA GLY A 60 -6.14 -7.62 17.34
C GLY A 60 -5.25 -6.42 17.66
N LEU A 61 -4.02 -6.46 17.22
CA LEU A 61 -3.11 -5.31 17.51
C LEU A 61 -2.85 -4.50 16.24
N GLU A 62 -3.32 -3.29 16.18
CA GLU A 62 -3.10 -2.46 14.96
C GLU A 62 -1.67 -1.89 15.00
N ILE A 63 -0.90 -2.13 13.99
CA ILE A 63 0.50 -1.63 13.98
C ILE A 63 0.71 -0.72 12.77
N ASP A 64 1.80 -0.01 12.80
CA ASP A 64 2.16 0.86 11.65
C ASP A 64 3.43 0.25 11.05
N VAL A 65 3.32 -0.34 9.90
CA VAL A 65 4.49 -1.02 9.30
C VAL A 65 5.54 -0.01 8.80
N PRO A 66 6.69 -0.04 9.44
CA PRO A 66 7.83 0.82 9.10
C PRO A 66 8.66 0.15 8.00
N GLY A 67 9.90 0.52 7.88
CA GLY A 67 10.78 -0.13 6.85
C GLY A 67 10.15 0.00 5.46
N ILE A 68 9.50 1.09 5.18
CA ILE A 68 8.90 1.26 3.82
C ILE A 68 9.51 2.51 3.16
N ASP A 69 8.82 3.07 2.21
CA ASP A 69 9.35 4.27 1.53
C ASP A 69 8.53 5.49 1.96
N THR A 70 9.09 6.35 2.77
CA THR A 70 8.34 7.56 3.21
C THR A 70 8.56 8.67 2.16
N ASN A 71 8.45 8.30 0.91
CA ASN A 71 8.64 9.27 -0.21
C ASN A 71 8.55 8.49 -1.52
N ALA A 72 7.36 8.26 -2.01
CA ALA A 72 7.18 7.44 -3.24
C ALA A 72 7.61 8.18 -4.52
N CYS A 73 8.16 9.35 -4.43
CA CYS A 73 8.58 10.04 -5.69
C CYS A 73 9.70 9.22 -6.34
N HIS A 74 10.26 8.30 -5.61
CA HIS A 74 11.36 7.46 -6.18
C HIS A 74 10.77 6.43 -7.15
N PHE A 75 9.52 6.09 -6.97
CA PHE A 75 8.88 5.08 -7.86
C PHE A 75 7.87 5.79 -8.77
N VAL A 76 7.49 6.99 -8.42
CA VAL A 76 6.52 7.74 -9.25
C VAL A 76 7.22 9.01 -9.76
N LYS A 77 6.64 9.69 -10.71
CA LYS A 77 7.31 10.92 -11.24
C LYS A 77 6.85 12.17 -10.51
N CYS A 78 7.53 12.55 -9.47
CA CYS A 78 7.14 13.80 -8.76
C CYS A 78 7.82 14.97 -9.50
N PRO A 79 7.21 16.14 -9.47
CA PRO A 79 5.97 16.42 -8.72
C PRO A 79 4.75 15.73 -9.32
N LEU A 80 3.97 15.09 -8.50
CA LEU A 80 2.74 14.46 -9.00
C LEU A 80 1.74 15.57 -9.22
N VAL A 81 1.39 15.81 -10.44
CA VAL A 81 0.44 16.93 -10.72
C VAL A 81 -0.99 16.49 -10.41
N LYS A 82 -1.78 17.40 -9.90
CA LYS A 82 -3.18 17.07 -9.57
C LYS A 82 -4.00 16.89 -10.83
N GLY A 83 -4.21 15.68 -11.21
CA GLY A 83 -5.01 15.41 -12.43
C GLY A 83 -4.33 14.31 -13.25
N GLN A 84 -3.09 14.03 -12.98
CA GLN A 84 -2.38 12.96 -13.73
C GLN A 84 -2.42 11.70 -12.89
N GLN A 85 -2.31 10.57 -13.50
CA GLN A 85 -2.33 9.32 -12.71
C GLN A 85 -0.90 8.77 -12.67
N TYR A 86 -0.51 8.21 -11.56
CA TYR A 86 0.87 7.68 -11.45
C TYR A 86 0.85 6.20 -11.08
N ASP A 87 1.85 5.48 -11.50
CA ASP A 87 1.91 4.04 -11.18
C ASP A 87 3.16 3.80 -10.32
N ILE A 88 2.97 3.41 -9.09
CA ILE A 88 4.16 3.19 -8.22
C ILE A 88 4.41 1.72 -7.96
N LYS A 89 5.55 1.27 -8.35
CA LYS A 89 5.94 -0.14 -8.08
C LYS A 89 6.82 -0.06 -6.84
N TYR A 90 6.30 -0.43 -5.70
CA TYR A 90 7.10 -0.28 -4.46
C TYR A 90 7.35 -1.61 -3.78
N THR A 91 8.55 -1.84 -3.31
CA THR A 91 8.83 -3.09 -2.58
C THR A 91 8.66 -2.77 -1.10
N TRP A 92 7.51 -3.11 -0.58
CA TRP A 92 7.19 -2.84 0.85
C TRP A 92 7.99 -3.79 1.74
N ASN A 93 9.09 -3.35 2.25
CA ASN A 93 9.91 -4.23 3.12
C ASN A 93 9.07 -4.61 4.35
N VAL A 94 8.58 -5.82 4.38
CA VAL A 94 7.76 -6.27 5.53
C VAL A 94 8.63 -6.29 6.79
N PRO A 95 8.04 -5.92 7.90
CA PRO A 95 8.75 -5.90 9.19
C PRO A 95 8.97 -7.34 9.68
N LYS A 96 10.17 -7.66 10.03
CA LYS A 96 10.48 -9.04 10.49
C LYS A 96 9.79 -9.33 11.83
N ILE A 97 9.08 -8.36 12.38
CA ILE A 97 8.40 -8.59 13.68
C ILE A 97 6.99 -9.13 13.45
N ALA A 98 6.41 -8.79 12.33
CA ALA A 98 5.02 -9.25 12.01
C ALA A 98 4.81 -10.65 12.59
N PRO A 99 3.87 -10.76 13.49
CA PRO A 99 3.55 -12.03 14.15
C PRO A 99 2.58 -12.84 13.29
N LYS A 100 2.75 -14.14 13.19
CA LYS A 100 1.80 -14.95 12.37
C LYS A 100 0.39 -14.62 12.83
N SER A 101 -0.22 -13.64 12.23
CA SER A 101 -1.61 -13.26 12.64
C SER A 101 -2.61 -13.97 11.75
N GLU A 102 -3.50 -14.74 12.33
CA GLU A 102 -4.50 -15.47 11.52
C GLU A 102 -5.02 -14.57 10.41
N ASN A 103 -5.32 -13.33 10.72
CA ASN A 103 -5.82 -12.40 9.69
C ASN A 103 -5.05 -11.07 9.78
N VAL A 104 -4.73 -10.49 8.66
CA VAL A 104 -4.00 -9.19 8.68
C VAL A 104 -4.71 -8.20 7.74
N VAL A 105 -4.74 -6.96 8.11
CA VAL A 105 -5.41 -5.94 7.23
C VAL A 105 -4.36 -4.92 6.81
N VAL A 106 -4.10 -4.79 5.54
CA VAL A 106 -3.07 -3.82 5.11
C VAL A 106 -3.72 -2.57 4.51
N THR A 107 -3.16 -1.43 4.81
CA THR A 107 -3.71 -0.15 4.28
C THR A 107 -2.63 0.57 3.48
N VAL A 108 -2.89 0.94 2.27
CA VAL A 108 -1.87 1.66 1.49
C VAL A 108 -2.26 3.14 1.44
N LYS A 109 -1.37 4.03 1.69
CA LYS A 109 -1.78 5.47 1.68
C LYS A 109 -0.70 6.37 1.07
N LEU A 110 -1.06 7.17 0.12
CA LEU A 110 -0.08 8.11 -0.48
C LEU A 110 -0.38 9.50 0.08
N ILE A 111 0.63 10.28 0.36
CA ILE A 111 0.39 11.62 0.94
C ILE A 111 1.27 12.65 0.25
N GLY A 112 0.67 13.64 -0.33
CA GLY A 112 1.47 14.70 -1.01
C GLY A 112 1.58 15.91 -0.07
N ASP A 113 1.57 17.10 -0.61
CA ASP A 113 1.67 18.31 0.26
C ASP A 113 0.28 18.87 0.52
N ASN A 114 -0.73 18.26 -0.02
CA ASN A 114 -2.12 18.79 0.18
C ASN A 114 -2.95 17.80 1.01
N GLY A 115 -2.41 16.65 1.32
CA GLY A 115 -3.17 15.66 2.12
C GLY A 115 -2.83 14.23 1.66
N VAL A 116 -3.78 13.34 1.73
CA VAL A 116 -3.50 11.94 1.29
C VAL A 116 -3.74 11.80 -0.22
N LEU A 117 -2.70 11.65 -0.98
CA LEU A 117 -2.87 11.51 -2.46
C LEU A 117 -3.80 10.32 -2.76
N ALA A 118 -3.74 9.28 -1.98
CA ALA A 118 -4.61 8.10 -2.24
C ALA A 118 -4.67 7.22 -1.01
N CYS A 119 -5.41 6.15 -1.06
CA CYS A 119 -5.51 5.24 0.11
C CYS A 119 -6.12 3.90 -0.33
N ALA A 120 -5.88 2.85 0.42
CA ALA A 120 -6.45 1.52 0.03
C ALA A 120 -6.63 0.67 1.29
N ILE A 121 -7.64 -0.17 1.31
CA ILE A 121 -7.87 -1.02 2.51
C ILE A 121 -8.14 -2.46 2.06
N ALA A 122 -7.34 -3.40 2.49
CA ALA A 122 -7.55 -4.82 2.08
C ALA A 122 -8.42 -5.53 3.13
N THR A 123 -9.23 -6.47 2.71
CA THR A 123 -10.09 -7.20 3.67
C THR A 123 -9.41 -8.49 4.11
N HIS A 124 -9.45 -9.50 3.29
CA HIS A 124 -8.80 -10.80 3.66
C HIS A 124 -7.32 -10.55 3.98
N GLY A 125 -6.60 -11.58 4.28
CA GLY A 125 -5.14 -11.41 4.58
C GLY A 125 -4.73 -12.35 5.71
N LYS A 126 -3.58 -12.94 5.59
CA LYS A 126 -3.10 -13.87 6.66
C LYS A 126 -1.57 -13.85 6.68
N ILE A 127 -0.96 -13.75 7.82
CA ILE A 127 0.54 -13.72 7.86
C ILE A 127 1.08 -15.05 8.34
N ARG A 128 2.15 -15.49 7.75
CA ARG A 128 2.77 -16.77 8.17
C ARG A 128 4.29 -16.57 8.30
N ASP A 129 5.00 -17.54 8.79
CA ASP A 129 6.47 -17.38 8.94
C ASP A 129 7.18 -18.26 7.91
N ASP A 1 -1.44 -11.18 -10.05
CA ASP A 1 -2.86 -10.87 -10.35
C ASP A 1 -3.36 -9.79 -9.39
N GLN A 2 -4.20 -8.92 -9.85
CA GLN A 2 -4.73 -7.85 -8.95
C GLN A 2 -5.65 -8.47 -7.91
N VAL A 3 -5.59 -8.00 -6.70
CA VAL A 3 -6.45 -8.57 -5.64
C VAL A 3 -7.55 -7.59 -5.25
N ASP A 4 -8.51 -8.02 -4.50
CA ASP A 4 -9.63 -7.12 -4.09
C ASP A 4 -9.22 -6.23 -2.92
N VAL A 5 -9.42 -4.94 -3.05
CA VAL A 5 -9.08 -3.99 -1.96
C VAL A 5 -10.08 -2.83 -2.03
N LYS A 6 -10.26 -2.10 -0.96
CA LYS A 6 -11.23 -0.97 -0.98
C LYS A 6 -10.50 0.35 -0.74
N ASP A 7 -10.38 1.16 -1.76
CA ASP A 7 -9.67 2.45 -1.59
C ASP A 7 -10.28 3.21 -0.41
N CYS A 8 -9.47 3.69 0.49
CA CYS A 8 -10.01 4.43 1.67
C CYS A 8 -9.82 5.93 1.45
N ALA A 9 -9.32 6.32 0.31
CA ALA A 9 -9.13 7.77 0.05
C ALA A 9 -10.45 8.38 -0.40
N ASN A 10 -11.02 7.85 -1.44
CA ASN A 10 -12.29 8.40 -1.96
C ASN A 10 -12.48 7.93 -3.40
N ASN A 11 -11.38 7.75 -4.08
CA ASN A 11 -11.44 7.29 -5.50
C ASN A 11 -10.11 7.66 -6.17
N GLU A 12 -9.02 7.51 -5.46
CA GLU A 12 -7.70 7.87 -6.05
C GLU A 12 -7.07 6.66 -6.74
N ILE A 13 -6.96 5.54 -6.06
CA ILE A 13 -6.34 4.36 -6.72
C ILE A 13 -7.30 3.77 -7.74
N LYS A 14 -6.83 3.50 -8.93
CA LYS A 14 -7.72 2.88 -9.95
C LYS A 14 -7.68 1.37 -9.76
N LYS A 15 -6.62 0.89 -9.15
CA LYS A 15 -6.48 -0.57 -8.91
C LYS A 15 -5.01 -0.90 -8.63
N VAL A 16 -4.73 -1.60 -7.55
CA VAL A 16 -3.32 -1.94 -7.23
C VAL A 16 -3.16 -3.47 -7.21
N MET A 17 -2.28 -4.00 -8.01
CA MET A 17 -2.10 -5.48 -8.06
C MET A 17 -0.81 -5.90 -7.33
N VAL A 18 -0.73 -7.13 -6.92
CA VAL A 18 0.50 -7.61 -6.24
C VAL A 18 0.98 -8.88 -6.92
N ASP A 19 2.14 -8.85 -7.52
CA ASP A 19 2.65 -10.05 -8.21
C ASP A 19 2.99 -11.15 -7.19
N GLY A 20 2.03 -11.97 -6.87
CA GLY A 20 2.28 -13.06 -5.88
C GLY A 20 0.96 -13.60 -5.36
N CYS A 21 0.20 -12.78 -4.70
CA CYS A 21 -1.13 -13.23 -4.17
C CYS A 21 -2.20 -12.99 -5.22
N HIS A 22 -3.27 -13.75 -5.19
CA HIS A 22 -4.35 -13.54 -6.19
C HIS A 22 -5.43 -12.62 -5.62
N GLY A 23 -6.54 -12.52 -6.29
CA GLY A 23 -7.64 -11.64 -5.80
C GLY A 23 -8.79 -12.50 -5.27
N SER A 24 -9.57 -11.97 -4.38
CA SER A 24 -10.69 -12.77 -3.81
C SER A 24 -10.12 -13.92 -2.98
N ASP A 25 -8.82 -13.94 -2.80
CA ASP A 25 -8.20 -15.03 -1.99
C ASP A 25 -7.30 -14.38 -0.93
N PRO A 26 -7.03 -15.13 0.10
CA PRO A 26 -6.18 -14.67 1.22
C PRO A 26 -4.71 -14.75 0.84
N CYS A 27 -3.90 -13.86 1.34
CA CYS A 27 -2.45 -13.90 1.00
C CYS A 27 -1.63 -14.18 2.27
N ILE A 28 -0.46 -14.74 2.10
CA ILE A 28 0.39 -15.04 3.28
C ILE A 28 1.62 -14.14 3.25
N ILE A 29 1.74 -13.25 4.19
CA ILE A 29 2.91 -12.35 4.21
C ILE A 29 3.97 -12.94 5.15
N HIS A 30 5.14 -13.21 4.63
CA HIS A 30 6.21 -13.80 5.48
C HIS A 30 6.98 -12.68 6.16
N ARG A 31 7.24 -12.82 7.43
CA ARG A 31 8.00 -11.76 8.15
C ARG A 31 9.32 -11.53 7.42
N GLY A 32 9.69 -10.30 7.22
CA GLY A 32 10.98 -10.00 6.52
C GLY A 32 10.90 -10.38 5.03
N LYS A 33 9.73 -10.51 4.47
CA LYS A 33 9.64 -10.88 3.04
C LYS A 33 9.13 -9.64 2.26
N PRO A 34 9.73 -9.41 1.12
CA PRO A 34 9.39 -8.25 0.27
C PRO A 34 8.05 -8.43 -0.46
N PHE A 35 7.09 -7.59 -0.14
CA PHE A 35 5.76 -7.67 -0.79
C PHE A 35 5.71 -6.61 -1.90
N THR A 36 5.68 -7.03 -3.13
CA THR A 36 5.65 -6.04 -4.24
C THR A 36 4.21 -5.65 -4.57
N LEU A 37 3.93 -4.39 -4.61
CA LEU A 37 2.55 -3.94 -4.92
C LEU A 37 2.61 -2.71 -5.83
N GLU A 38 1.99 -2.78 -6.97
CA GLU A 38 1.98 -1.62 -7.89
C GLU A 38 0.60 -0.98 -7.83
N ALA A 39 0.52 0.30 -7.58
CA ALA A 39 -0.83 0.92 -7.48
C ALA A 39 -0.92 2.16 -8.35
N LEU A 40 -1.98 2.26 -9.13
CA LEU A 40 -2.17 3.45 -9.97
C LEU A 40 -3.05 4.43 -9.20
N PHE A 41 -2.83 5.69 -9.31
CA PHE A 41 -3.69 6.64 -8.56
C PHE A 41 -3.61 8.02 -9.19
N ASP A 42 -4.73 8.67 -9.31
CA ASP A 42 -4.71 10.03 -9.92
C ASP A 42 -4.38 11.04 -8.84
N ALA A 43 -3.22 11.64 -8.92
CA ALA A 43 -2.82 12.63 -7.90
C ALA A 43 -4.01 13.56 -7.62
N ASN A 44 -4.59 13.46 -6.46
CA ASN A 44 -5.76 14.33 -6.15
C ASN A 44 -5.26 15.73 -5.74
N GLN A 45 -3.97 15.96 -5.83
CA GLN A 45 -3.44 17.29 -5.45
C GLN A 45 -2.02 17.45 -5.99
N ASN A 46 -1.57 18.66 -6.17
CA ASN A 46 -0.18 18.87 -6.68
C ASN A 46 0.81 18.84 -5.52
N THR A 47 1.76 17.95 -5.56
CA THR A 47 2.74 17.87 -4.44
C THR A 47 4.14 17.59 -4.98
N LYS A 48 5.14 18.23 -4.43
CA LYS A 48 6.54 18.01 -4.88
C LYS A 48 7.09 16.74 -4.25
N THR A 49 6.39 16.22 -3.30
CA THR A 49 6.86 14.99 -2.64
C THR A 49 5.69 14.14 -2.21
N ALA A 50 5.79 12.87 -2.42
CA ALA A 50 4.68 11.97 -2.04
C ALA A 50 5.23 10.87 -1.15
N LYS A 51 4.44 10.35 -0.26
CA LYS A 51 4.94 9.29 0.64
C LYS A 51 4.00 8.10 0.63
N ILE A 52 4.53 6.91 0.57
CA ILE A 52 3.63 5.73 0.61
C ILE A 52 3.53 5.31 2.07
N GLU A 53 2.44 4.72 2.45
CA GLU A 53 2.29 4.32 3.88
C GLU A 53 1.56 2.98 3.95
N ILE A 54 2.23 1.97 4.42
CA ILE A 54 1.55 0.66 4.53
C ILE A 54 1.37 0.30 5.99
N LYS A 55 0.15 0.29 6.46
CA LYS A 55 -0.10 -0.07 7.87
C LYS A 55 -0.71 -1.46 7.92
N ALA A 56 -0.67 -2.13 9.03
CA ALA A 56 -1.24 -3.50 9.07
C ALA A 56 -2.09 -3.69 10.32
N SER A 57 -3.08 -4.54 10.22
CA SER A 57 -3.95 -4.81 11.40
C SER A 57 -3.78 -6.28 11.78
N LEU A 58 -3.96 -6.63 13.01
CA LEU A 58 -3.77 -8.05 13.40
C LEU A 58 -5.04 -8.59 14.07
N ASP A 59 -6.12 -8.59 13.35
CA ASP A 59 -7.39 -9.11 13.93
C ASP A 59 -7.57 -8.61 15.37
N GLY A 60 -6.97 -7.50 15.71
CA GLY A 60 -7.11 -6.98 17.09
C GLY A 60 -6.02 -5.95 17.39
N LEU A 61 -4.79 -6.27 17.06
CA LEU A 61 -3.68 -5.32 17.32
C LEU A 61 -3.20 -4.73 15.98
N GLU A 62 -3.33 -3.44 15.81
CA GLU A 62 -2.89 -2.82 14.52
C GLU A 62 -1.51 -2.17 14.70
N ILE A 63 -0.59 -2.50 13.84
CA ILE A 63 0.77 -1.91 13.95
C ILE A 63 1.08 -1.08 12.70
N ASP A 64 2.22 -0.49 12.71
CA ASP A 64 2.68 0.34 11.56
C ASP A 64 3.82 -0.40 10.88
N VAL A 65 3.90 -0.34 9.59
CA VAL A 65 4.98 -1.09 8.88
C VAL A 65 6.02 -0.13 8.27
N PRO A 66 7.15 -0.04 8.92
CA PRO A 66 8.28 0.79 8.47
C PRO A 66 9.08 0.03 7.40
N GLY A 67 10.34 0.34 7.25
CA GLY A 67 11.16 -0.37 6.24
C GLY A 67 10.55 -0.19 4.85
N ILE A 68 9.88 0.90 4.62
CA ILE A 68 9.26 1.15 3.28
C ILE A 68 9.85 2.42 2.68
N ASP A 69 9.18 2.97 1.70
CA ASP A 69 9.68 4.22 1.06
C ASP A 69 8.86 5.39 1.57
N THR A 70 9.42 6.22 2.40
CA THR A 70 8.67 7.40 2.91
C THR A 70 8.83 8.55 1.92
N ASN A 71 8.71 8.25 0.65
CA ASN A 71 8.84 9.29 -0.40
C ASN A 71 8.57 8.62 -1.74
N ALA A 72 7.35 8.24 -1.98
CA ALA A 72 6.99 7.54 -3.25
C ALA A 72 7.39 8.35 -4.49
N CYS A 73 7.76 9.59 -4.34
CA CYS A 73 8.15 10.38 -5.54
C CYS A 73 9.37 9.74 -6.22
N HIS A 74 10.03 8.84 -5.53
CA HIS A 74 11.22 8.18 -6.14
C HIS A 74 10.77 7.17 -7.20
N PHE A 75 9.57 6.66 -7.09
CA PHE A 75 9.07 5.68 -8.09
C PHE A 75 8.12 6.38 -9.05
N VAL A 76 7.35 7.32 -8.56
CA VAL A 76 6.40 8.05 -9.42
C VAL A 76 7.07 9.36 -9.87
N LYS A 77 6.53 10.02 -10.85
CA LYS A 77 7.18 11.28 -11.33
C LYS A 77 6.68 12.48 -10.53
N CYS A 78 7.37 12.85 -9.49
CA CYS A 78 6.94 14.04 -8.70
C CYS A 78 7.63 15.27 -9.30
N PRO A 79 7.05 16.43 -9.14
CA PRO A 79 5.80 16.63 -8.37
C PRO A 79 4.59 16.01 -9.05
N LEU A 80 3.80 15.31 -8.30
CA LEU A 80 2.59 14.70 -8.88
C LEU A 80 1.57 15.82 -9.02
N VAL A 81 1.25 16.17 -10.22
CA VAL A 81 0.29 17.28 -10.43
C VAL A 81 -1.14 16.78 -10.25
N LYS A 82 -1.95 17.55 -9.57
CA LYS A 82 -3.35 17.14 -9.34
C LYS A 82 -4.08 16.99 -10.67
N GLY A 83 -4.41 15.78 -11.01
CA GLY A 83 -5.14 15.55 -12.28
C GLY A 83 -4.41 14.51 -13.13
N GLN A 84 -3.17 14.24 -12.83
CA GLN A 84 -2.41 13.22 -13.61
C GLN A 84 -2.45 11.91 -12.85
N GLN A 85 -2.26 10.81 -13.51
CA GLN A 85 -2.29 9.53 -12.80
C GLN A 85 -0.86 8.97 -12.80
N TYR A 86 -0.48 8.34 -11.73
CA TYR A 86 0.90 7.81 -11.65
C TYR A 86 0.89 6.32 -11.31
N ASP A 87 1.90 5.63 -11.72
CA ASP A 87 1.97 4.18 -11.41
C ASP A 87 3.23 3.93 -10.59
N ILE A 88 3.08 3.55 -9.37
CA ILE A 88 4.28 3.32 -8.53
C ILE A 88 4.51 1.83 -8.29
N LYS A 89 5.70 1.40 -8.59
CA LYS A 89 6.08 -0.01 -8.33
C LYS A 89 6.89 0.02 -7.03
N TYR A 90 6.46 -0.65 -6.01
CA TYR A 90 7.23 -0.54 -4.74
C TYR A 90 7.39 -1.88 -4.03
N THR A 91 8.55 -2.11 -3.47
CA THR A 91 8.79 -3.36 -2.70
C THR A 91 8.47 -3.04 -1.24
N TRP A 92 7.82 -3.93 -0.55
CA TRP A 92 7.45 -3.64 0.86
C TRP A 92 8.09 -4.68 1.78
N ASN A 93 9.33 -4.46 2.13
CA ASN A 93 10.04 -5.42 3.02
C ASN A 93 9.32 -5.52 4.36
N VAL A 94 8.67 -6.61 4.61
CA VAL A 94 7.97 -6.81 5.90
C VAL A 94 8.93 -6.41 7.04
N PRO A 95 8.39 -5.82 8.08
CA PRO A 95 9.18 -5.35 9.23
C PRO A 95 9.78 -6.48 10.06
N LYS A 96 9.41 -7.71 9.80
CA LYS A 96 9.99 -8.84 10.58
C LYS A 96 9.31 -8.95 11.95
N ILE A 97 8.66 -7.92 12.41
CA ILE A 97 8.00 -8.00 13.74
C ILE A 97 6.61 -8.55 13.55
N ALA A 98 6.07 -8.37 12.37
CA ALA A 98 4.70 -8.88 12.07
C ALA A 98 4.49 -10.19 12.82
N PRO A 99 3.54 -10.18 13.73
CA PRO A 99 3.23 -11.35 14.56
C PRO A 99 2.30 -12.28 13.78
N LYS A 100 2.63 -13.54 13.71
CA LYS A 100 1.75 -14.49 12.96
C LYS A 100 0.31 -14.25 13.39
N SER A 101 -0.37 -13.39 12.69
CA SER A 101 -1.77 -13.07 13.05
C SER A 101 -2.72 -13.78 12.07
N GLU A 102 -3.62 -14.57 12.59
CA GLU A 102 -4.57 -15.30 11.69
C GLU A 102 -5.03 -14.38 10.55
N ASN A 103 -5.42 -13.18 10.86
CA ASN A 103 -5.88 -12.25 9.78
C ASN A 103 -5.15 -10.92 9.88
N VAL A 104 -4.80 -10.36 8.75
CA VAL A 104 -4.10 -9.06 8.75
C VAL A 104 -4.75 -8.13 7.72
N VAL A 105 -4.76 -6.85 7.99
CA VAL A 105 -5.36 -5.91 7.01
C VAL A 105 -4.29 -4.89 6.66
N VAL A 106 -3.91 -4.81 5.42
CA VAL A 106 -2.85 -3.85 5.03
C VAL A 106 -3.47 -2.61 4.40
N THR A 107 -2.91 -1.46 4.67
CA THR A 107 -3.45 -0.20 4.10
C THR A 107 -2.37 0.50 3.30
N VAL A 108 -2.55 0.67 2.03
CA VAL A 108 -1.53 1.38 1.22
C VAL A 108 -1.96 2.85 1.15
N LYS A 109 -1.10 3.77 1.46
CA LYS A 109 -1.56 5.18 1.43
C LYS A 109 -0.50 6.12 0.85
N LEU A 110 -0.89 6.95 -0.07
CA LEU A 110 0.06 7.93 -0.65
C LEU A 110 -0.22 9.27 0.01
N ILE A 111 0.78 10.06 0.27
CA ILE A 111 0.52 11.35 0.96
C ILE A 111 1.33 12.48 0.32
N GLY A 112 0.65 13.44 -0.24
CA GLY A 112 1.38 14.59 -0.85
C GLY A 112 1.53 15.68 0.21
N ASP A 113 1.95 16.85 -0.16
CA ASP A 113 2.11 17.94 0.83
C ASP A 113 0.76 18.56 1.14
N ASN A 114 -0.29 18.06 0.56
CA ASN A 114 -1.64 18.64 0.81
C ASN A 114 -2.54 17.63 1.53
N GLY A 115 -2.09 16.42 1.70
CA GLY A 115 -2.94 15.41 2.41
C GLY A 115 -2.63 14.00 1.88
N VAL A 116 -3.59 13.12 1.97
CA VAL A 116 -3.37 11.73 1.47
C VAL A 116 -3.64 11.67 -0.04
N LEU A 117 -2.63 11.49 -0.83
CA LEU A 117 -2.85 11.42 -2.30
C LEU A 117 -3.80 10.27 -2.63
N ALA A 118 -3.67 9.14 -1.96
CA ALA A 118 -4.58 8.00 -2.26
C ALA A 118 -4.68 7.10 -1.02
N CYS A 119 -5.14 5.90 -1.19
CA CYS A 119 -5.26 4.99 -0.02
C CYS A 119 -5.85 3.64 -0.48
N ALA A 120 -5.58 2.57 0.24
CA ALA A 120 -6.12 1.24 -0.15
C ALA A 120 -6.29 0.36 1.08
N ILE A 121 -7.20 -0.56 1.06
CA ILE A 121 -7.39 -1.46 2.22
C ILE A 121 -7.54 -2.90 1.72
N ALA A 122 -6.97 -3.86 2.39
CA ALA A 122 -7.12 -5.26 1.93
C ALA A 122 -8.14 -5.96 2.82
N THR A 123 -9.21 -6.43 2.25
CA THR A 123 -10.27 -7.10 3.07
C THR A 123 -9.76 -8.45 3.58
N HIS A 124 -8.94 -9.13 2.83
CA HIS A 124 -8.44 -10.46 3.30
C HIS A 124 -6.91 -10.44 3.39
N GLY A 125 -6.36 -11.28 4.22
CA GLY A 125 -4.87 -11.32 4.36
C GLY A 125 -4.50 -12.12 5.61
N LYS A 126 -3.33 -12.67 5.66
CA LYS A 126 -2.90 -13.46 6.85
C LYS A 126 -1.36 -13.45 6.92
N ILE A 127 -0.78 -13.28 8.08
CA ILE A 127 0.71 -13.28 8.14
C ILE A 127 1.20 -14.60 8.71
N ARG A 128 2.27 -15.12 8.18
CA ARG A 128 2.81 -16.42 8.69
C ARG A 128 4.27 -16.24 9.09
N ASP A 129 4.74 -17.06 10.00
CA ASP A 129 6.17 -16.94 10.43
C ASP A 129 7.06 -17.74 9.48
N ASP A 1 -2.48 -12.50 -10.11
CA ASP A 1 -3.55 -11.52 -10.45
C ASP A 1 -3.59 -10.42 -9.38
N GLN A 2 -4.28 -9.35 -9.65
CA GLN A 2 -4.36 -8.25 -8.65
C GLN A 2 -5.14 -8.72 -7.43
N VAL A 3 -4.97 -8.06 -6.31
CA VAL A 3 -5.67 -8.49 -5.08
C VAL A 3 -6.91 -7.60 -4.87
N ASP A 4 -7.79 -7.97 -3.99
CA ASP A 4 -9.02 -7.16 -3.77
C ASP A 4 -8.79 -6.16 -2.64
N VAL A 5 -8.99 -4.90 -2.92
CA VAL A 5 -8.81 -3.87 -1.86
C VAL A 5 -9.83 -2.75 -2.10
N LYS A 6 -10.27 -2.11 -1.06
CA LYS A 6 -11.28 -1.02 -1.23
C LYS A 6 -10.63 0.33 -0.95
N ASP A 7 -10.45 1.12 -1.96
CA ASP A 7 -9.82 2.46 -1.76
C ASP A 7 -10.59 3.21 -0.67
N CYS A 8 -9.89 3.95 0.15
CA CYS A 8 -10.58 4.73 1.22
C CYS A 8 -10.39 6.23 0.95
N ALA A 9 -9.48 6.57 0.07
CA ALA A 9 -9.26 8.00 -0.24
C ALA A 9 -10.48 8.55 -0.97
N ASN A 10 -10.72 8.06 -2.14
CA ASN A 10 -11.88 8.54 -2.94
C ASN A 10 -11.81 7.88 -4.32
N ASN A 11 -11.84 6.58 -4.36
CA ASN A 11 -11.74 5.89 -5.68
C ASN A 11 -10.50 6.41 -6.39
N GLU A 12 -9.57 6.95 -5.65
CA GLU A 12 -8.33 7.48 -6.27
C GLU A 12 -7.54 6.33 -6.89
N ILE A 13 -7.13 5.39 -6.11
CA ILE A 13 -6.35 4.26 -6.67
C ILE A 13 -7.19 3.54 -7.73
N LYS A 14 -6.64 3.36 -8.91
CA LYS A 14 -7.40 2.67 -9.98
C LYS A 14 -7.38 1.17 -9.71
N LYS A 15 -6.45 0.71 -8.91
CA LYS A 15 -6.36 -0.73 -8.60
C LYS A 15 -4.93 -1.06 -8.17
N VAL A 16 -4.78 -1.71 -7.05
CA VAL A 16 -3.42 -2.06 -6.59
C VAL A 16 -3.23 -3.58 -6.74
N MET A 17 -2.22 -4.00 -7.46
CA MET A 17 -2.03 -5.46 -7.69
C MET A 17 -0.69 -5.93 -7.07
N VAL A 18 -0.65 -7.14 -6.62
CA VAL A 18 0.62 -7.68 -6.04
C VAL A 18 1.25 -8.63 -7.06
N ASP A 19 2.53 -8.86 -6.96
CA ASP A 19 3.20 -9.76 -7.95
C ASP A 19 2.33 -11.02 -8.17
N GLY A 20 1.61 -11.43 -7.16
CA GLY A 20 0.76 -12.65 -7.35
C GLY A 20 0.30 -13.18 -5.98
N CYS A 21 -0.88 -12.82 -5.57
CA CYS A 21 -1.40 -13.32 -4.26
C CYS A 21 -2.50 -14.35 -4.52
N HIS A 22 -3.61 -13.92 -5.05
CA HIS A 22 -4.72 -14.86 -5.33
C HIS A 22 -5.99 -14.08 -5.69
N GLY A 23 -6.09 -12.88 -5.21
CA GLY A 23 -7.29 -12.05 -5.52
C GLY A 23 -8.27 -12.07 -4.35
N SER A 24 -9.54 -12.23 -4.62
CA SER A 24 -10.55 -12.25 -3.53
C SER A 24 -10.01 -13.04 -2.33
N ASP A 25 -9.25 -14.06 -2.58
CA ASP A 25 -8.70 -14.87 -1.46
C ASP A 25 -7.69 -14.03 -0.68
N PRO A 26 -7.37 -14.50 0.50
CA PRO A 26 -6.41 -13.82 1.38
C PRO A 26 -4.98 -14.09 0.91
N CYS A 27 -4.04 -13.31 1.34
CA CYS A 27 -2.63 -13.53 0.90
C CYS A 27 -1.77 -13.89 2.12
N ILE A 28 -0.69 -14.60 1.92
CA ILE A 28 0.17 -14.97 3.08
C ILE A 28 1.45 -14.15 2.99
N ILE A 29 1.61 -13.21 3.89
CA ILE A 29 2.84 -12.37 3.87
C ILE A 29 3.90 -13.01 4.75
N HIS A 30 5.03 -13.35 4.19
CA HIS A 30 6.10 -13.99 5.00
C HIS A 30 6.94 -12.92 5.69
N ARG A 31 6.90 -12.88 7.00
CA ARG A 31 7.68 -11.87 7.77
C ARG A 31 9.13 -11.82 7.29
N GLY A 32 9.74 -10.67 7.37
CA GLY A 32 11.17 -10.53 6.95
C GLY A 32 11.28 -10.43 5.42
N LYS A 33 10.31 -10.90 4.70
CA LYS A 33 10.40 -10.81 3.21
C LYS A 33 9.71 -9.55 2.72
N PRO A 34 10.13 -9.10 1.57
CA PRO A 34 9.58 -7.89 0.94
C PRO A 34 8.24 -8.19 0.26
N PHE A 35 7.48 -7.17 -0.03
CA PHE A 35 6.16 -7.37 -0.70
C PHE A 35 6.04 -6.34 -1.82
N THR A 36 5.83 -6.77 -3.03
CA THR A 36 5.74 -5.79 -4.14
C THR A 36 4.27 -5.47 -4.44
N LEU A 37 3.93 -4.22 -4.48
CA LEU A 37 2.52 -3.85 -4.79
C LEU A 37 2.53 -2.60 -5.67
N GLU A 38 1.93 -2.67 -6.83
CA GLU A 38 1.89 -1.48 -7.72
C GLU A 38 0.57 -0.76 -7.51
N ALA A 39 0.60 0.51 -7.23
CA ALA A 39 -0.68 1.22 -7.01
C ALA A 39 -0.81 2.41 -7.96
N LEU A 40 -1.80 2.39 -8.78
CA LEU A 40 -2.02 3.53 -9.71
C LEU A 40 -2.97 4.48 -9.01
N PHE A 41 -2.78 5.75 -9.14
CA PHE A 41 -3.70 6.69 -8.44
C PHE A 41 -3.67 8.05 -9.12
N ASP A 42 -4.78 8.70 -9.22
CA ASP A 42 -4.80 10.04 -9.87
C ASP A 42 -4.49 11.09 -8.82
N ALA A 43 -3.34 11.69 -8.94
CA ALA A 43 -2.94 12.73 -7.96
C ALA A 43 -4.11 13.69 -7.72
N ASN A 44 -4.65 13.71 -6.54
CA ASN A 44 -5.79 14.63 -6.26
C ASN A 44 -5.26 16.00 -5.87
N GLN A 45 -3.97 16.22 -6.03
CA GLN A 45 -3.39 17.53 -5.67
C GLN A 45 -1.98 17.64 -6.25
N ASN A 46 -1.55 18.82 -6.59
CA ASN A 46 -0.18 18.97 -7.15
C ASN A 46 0.81 19.12 -6.01
N THR A 47 1.58 18.09 -5.74
CA THR A 47 2.56 18.17 -4.63
C THR A 47 3.97 17.89 -5.16
N LYS A 48 4.97 18.40 -4.49
CA LYS A 48 6.38 18.18 -4.95
C LYS A 48 6.93 16.90 -4.33
N THR A 49 6.24 16.37 -3.36
CA THR A 49 6.72 15.14 -2.72
C THR A 49 5.55 14.28 -2.28
N ALA A 50 5.66 13.02 -2.52
CA ALA A 50 4.59 12.07 -2.13
C ALA A 50 5.24 10.96 -1.32
N LYS A 51 4.54 10.39 -0.39
CA LYS A 51 5.16 9.31 0.44
C LYS A 51 4.19 8.14 0.59
N ILE A 52 4.70 6.95 0.54
CA ILE A 52 3.81 5.77 0.69
C ILE A 52 4.12 5.11 2.04
N GLU A 53 3.11 4.95 2.85
CA GLU A 53 3.29 4.30 4.17
C GLU A 53 2.24 3.22 4.30
N ILE A 54 2.65 2.00 4.41
CA ILE A 54 1.68 0.88 4.51
C ILE A 54 1.41 0.58 5.98
N LYS A 55 0.16 0.38 6.33
CA LYS A 55 -0.18 0.09 7.74
C LYS A 55 -0.84 -1.28 7.80
N ALA A 56 -0.42 -2.12 8.68
CA ALA A 56 -1.02 -3.48 8.73
C ALA A 56 -1.76 -3.73 10.04
N SER A 57 -2.72 -4.62 10.00
CA SER A 57 -3.50 -4.96 11.22
C SER A 57 -3.32 -6.46 11.48
N LEU A 58 -3.38 -6.88 12.71
CA LEU A 58 -3.17 -8.33 12.99
C LEU A 58 -4.27 -8.85 13.92
N ASP A 59 -5.44 -9.04 13.40
CA ASP A 59 -6.57 -9.56 14.22
C ASP A 59 -6.55 -8.91 15.61
N GLY A 60 -5.99 -7.73 15.73
CA GLY A 60 -5.97 -7.08 17.07
C GLY A 60 -4.77 -6.13 17.19
N LEU A 61 -3.69 -6.42 16.50
CA LEU A 61 -2.50 -5.53 16.60
C LEU A 61 -2.30 -4.77 15.29
N GLU A 62 -2.54 -3.50 15.27
CA GLU A 62 -2.33 -2.70 14.03
C GLU A 62 -1.17 -1.75 14.24
N ILE A 63 -0.15 -1.88 13.44
CA ILE A 63 1.02 -1.01 13.58
C ILE A 63 1.33 -0.35 12.25
N ASP A 64 2.12 0.65 12.30
CA ASP A 64 2.55 1.34 11.06
C ASP A 64 3.71 0.53 10.53
N VAL A 65 3.52 -0.14 9.44
CA VAL A 65 4.60 -1.01 8.91
C VAL A 65 5.79 -0.16 8.43
N PRO A 66 6.89 -0.30 9.12
CA PRO A 66 8.13 0.42 8.81
C PRO A 66 8.88 -0.29 7.68
N GLY A 67 10.12 0.05 7.48
CA GLY A 67 10.91 -0.62 6.40
C GLY A 67 10.21 -0.42 5.06
N ILE A 68 9.98 0.81 4.68
CA ILE A 68 9.32 1.05 3.36
C ILE A 68 9.83 2.38 2.81
N ASP A 69 9.03 3.00 1.96
CA ASP A 69 9.45 4.28 1.37
C ASP A 69 8.52 5.40 1.86
N THR A 70 9.05 6.30 2.64
CA THR A 70 8.21 7.43 3.13
C THR A 70 8.34 8.57 2.13
N ASN A 71 8.31 8.24 0.86
CA ASN A 71 8.44 9.25 -0.21
C ASN A 71 8.44 8.50 -1.56
N ALA A 72 7.27 8.29 -2.12
CA ALA A 72 7.17 7.51 -3.39
C ALA A 72 7.57 8.33 -4.62
N CYS A 73 8.10 9.51 -4.46
CA CYS A 73 8.50 10.29 -5.67
C CYS A 73 9.65 9.56 -6.37
N HIS A 74 10.25 8.60 -5.71
CA HIS A 74 11.38 7.84 -6.33
C HIS A 74 10.82 6.81 -7.31
N PHE A 75 9.58 6.43 -7.17
CA PHE A 75 8.98 5.43 -8.10
C PHE A 75 7.98 6.15 -9.00
N VAL A 76 7.50 7.28 -8.57
CA VAL A 76 6.54 8.06 -9.38
C VAL A 76 7.23 9.36 -9.80
N LYS A 77 6.68 10.07 -10.75
CA LYS A 77 7.35 11.32 -11.20
C LYS A 77 6.82 12.54 -10.43
N CYS A 78 7.47 12.91 -9.36
CA CYS A 78 7.03 14.12 -8.60
C CYS A 78 7.70 15.34 -9.25
N PRO A 79 7.08 16.49 -9.15
CA PRO A 79 5.81 16.70 -8.41
C PRO A 79 4.62 16.04 -9.08
N LEU A 80 3.84 15.32 -8.33
CA LEU A 80 2.63 14.69 -8.92
C LEU A 80 1.59 15.79 -9.06
N VAL A 81 1.30 16.16 -10.26
CA VAL A 81 0.32 17.26 -10.49
C VAL A 81 -1.11 16.76 -10.31
N LYS A 82 -1.95 17.59 -9.77
CA LYS A 82 -3.37 17.22 -9.55
C LYS A 82 -4.06 17.04 -10.89
N GLY A 83 -4.40 15.83 -11.20
CA GLY A 83 -5.10 15.56 -12.49
C GLY A 83 -4.31 14.53 -13.29
N GLN A 84 -3.10 14.25 -12.88
CA GLN A 84 -2.31 13.23 -13.62
C GLN A 84 -2.32 11.96 -12.80
N GLN A 85 -2.18 10.84 -13.43
CA GLN A 85 -2.17 9.56 -12.68
C GLN A 85 -0.73 9.08 -12.61
N TYR A 86 -0.35 8.47 -11.54
CA TYR A 86 1.06 8.00 -11.43
C TYR A 86 1.10 6.51 -11.10
N ASP A 87 2.04 5.81 -11.65
CA ASP A 87 2.15 4.35 -11.38
C ASP A 87 3.37 4.09 -10.50
N ILE A 88 3.18 3.62 -9.30
CA ILE A 88 4.34 3.38 -8.42
C ILE A 88 4.55 1.89 -8.19
N LYS A 89 5.68 1.39 -8.59
CA LYS A 89 6.02 -0.03 -8.33
C LYS A 89 6.81 0.00 -7.03
N TYR A 90 6.36 -0.65 -5.99
CA TYR A 90 7.12 -0.53 -4.73
C TYR A 90 7.39 -1.86 -4.03
N THR A 91 8.55 -1.96 -3.44
CA THR A 91 8.92 -3.16 -2.65
C THR A 91 8.51 -2.85 -1.21
N TRP A 92 8.05 -3.81 -0.47
CA TRP A 92 7.60 -3.51 0.92
C TRP A 92 8.27 -4.44 1.92
N ASN A 93 9.32 -3.98 2.54
CA ASN A 93 10.02 -4.84 3.54
C ASN A 93 9.05 -5.15 4.68
N VAL A 94 8.51 -6.33 4.69
CA VAL A 94 7.56 -6.72 5.76
C VAL A 94 8.27 -6.59 7.11
N PRO A 95 7.52 -6.17 8.10
CA PRO A 95 8.08 -6.00 9.45
C PRO A 95 8.35 -7.36 10.09
N LYS A 96 9.58 -7.60 10.47
CA LYS A 96 9.97 -8.90 11.07
C LYS A 96 9.31 -9.10 12.44
N ILE A 97 8.53 -8.14 12.90
CA ILE A 97 7.86 -8.32 14.22
C ILE A 97 6.49 -8.92 14.01
N ALA A 98 5.94 -8.72 12.85
CA ALA A 98 4.58 -9.24 12.51
C ALA A 98 4.27 -10.52 13.31
N PRO A 99 3.21 -10.48 14.06
CA PRO A 99 2.78 -11.63 14.85
C PRO A 99 1.90 -12.51 13.98
N LYS A 100 2.31 -13.72 13.69
CA LYS A 100 1.49 -14.61 12.81
C LYS A 100 0.02 -14.41 13.15
N SER A 101 -0.62 -13.53 12.45
CA SER A 101 -2.05 -13.24 12.72
C SER A 101 -2.91 -13.92 11.66
N GLU A 102 -3.71 -14.86 12.07
CA GLU A 102 -4.59 -15.58 11.10
C GLU A 102 -5.17 -14.57 10.10
N ASN A 103 -5.48 -13.39 10.55
CA ASN A 103 -6.05 -12.37 9.61
C ASN A 103 -5.27 -11.07 9.72
N VAL A 104 -5.01 -10.45 8.60
CA VAL A 104 -4.25 -9.18 8.60
C VAL A 104 -4.91 -8.17 7.65
N VAL A 105 -4.80 -6.91 7.93
CA VAL A 105 -5.40 -5.88 7.04
C VAL A 105 -4.30 -4.94 6.59
N VAL A 106 -4.02 -4.87 5.32
CA VAL A 106 -2.94 -3.97 4.84
C VAL A 106 -3.53 -2.67 4.30
N THR A 107 -2.88 -1.58 4.55
CA THR A 107 -3.37 -0.27 4.09
C THR A 107 -2.29 0.44 3.28
N VAL A 108 -2.53 0.68 2.03
CA VAL A 108 -1.52 1.40 1.22
C VAL A 108 -1.91 2.87 1.21
N LYS A 109 -1.03 3.75 1.59
CA LYS A 109 -1.45 5.18 1.62
C LYS A 109 -0.38 6.08 1.02
N LEU A 110 -0.80 7.02 0.23
CA LEU A 110 0.15 7.99 -0.36
C LEU A 110 -0.17 9.35 0.23
N ILE A 111 0.81 10.15 0.55
CA ILE A 111 0.50 11.46 1.16
C ILE A 111 1.32 12.57 0.51
N GLY A 112 0.67 13.49 -0.14
CA GLY A 112 1.41 14.61 -0.77
C GLY A 112 1.61 15.71 0.28
N ASP A 113 1.69 16.94 -0.14
CA ASP A 113 1.86 18.04 0.84
C ASP A 113 0.50 18.67 1.17
N ASN A 114 -0.55 18.18 0.57
CA ASN A 114 -1.89 18.76 0.85
C ASN A 114 -2.80 17.73 1.53
N GLY A 115 -2.33 16.52 1.71
CA GLY A 115 -3.19 15.49 2.36
C GLY A 115 -2.82 14.11 1.82
N VAL A 116 -3.66 13.12 2.05
CA VAL A 116 -3.36 11.75 1.55
C VAL A 116 -3.65 11.68 0.05
N LEU A 117 -2.65 11.53 -0.76
CA LEU A 117 -2.89 11.44 -2.23
C LEU A 117 -3.82 10.26 -2.54
N ALA A 118 -3.68 9.16 -1.85
CA ALA A 118 -4.57 8.00 -2.13
C ALA A 118 -4.61 7.10 -0.90
N CYS A 119 -5.20 5.94 -1.02
CA CYS A 119 -5.27 5.03 0.15
C CYS A 119 -5.95 3.72 -0.26
N ALA A 120 -5.62 2.63 0.39
CA ALA A 120 -6.25 1.33 0.01
C ALA A 120 -6.34 0.42 1.24
N ILE A 121 -7.29 -0.48 1.27
CA ILE A 121 -7.41 -1.40 2.42
C ILE A 121 -7.64 -2.81 1.90
N ALA A 122 -7.02 -3.80 2.50
CA ALA A 122 -7.20 -5.19 2.01
C ALA A 122 -8.38 -5.84 2.74
N THR A 123 -9.25 -6.49 2.00
CA THR A 123 -10.42 -7.15 2.63
C THR A 123 -9.96 -8.25 3.59
N HIS A 124 -9.41 -9.31 3.07
CA HIS A 124 -8.95 -10.41 3.96
C HIS A 124 -7.49 -10.78 3.66
N GLY A 125 -6.73 -11.08 4.67
CA GLY A 125 -5.30 -11.46 4.45
C GLY A 125 -4.84 -12.30 5.64
N LYS A 126 -3.64 -12.81 5.59
CA LYS A 126 -3.11 -13.64 6.72
C LYS A 126 -1.58 -13.52 6.73
N ILE A 127 -0.95 -13.39 7.88
CA ILE A 127 0.54 -13.29 7.88
C ILE A 127 1.13 -14.60 8.41
N ARG A 128 2.22 -15.03 7.82
CA ARG A 128 2.87 -16.29 8.28
C ARG A 128 4.38 -16.05 8.43
N ASP A 129 5.11 -17.01 8.92
CA ASP A 129 6.57 -16.81 9.09
C ASP A 129 7.33 -17.51 7.96
N ASP A 1 -1.49 -10.08 -11.93
CA ASP A 1 -2.76 -10.39 -11.20
C ASP A 1 -3.08 -9.24 -10.24
N GLN A 2 -4.33 -8.95 -10.05
CA GLN A 2 -4.70 -7.83 -9.13
C GLN A 2 -5.33 -8.39 -7.85
N VAL A 3 -5.23 -7.66 -6.77
CA VAL A 3 -5.83 -8.15 -5.50
C VAL A 3 -7.11 -7.35 -5.21
N ASP A 4 -7.95 -7.84 -4.34
CA ASP A 4 -9.20 -7.09 -4.02
C ASP A 4 -8.96 -6.20 -2.80
N VAL A 5 -9.24 -4.94 -2.92
CA VAL A 5 -9.03 -4.00 -1.79
C VAL A 5 -10.15 -2.96 -1.78
N LYS A 6 -10.34 -2.27 -0.70
CA LYS A 6 -11.40 -1.23 -0.65
C LYS A 6 -10.73 0.14 -0.52
N ASP A 7 -10.69 0.88 -1.59
CA ASP A 7 -10.03 2.21 -1.54
C ASP A 7 -10.46 2.97 -0.28
N CYS A 8 -9.54 3.19 0.62
CA CYS A 8 -9.87 3.93 1.86
C CYS A 8 -9.79 5.44 1.57
N ALA A 9 -9.32 5.80 0.40
CA ALA A 9 -9.21 7.24 0.04
C ALA A 9 -10.50 7.71 -0.59
N ASN A 10 -10.69 7.41 -1.85
CA ASN A 10 -11.93 7.84 -2.54
C ASN A 10 -11.89 7.40 -4.00
N ASN A 11 -11.82 6.12 -4.24
CA ASN A 11 -11.78 5.63 -5.65
C ASN A 11 -10.57 6.25 -6.36
N GLU A 12 -9.63 6.75 -5.62
CA GLU A 12 -8.43 7.38 -6.25
C GLU A 12 -7.59 6.29 -6.94
N ILE A 13 -7.01 5.39 -6.19
CA ILE A 13 -6.19 4.33 -6.83
C ILE A 13 -7.02 3.57 -7.85
N LYS A 14 -6.60 3.58 -9.09
CA LYS A 14 -7.37 2.87 -10.15
C LYS A 14 -7.42 1.37 -9.82
N LYS A 15 -6.42 0.88 -9.14
CA LYS A 15 -6.39 -0.57 -8.78
C LYS A 15 -5.00 -0.90 -8.26
N VAL A 16 -4.91 -1.56 -7.14
CA VAL A 16 -3.59 -1.93 -6.58
C VAL A 16 -3.41 -3.44 -6.75
N MET A 17 -2.28 -3.85 -7.27
CA MET A 17 -2.09 -5.32 -7.51
C MET A 17 -0.85 -5.82 -6.78
N VAL A 18 -0.83 -7.08 -6.44
CA VAL A 18 0.35 -7.66 -5.75
C VAL A 18 0.81 -8.91 -6.53
N ASP A 19 2.07 -8.99 -6.86
CA ASP A 19 2.56 -10.17 -7.64
C ASP A 19 2.33 -11.46 -6.85
N GLY A 20 2.09 -11.36 -5.57
CA GLY A 20 1.86 -12.60 -4.76
C GLY A 20 0.37 -12.95 -4.79
N CYS A 21 -0.38 -12.52 -3.80
CA CYS A 21 -1.83 -12.84 -3.78
C CYS A 21 -2.42 -12.53 -5.16
N HIS A 22 -3.67 -12.87 -5.38
CA HIS A 22 -4.27 -12.61 -6.72
C HIS A 22 -5.70 -12.10 -6.58
N GLY A 23 -6.18 -11.91 -5.36
CA GLY A 23 -7.58 -11.43 -5.20
C GLY A 23 -8.14 -11.82 -3.84
N SER A 24 -9.44 -11.87 -3.73
CA SER A 24 -10.10 -12.23 -2.43
C SER A 24 -9.35 -13.38 -1.76
N ASP A 25 -8.85 -14.31 -2.51
CA ASP A 25 -8.12 -15.46 -1.92
C ASP A 25 -7.25 -14.97 -0.75
N PRO A 26 -6.93 -15.88 0.12
CA PRO A 26 -6.11 -15.58 1.31
C PRO A 26 -4.63 -15.47 0.93
N CYS A 27 -3.95 -14.52 1.51
CA CYS A 27 -2.50 -14.34 1.19
C CYS A 27 -1.67 -14.59 2.46
N ILE A 28 -0.64 -15.37 2.36
CA ILE A 28 0.22 -15.65 3.54
C ILE A 28 1.47 -14.80 3.44
N ILE A 29 1.59 -13.81 4.28
CA ILE A 29 2.80 -12.95 4.22
C ILE A 29 3.85 -13.48 5.19
N HIS A 30 4.95 -13.97 4.67
CA HIS A 30 6.02 -14.48 5.56
C HIS A 30 6.95 -13.30 5.89
N ARG A 31 6.88 -12.78 7.07
CA ARG A 31 7.73 -11.61 7.41
C ARG A 31 9.17 -11.85 6.92
N GLY A 32 9.88 -10.81 6.63
CA GLY A 32 11.28 -10.95 6.15
C GLY A 32 11.29 -10.95 4.61
N LYS A 33 10.16 -11.14 3.99
CA LYS A 33 10.12 -11.14 2.50
C LYS A 33 9.56 -9.81 2.01
N PRO A 34 9.97 -9.44 0.82
CA PRO A 34 9.54 -8.19 0.18
C PRO A 34 8.16 -8.35 -0.47
N PHE A 35 7.20 -7.58 -0.04
CA PHE A 35 5.85 -7.66 -0.64
C PHE A 35 5.75 -6.53 -1.67
N THR A 36 5.58 -6.87 -2.91
CA THR A 36 5.53 -5.80 -3.95
C THR A 36 4.09 -5.43 -4.28
N LEU A 37 3.80 -4.17 -4.29
CA LEU A 37 2.42 -3.73 -4.62
C LEU A 37 2.50 -2.55 -5.60
N GLU A 38 1.61 -2.51 -6.55
CA GLU A 38 1.63 -1.41 -7.55
C GLU A 38 0.28 -0.69 -7.50
N ALA A 39 0.27 0.60 -7.34
CA ALA A 39 -1.04 1.28 -7.27
C ALA A 39 -1.05 2.52 -8.17
N LEU A 40 -1.95 2.55 -9.12
CA LEU A 40 -2.04 3.74 -9.99
C LEU A 40 -2.97 4.70 -9.28
N PHE A 41 -2.76 5.97 -9.36
CA PHE A 41 -3.68 6.88 -8.63
C PHE A 41 -3.67 8.27 -9.25
N ASP A 42 -4.79 8.91 -9.30
CA ASP A 42 -4.84 10.27 -9.89
C ASP A 42 -4.48 11.28 -8.80
N ALA A 43 -3.34 11.89 -8.94
CA ALA A 43 -2.91 12.89 -7.93
C ALA A 43 -4.07 13.84 -7.63
N ASN A 44 -4.57 13.82 -6.43
CA ASN A 44 -5.72 14.72 -6.09
C ASN A 44 -5.18 16.12 -5.72
N GLN A 45 -3.90 16.34 -5.89
CA GLN A 45 -3.34 17.68 -5.54
C GLN A 45 -1.92 17.79 -6.10
N ASN A 46 -1.42 18.99 -6.20
CA ASN A 46 -0.04 19.16 -6.74
C ASN A 46 0.95 19.11 -5.57
N THR A 47 1.88 18.18 -5.61
CA THR A 47 2.86 18.07 -4.50
C THR A 47 4.25 17.71 -5.06
N LYS A 48 5.28 18.28 -4.50
CA LYS A 48 6.67 17.99 -4.98
C LYS A 48 7.18 16.72 -4.32
N THR A 49 6.50 16.24 -3.33
CA THR A 49 6.95 15.00 -2.67
C THR A 49 5.75 14.18 -2.24
N ALA A 50 5.84 12.91 -2.44
CA ALA A 50 4.72 12.01 -2.06
C ALA A 50 5.27 10.91 -1.16
N LYS A 51 4.46 10.35 -0.30
CA LYS A 51 4.97 9.29 0.59
C LYS A 51 4.03 8.08 0.60
N ILE A 52 4.58 6.90 0.55
CA ILE A 52 3.69 5.71 0.60
C ILE A 52 3.59 5.27 2.06
N GLU A 53 2.49 4.71 2.45
CA GLU A 53 2.34 4.29 3.87
C GLU A 53 1.64 2.94 3.91
N ILE A 54 2.30 1.93 4.40
CA ILE A 54 1.65 0.60 4.46
C ILE A 54 1.50 0.19 5.92
N LYS A 55 0.29 0.02 6.38
CA LYS A 55 0.09 -0.39 7.78
C LYS A 55 -0.55 -1.78 7.80
N ALA A 56 -0.45 -2.49 8.89
CA ALA A 56 -1.05 -3.84 8.94
C ALA A 56 -1.82 -4.04 10.25
N SER A 57 -3.08 -4.36 10.15
CA SER A 57 -3.90 -4.59 11.36
C SER A 57 -3.89 -6.08 11.69
N LEU A 58 -4.02 -6.43 12.94
CA LEU A 58 -3.99 -7.87 13.32
C LEU A 58 -5.42 -8.34 13.61
N ASP A 59 -6.36 -7.88 12.84
CA ASP A 59 -7.77 -8.29 13.07
C ASP A 59 -8.30 -7.60 14.34
N GLY A 60 -7.52 -6.73 14.92
CA GLY A 60 -7.99 -6.04 16.15
C GLY A 60 -6.99 -4.95 16.54
N LEU A 61 -5.72 -5.18 16.34
CA LEU A 61 -4.71 -4.14 16.72
C LEU A 61 -4.03 -3.60 15.46
N GLU A 62 -4.25 -2.36 15.13
CA GLU A 62 -3.61 -1.79 13.91
C GLU A 62 -2.14 -1.48 14.18
N ILE A 63 -1.28 -1.79 13.26
CA ILE A 63 0.16 -1.54 13.44
C ILE A 63 0.65 -0.67 12.28
N ASP A 64 1.85 -0.18 12.40
CA ASP A 64 2.45 0.63 11.31
C ASP A 64 3.63 -0.16 10.76
N VAL A 65 3.71 -0.33 9.46
CA VAL A 65 4.83 -1.12 8.90
C VAL A 65 5.91 -0.23 8.28
N PRO A 66 7.06 -0.21 8.90
CA PRO A 66 8.21 0.57 8.44
C PRO A 66 8.96 -0.21 7.35
N GLY A 67 10.22 0.04 7.17
CA GLY A 67 10.99 -0.69 6.13
C GLY A 67 10.37 -0.44 4.76
N ILE A 68 9.82 0.72 4.55
CA ILE A 68 9.21 1.03 3.24
C ILE A 68 9.82 2.32 2.70
N ASP A 69 9.20 2.91 1.71
CA ASP A 69 9.75 4.17 1.13
C ASP A 69 8.92 5.35 1.64
N THR A 70 9.50 6.19 2.45
CA THR A 70 8.75 7.37 2.95
C THR A 70 8.91 8.52 1.95
N ASN A 71 8.74 8.21 0.69
CA ASN A 71 8.88 9.24 -0.38
C ASN A 71 8.63 8.53 -1.71
N ALA A 72 7.40 8.22 -1.99
CA ALA A 72 7.05 7.50 -3.24
C ALA A 72 7.47 8.27 -4.50
N CYS A 73 7.96 9.47 -4.37
CA CYS A 73 8.38 10.22 -5.61
C CYS A 73 9.53 9.44 -6.27
N HIS A 74 10.11 8.51 -5.56
CA HIS A 74 11.24 7.73 -6.13
C HIS A 74 10.71 6.77 -7.21
N PHE A 75 9.47 6.41 -7.13
CA PHE A 75 8.89 5.47 -8.14
C PHE A 75 7.86 6.22 -9.00
N VAL A 76 7.29 7.27 -8.48
CA VAL A 76 6.30 8.04 -9.27
C VAL A 76 6.97 9.33 -9.75
N LYS A 77 6.33 10.06 -10.60
CA LYS A 77 6.95 11.30 -11.14
C LYS A 77 6.54 12.52 -10.31
N CYS A 78 7.31 12.88 -9.32
CA CYS A 78 6.96 14.09 -8.52
C CYS A 78 7.65 15.30 -9.18
N PRO A 79 7.04 16.46 -9.08
CA PRO A 79 5.80 16.68 -8.31
C PRO A 79 4.58 16.04 -8.97
N LEU A 80 3.77 15.36 -8.20
CA LEU A 80 2.55 14.76 -8.76
C LEU A 80 1.56 15.89 -8.94
N VAL A 81 1.25 16.19 -10.16
CA VAL A 81 0.32 17.31 -10.43
C VAL A 81 -1.13 16.88 -10.24
N LYS A 82 -1.92 17.72 -9.66
CA LYS A 82 -3.35 17.39 -9.43
C LYS A 82 -4.04 17.25 -10.78
N GLY A 83 -4.46 16.07 -11.10
CA GLY A 83 -5.14 15.85 -12.39
C GLY A 83 -4.37 14.82 -13.23
N GLN A 84 -3.15 14.54 -12.86
CA GLN A 84 -2.36 13.54 -13.61
C GLN A 84 -2.39 12.24 -12.83
N GLN A 85 -2.24 11.13 -13.49
CA GLN A 85 -2.24 9.85 -12.76
C GLN A 85 -0.80 9.39 -12.64
N TYR A 86 -0.49 8.58 -11.66
CA TYR A 86 0.91 8.13 -11.50
C TYR A 86 0.94 6.64 -11.23
N ASP A 87 2.01 5.98 -11.61
CA ASP A 87 2.09 4.51 -11.38
C ASP A 87 3.31 4.20 -10.51
N ILE A 88 3.08 3.73 -9.31
CA ILE A 88 4.22 3.41 -8.42
C ILE A 88 4.36 1.91 -8.20
N LYS A 89 5.50 1.39 -8.54
CA LYS A 89 5.79 -0.04 -8.29
C LYS A 89 6.73 -0.05 -7.09
N TYR A 90 6.26 -0.50 -5.96
CA TYR A 90 7.13 -0.41 -4.75
C TYR A 90 7.31 -1.76 -4.05
N THR A 91 8.50 -2.00 -3.55
CA THR A 91 8.77 -3.25 -2.80
C THR A 91 8.49 -2.94 -1.32
N TRP A 92 7.96 -3.86 -0.58
CA TRP A 92 7.62 -3.58 0.83
C TRP A 92 8.41 -4.49 1.77
N ASN A 93 9.59 -4.07 2.14
CA ASN A 93 10.43 -4.91 3.05
C ASN A 93 9.73 -5.04 4.40
N VAL A 94 9.16 -6.17 4.66
CA VAL A 94 8.46 -6.39 5.96
C VAL A 94 9.44 -6.12 7.11
N PRO A 95 8.94 -5.55 8.17
CA PRO A 95 9.75 -5.24 9.38
C PRO A 95 10.26 -6.51 10.07
N LYS A 96 9.90 -7.66 9.58
CA LYS A 96 10.37 -8.92 10.21
C LYS A 96 9.76 -9.05 11.62
N ILE A 97 8.94 -8.11 12.02
CA ILE A 97 8.32 -8.20 13.37
C ILE A 97 6.90 -8.71 13.20
N ALA A 98 6.30 -8.41 12.08
CA ALA A 98 4.90 -8.86 11.81
C ALA A 98 4.70 -10.22 12.47
N PRO A 99 3.79 -10.27 13.39
CA PRO A 99 3.49 -11.49 14.16
C PRO A 99 2.62 -12.43 13.32
N LYS A 100 2.36 -13.60 13.82
CA LYS A 100 1.51 -14.56 13.06
C LYS A 100 0.04 -14.19 13.27
N SER A 101 -0.38 -13.10 12.69
CA SER A 101 -1.79 -12.66 12.86
C SER A 101 -2.66 -13.46 11.88
N GLU A 102 -3.39 -14.44 12.38
CA GLU A 102 -4.24 -15.26 11.48
C GLU A 102 -4.93 -14.35 10.46
N ASN A 103 -5.21 -13.13 10.82
CA ASN A 103 -5.85 -12.21 9.86
C ASN A 103 -5.12 -10.86 9.85
N VAL A 104 -4.81 -10.35 8.70
CA VAL A 104 -4.09 -9.05 8.63
C VAL A 104 -4.77 -8.13 7.63
N VAL A 105 -4.79 -6.85 7.89
CA VAL A 105 -5.41 -5.90 6.93
C VAL A 105 -4.32 -4.91 6.52
N VAL A 106 -3.93 -4.93 5.28
CA VAL A 106 -2.85 -4.00 4.85
C VAL A 106 -3.44 -2.75 4.22
N THR A 107 -2.90 -1.61 4.55
CA THR A 107 -3.42 -0.32 4.01
C THR A 107 -2.32 0.36 3.20
N VAL A 108 -2.59 0.70 1.98
CA VAL A 108 -1.56 1.42 1.17
C VAL A 108 -1.96 2.89 1.14
N LYS A 109 -1.07 3.79 1.44
CA LYS A 109 -1.51 5.22 1.42
C LYS A 109 -0.44 6.15 0.85
N LEU A 110 -0.83 6.99 -0.05
CA LEU A 110 0.13 7.97 -0.62
C LEU A 110 -0.18 9.32 0.02
N ILE A 111 0.80 10.09 0.38
CA ILE A 111 0.50 11.38 1.02
C ILE A 111 1.41 12.47 0.48
N GLY A 112 0.87 13.40 -0.25
CA GLY A 112 1.69 14.51 -0.78
C GLY A 112 1.88 15.56 0.32
N ASP A 113 2.03 16.79 -0.05
CA ASP A 113 2.21 17.86 0.99
C ASP A 113 0.86 18.50 1.30
N ASN A 114 -0.18 18.09 0.64
CA ASN A 114 -1.53 18.70 0.91
C ASN A 114 -2.49 17.66 1.51
N GLY A 115 -2.04 16.44 1.68
CA GLY A 115 -2.96 15.41 2.28
C GLY A 115 -2.65 14.02 1.69
N VAL A 116 -3.50 13.06 1.94
CA VAL A 116 -3.25 11.68 1.40
C VAL A 116 -3.64 11.64 -0.08
N LEU A 117 -2.67 11.50 -0.94
CA LEU A 117 -2.98 11.43 -2.40
C LEU A 117 -3.89 10.23 -2.69
N ALA A 118 -3.64 9.11 -2.07
CA ALA A 118 -4.50 7.92 -2.33
C ALA A 118 -4.50 7.02 -1.09
N CYS A 119 -5.27 5.96 -1.12
CA CYS A 119 -5.31 5.07 0.06
C CYS A 119 -5.95 3.73 -0.34
N ALA A 120 -5.63 2.66 0.33
CA ALA A 120 -6.23 1.34 -0.05
C ALA A 120 -6.35 0.43 1.19
N ILE A 121 -7.27 -0.50 1.16
CA ILE A 121 -7.44 -1.42 2.31
C ILE A 121 -7.47 -2.86 1.81
N ALA A 122 -6.86 -3.78 2.50
CA ALA A 122 -6.88 -5.19 2.04
C ALA A 122 -7.54 -6.06 3.11
N THR A 123 -8.26 -7.08 2.72
CA THR A 123 -8.93 -7.95 3.72
C THR A 123 -8.69 -9.42 3.38
N HIS A 124 -9.05 -10.31 4.27
CA HIS A 124 -8.85 -11.76 4.00
C HIS A 124 -7.36 -12.07 3.88
N GLY A 125 -6.55 -11.48 4.71
CA GLY A 125 -5.09 -11.75 4.65
C GLY A 125 -4.67 -12.53 5.89
N LYS A 126 -3.53 -13.14 5.86
CA LYS A 126 -3.05 -13.91 7.05
C LYS A 126 -1.51 -13.86 7.08
N ILE A 127 -0.91 -13.67 8.21
CA ILE A 127 0.58 -13.63 8.25
C ILE A 127 1.14 -14.92 8.86
N ARG A 128 2.19 -15.42 8.30
CA ARG A 128 2.80 -16.68 8.83
C ARG A 128 4.31 -16.49 8.94
N ASP A 129 4.96 -17.33 9.70
CA ASP A 129 6.45 -17.21 9.83
C ASP A 129 7.11 -18.45 9.22
N ASP A 1 -0.63 -9.90 -10.51
CA ASP A 1 -2.05 -9.66 -10.89
C ASP A 1 -2.70 -8.74 -9.86
N GLN A 2 -3.76 -8.07 -10.24
CA GLN A 2 -4.44 -7.17 -9.27
C GLN A 2 -5.17 -8.00 -8.21
N VAL A 3 -5.05 -7.64 -6.96
CA VAL A 3 -5.73 -8.40 -5.89
C VAL A 3 -6.95 -7.61 -5.40
N ASP A 4 -7.78 -8.23 -4.62
CA ASP A 4 -8.99 -7.52 -4.12
C ASP A 4 -8.62 -6.54 -3.00
N VAL A 5 -8.96 -5.29 -3.18
CA VAL A 5 -8.67 -4.26 -2.14
C VAL A 5 -9.74 -3.18 -2.25
N LYS A 6 -9.97 -2.44 -1.20
CA LYS A 6 -11.01 -1.37 -1.26
C LYS A 6 -10.36 0.00 -1.05
N ASP A 7 -10.31 0.79 -2.08
CA ASP A 7 -9.70 2.14 -1.94
C ASP A 7 -10.27 2.86 -0.72
N CYS A 8 -9.51 3.75 -0.15
CA CYS A 8 -10.02 4.51 1.04
C CYS A 8 -9.82 6.00 0.79
N ALA A 9 -9.81 6.40 -0.45
CA ALA A 9 -9.62 7.85 -0.77
C ALA A 9 -10.85 8.40 -1.45
N ASN A 10 -11.02 8.09 -2.71
CA ASN A 10 -12.19 8.61 -3.45
C ASN A 10 -12.06 8.21 -4.93
N ASN A 11 -12.17 6.95 -5.23
CA ASN A 11 -12.04 6.51 -6.65
C ASN A 11 -10.70 7.01 -7.19
N GLU A 12 -9.69 7.03 -6.37
CA GLU A 12 -8.36 7.52 -6.83
C GLU A 12 -7.57 6.37 -7.45
N ILE A 13 -6.98 5.54 -6.64
CA ILE A 13 -6.19 4.40 -7.19
C ILE A 13 -7.00 3.71 -8.29
N LYS A 14 -6.40 3.54 -9.44
CA LYS A 14 -7.12 2.87 -10.56
C LYS A 14 -7.10 1.37 -10.31
N LYS A 15 -6.12 0.91 -9.57
CA LYS A 15 -6.02 -0.55 -9.27
C LYS A 15 -4.65 -0.83 -8.66
N VAL A 16 -4.61 -1.50 -7.55
CA VAL A 16 -3.31 -1.83 -6.91
C VAL A 16 -3.09 -3.33 -7.01
N MET A 17 -2.01 -3.75 -7.63
CA MET A 17 -1.77 -5.23 -7.79
C MET A 17 -0.59 -5.68 -6.92
N VAL A 18 -0.63 -6.91 -6.49
CA VAL A 18 0.49 -7.45 -5.66
C VAL A 18 1.11 -8.64 -6.41
N ASP A 19 2.32 -8.99 -6.09
CA ASP A 19 2.98 -10.13 -6.79
C ASP A 19 2.99 -11.35 -5.87
N GLY A 20 1.84 -11.93 -5.60
CA GLY A 20 1.81 -13.13 -4.71
C GLY A 20 0.38 -13.42 -4.26
N CYS A 21 -0.31 -12.43 -3.76
CA CYS A 21 -1.70 -12.67 -3.29
C CYS A 21 -2.66 -12.66 -4.48
N HIS A 22 -3.74 -13.38 -4.39
CA HIS A 22 -4.72 -13.41 -5.51
C HIS A 22 -5.83 -12.40 -5.23
N GLY A 23 -6.80 -12.34 -6.09
CA GLY A 23 -7.92 -11.37 -5.89
C GLY A 23 -8.71 -11.74 -4.63
N SER A 24 -9.98 -12.00 -4.77
CA SER A 24 -10.82 -12.36 -3.59
C SER A 24 -10.03 -13.24 -2.62
N ASP A 25 -9.33 -14.22 -3.13
CA ASP A 25 -8.54 -15.11 -2.22
C ASP A 25 -7.80 -14.25 -1.19
N PRO A 26 -7.46 -14.86 -0.09
CA PRO A 26 -6.74 -14.18 1.00
C PRO A 26 -5.25 -14.05 0.66
N CYS A 27 -4.51 -13.36 1.46
CA CYS A 27 -3.06 -13.19 1.16
C CYS A 27 -2.21 -13.72 2.32
N ILE A 28 -1.18 -14.46 2.04
CA ILE A 28 -0.31 -14.99 3.11
C ILE A 28 1.04 -14.28 3.05
N ILE A 29 1.32 -13.41 3.98
CA ILE A 29 2.61 -12.69 3.95
C ILE A 29 3.68 -13.50 4.68
N HIS A 30 4.74 -13.82 4.01
CA HIS A 30 5.82 -14.61 4.65
C HIS A 30 6.83 -13.65 5.30
N ARG A 31 6.74 -13.50 6.60
CA ARG A 31 7.66 -12.59 7.32
C ARG A 31 9.07 -12.65 6.75
N GLY A 32 9.77 -11.54 6.76
CA GLY A 32 11.16 -11.50 6.25
C GLY A 32 11.17 -11.44 4.72
N LYS A 33 10.02 -11.54 4.09
CA LYS A 33 10.00 -11.49 2.59
C LYS A 33 9.49 -10.13 2.12
N PRO A 34 9.93 -9.75 0.95
CA PRO A 34 9.54 -8.48 0.32
C PRO A 34 8.18 -8.58 -0.38
N PHE A 35 7.24 -7.81 0.06
CA PHE A 35 5.89 -7.81 -0.57
C PHE A 35 5.84 -6.64 -1.55
N THR A 36 5.56 -6.87 -2.79
CA THR A 36 5.55 -5.72 -3.75
C THR A 36 4.12 -5.36 -4.14
N LEU A 37 3.82 -4.09 -4.17
CA LEU A 37 2.46 -3.65 -4.56
C LEU A 37 2.58 -2.38 -5.40
N GLU A 38 2.03 -2.41 -6.58
CA GLU A 38 2.10 -1.21 -7.46
C GLU A 38 0.75 -0.53 -7.41
N ALA A 39 0.70 0.76 -7.25
CA ALA A 39 -0.61 1.43 -7.18
C ALA A 39 -0.66 2.61 -8.13
N LEU A 40 -1.57 2.58 -9.05
CA LEU A 40 -1.72 3.72 -9.98
C LEU A 40 -2.71 4.66 -9.31
N PHE A 41 -2.51 5.94 -9.39
CA PHE A 41 -3.47 6.83 -8.70
C PHE A 41 -3.49 8.21 -9.34
N ASP A 42 -4.65 8.78 -9.48
CA ASP A 42 -4.71 10.14 -10.09
C ASP A 42 -4.46 11.16 -8.99
N ALA A 43 -3.33 11.79 -9.03
CA ALA A 43 -3.00 12.78 -7.99
C ALA A 43 -4.22 13.67 -7.76
N ASN A 44 -4.80 13.60 -6.59
CA ASN A 44 -6.01 14.42 -6.32
C ASN A 44 -5.57 15.83 -5.88
N GLN A 45 -4.31 16.13 -6.01
CA GLN A 45 -3.83 17.48 -5.62
C GLN A 45 -2.40 17.68 -6.14
N ASN A 46 -1.98 18.92 -6.28
CA ASN A 46 -0.59 19.15 -6.79
C ASN A 46 0.38 19.18 -5.62
N THR A 47 1.35 18.29 -5.63
CA THR A 47 2.34 18.26 -4.51
C THR A 47 3.72 17.91 -5.07
N LYS A 48 4.76 18.34 -4.41
CA LYS A 48 6.14 18.04 -4.87
C LYS A 48 6.64 16.86 -4.06
N THR A 49 6.09 16.72 -2.90
CA THR A 49 6.51 15.62 -2.00
C THR A 49 5.38 14.62 -1.86
N ALA A 50 5.73 13.38 -1.89
CA ALA A 50 4.70 12.33 -1.76
C ALA A 50 5.26 11.19 -0.93
N LYS A 51 4.42 10.44 -0.28
CA LYS A 51 4.94 9.32 0.58
C LYS A 51 4.00 8.12 0.55
N ILE A 52 4.54 6.93 0.52
CA ILE A 52 3.66 5.74 0.55
C ILE A 52 3.54 5.30 2.01
N GLU A 53 2.46 4.68 2.38
CA GLU A 53 2.30 4.27 3.80
C GLU A 53 1.66 2.89 3.90
N ILE A 54 2.35 1.93 4.44
CA ILE A 54 1.75 0.58 4.56
C ILE A 54 1.63 0.21 6.04
N LYS A 55 0.44 0.05 6.52
CA LYS A 55 0.26 -0.33 7.94
C LYS A 55 -0.38 -1.70 8.01
N ALA A 56 -0.21 -2.41 9.08
CA ALA A 56 -0.82 -3.77 9.15
C ALA A 56 -1.55 -3.97 10.48
N SER A 57 -2.81 -4.31 10.42
CA SER A 57 -3.58 -4.54 11.67
C SER A 57 -3.46 -6.02 12.05
N LEU A 58 -3.44 -6.33 13.31
CA LEU A 58 -3.31 -7.76 13.72
C LEU A 58 -4.59 -8.22 14.41
N ASP A 59 -5.71 -7.97 13.79
CA ASP A 59 -7.01 -8.39 14.39
C ASP A 59 -7.17 -7.79 15.79
N GLY A 60 -6.38 -6.82 16.13
CA GLY A 60 -6.49 -6.20 17.49
C GLY A 60 -5.35 -5.21 17.72
N LEU A 61 -4.16 -5.55 17.30
CA LEU A 61 -3.02 -4.63 17.50
C LEU A 61 -2.63 -4.01 16.16
N GLU A 62 -2.86 -2.72 16.00
CA GLU A 62 -2.50 -2.06 14.73
C GLU A 62 -1.02 -1.67 14.78
N ILE A 63 -0.29 -1.94 13.73
CA ILE A 63 1.14 -1.61 13.72
C ILE A 63 1.45 -0.73 12.51
N ASP A 64 2.61 -0.15 12.52
CA ASP A 64 3.04 0.69 11.38
C ASP A 64 4.25 -0.03 10.77
N VAL A 65 4.10 -0.60 9.62
CA VAL A 65 5.23 -1.34 9.00
C VAL A 65 6.31 -0.39 8.48
N PRO A 66 7.47 -0.43 9.10
CA PRO A 66 8.61 0.42 8.72
C PRO A 66 9.37 -0.22 7.56
N GLY A 67 10.60 0.15 7.37
CA GLY A 67 11.41 -0.45 6.26
C GLY A 67 10.70 -0.22 4.93
N ILE A 68 9.83 0.74 4.86
CA ILE A 68 9.12 1.00 3.57
C ILE A 68 9.70 2.27 2.94
N ASP A 69 9.02 2.82 1.96
CA ASP A 69 9.54 4.06 1.31
C ASP A 69 8.73 5.27 1.75
N THR A 70 9.28 6.10 2.58
CA THR A 70 8.55 7.31 3.03
C THR A 70 8.79 8.43 2.01
N ASN A 71 8.65 8.11 0.76
CA ASN A 71 8.88 9.11 -0.32
C ASN A 71 8.70 8.39 -1.67
N ALA A 72 7.49 8.31 -2.15
CA ALA A 72 7.24 7.57 -3.42
C ALA A 72 7.73 8.36 -4.64
N CYS A 73 8.43 9.44 -4.45
CA CYS A 73 8.93 10.23 -5.61
C CYS A 73 9.95 9.38 -6.39
N HIS A 74 10.41 8.30 -5.82
CA HIS A 74 11.41 7.45 -6.51
C HIS A 74 10.71 6.52 -7.51
N PHE A 75 9.42 6.38 -7.39
CA PHE A 75 8.67 5.49 -8.31
C PHE A 75 7.60 6.30 -9.04
N VAL A 76 7.32 7.48 -8.58
CA VAL A 76 6.29 8.33 -9.25
C VAL A 76 6.96 9.63 -9.71
N LYS A 77 6.35 10.34 -10.60
CA LYS A 77 6.96 11.60 -11.11
C LYS A 77 6.41 12.82 -10.38
N CYS A 78 6.96 13.15 -9.24
CA CYS A 78 6.47 14.36 -8.51
C CYS A 78 7.17 15.58 -9.11
N PRO A 79 6.60 16.75 -8.93
CA PRO A 79 5.37 16.95 -8.13
C PRO A 79 4.15 16.31 -8.79
N LEU A 80 3.40 15.56 -8.03
CA LEU A 80 2.19 14.92 -8.59
C LEU A 80 1.17 16.00 -8.81
N VAL A 81 0.93 16.33 -10.02
CA VAL A 81 -0.03 17.40 -10.36
C VAL A 81 -1.46 16.87 -10.26
N LYS A 82 -2.33 17.64 -9.66
CA LYS A 82 -3.72 17.22 -9.52
C LYS A 82 -4.37 17.06 -10.88
N GLY A 83 -4.66 15.83 -11.25
CA GLY A 83 -5.29 15.58 -12.56
C GLY A 83 -4.48 14.57 -13.36
N GLN A 84 -3.25 14.34 -12.98
CA GLN A 84 -2.42 13.34 -13.72
C GLN A 84 -2.39 12.06 -12.91
N GLN A 85 -2.14 10.96 -13.54
CA GLN A 85 -2.07 9.69 -12.78
C GLN A 85 -0.61 9.28 -12.68
N TYR A 86 -0.26 8.54 -11.66
CA TYR A 86 1.16 8.15 -11.50
C TYR A 86 1.27 6.65 -11.23
N ASP A 87 2.37 6.06 -11.61
CA ASP A 87 2.53 4.60 -11.42
C ASP A 87 3.71 4.32 -10.50
N ILE A 88 3.47 3.79 -9.33
CA ILE A 88 4.59 3.50 -8.41
C ILE A 88 4.72 2.01 -8.15
N LYS A 89 5.83 1.44 -8.49
CA LYS A 89 6.08 0.01 -8.20
C LYS A 89 6.98 0.01 -6.97
N TYR A 90 6.46 -0.33 -5.83
CA TYR A 90 7.30 -0.25 -4.61
C TYR A 90 7.46 -1.60 -3.92
N THR A 91 8.65 -1.85 -3.42
CA THR A 91 8.89 -3.11 -2.68
C THR A 91 8.62 -2.80 -1.21
N TRP A 92 8.11 -3.75 -0.49
CA TRP A 92 7.75 -3.50 0.93
C TRP A 92 8.40 -4.56 1.81
N ASN A 93 9.56 -4.27 2.33
CA ASN A 93 10.25 -5.27 3.19
C ASN A 93 9.33 -5.64 4.35
N VAL A 94 8.73 -6.80 4.29
CA VAL A 94 7.84 -7.21 5.40
C VAL A 94 8.65 -7.20 6.69
N PRO A 95 8.04 -6.76 7.75
CA PRO A 95 8.71 -6.71 9.06
C PRO A 95 8.90 -8.12 9.61
N LYS A 96 10.11 -8.48 9.93
CA LYS A 96 10.39 -9.84 10.47
C LYS A 96 9.74 -9.98 11.86
N ILE A 97 9.15 -8.93 12.37
CA ILE A 97 8.51 -9.00 13.72
C ILE A 97 7.06 -9.47 13.57
N ALA A 98 6.51 -9.26 12.41
CA ALA A 98 5.10 -9.65 12.12
C ALA A 98 4.70 -10.88 12.97
N PRO A 99 3.69 -10.70 13.78
CA PRO A 99 3.18 -11.77 14.65
C PRO A 99 2.18 -12.60 13.85
N LYS A 100 2.25 -13.90 13.90
CA LYS A 100 1.26 -14.72 13.13
C LYS A 100 -0.14 -14.21 13.49
N SER A 101 -0.64 -13.29 12.74
CA SER A 101 -1.98 -12.72 13.04
C SER A 101 -3.04 -13.46 12.22
N GLU A 102 -3.91 -14.18 12.87
CA GLU A 102 -4.98 -14.93 12.15
C GLU A 102 -5.48 -14.07 10.99
N ASN A 103 -5.65 -12.80 11.21
CA ASN A 103 -6.12 -11.90 10.12
C ASN A 103 -5.28 -10.63 10.12
N VAL A 104 -4.94 -10.13 8.97
CA VAL A 104 -4.14 -8.90 8.90
C VAL A 104 -4.76 -7.95 7.88
N VAL A 105 -4.67 -6.68 8.11
CA VAL A 105 -5.25 -5.72 7.15
C VAL A 105 -4.15 -4.73 6.76
N VAL A 106 -3.75 -4.74 5.52
CA VAL A 106 -2.67 -3.82 5.10
C VAL A 106 -3.27 -2.58 4.47
N THR A 107 -2.73 -1.43 4.80
CA THR A 107 -3.27 -0.17 4.22
C THR A 107 -2.20 0.51 3.39
N VAL A 108 -2.40 0.63 2.11
CA VAL A 108 -1.39 1.33 1.28
C VAL A 108 -1.85 2.78 1.17
N LYS A 109 -1.01 3.73 1.45
CA LYS A 109 -1.49 5.13 1.41
C LYS A 109 -0.45 6.09 0.82
N LEU A 110 -0.84 6.88 -0.12
CA LEU A 110 0.08 7.89 -0.68
C LEU A 110 -0.30 9.22 -0.05
N ILE A 111 0.64 10.04 0.32
CA ILE A 111 0.29 11.31 0.97
C ILE A 111 1.15 12.44 0.41
N GLY A 112 0.54 13.38 -0.26
CA GLY A 112 1.32 14.52 -0.81
C GLY A 112 1.39 15.61 0.26
N ASP A 113 1.27 16.85 -0.13
CA ASP A 113 1.32 17.94 0.87
C ASP A 113 -0.09 18.48 1.13
N ASN A 114 -1.08 17.94 0.47
CA ASN A 114 -2.47 18.45 0.66
C ASN A 114 -3.36 17.35 1.27
N GLY A 115 -2.79 16.22 1.60
CA GLY A 115 -3.62 15.12 2.19
C GLY A 115 -3.15 13.77 1.66
N VAL A 116 -3.98 12.76 1.75
CA VAL A 116 -3.56 11.42 1.26
C VAL A 116 -3.83 11.32 -0.24
N LEU A 117 -2.80 11.29 -1.03
CA LEU A 117 -2.98 11.19 -2.51
C LEU A 117 -3.79 9.94 -2.87
N ALA A 118 -3.55 8.83 -2.21
CA ALA A 118 -4.30 7.59 -2.53
C ALA A 118 -4.39 6.72 -1.28
N CYS A 119 -5.11 5.63 -1.34
CA CYS A 119 -5.20 4.77 -0.13
C CYS A 119 -5.82 3.41 -0.50
N ALA A 120 -5.51 2.38 0.25
CA ALA A 120 -6.09 1.04 -0.05
C ALA A 120 -6.19 0.21 1.22
N ILE A 121 -7.15 -0.67 1.28
CA ILE A 121 -7.31 -1.53 2.49
C ILE A 121 -7.55 -2.97 2.00
N ALA A 122 -6.66 -3.88 2.30
CA ALA A 122 -6.85 -5.28 1.83
C ALA A 122 -7.29 -6.18 2.99
N THR A 123 -8.43 -6.80 2.89
CA THR A 123 -8.90 -7.70 3.97
C THR A 123 -8.57 -9.14 3.60
N HIS A 124 -9.28 -10.09 4.15
CA HIS A 124 -8.98 -11.52 3.81
C HIS A 124 -7.46 -11.75 3.89
N GLY A 125 -6.78 -11.02 4.74
CA GLY A 125 -5.31 -11.19 4.85
C GLY A 125 -4.95 -12.06 6.06
N LYS A 126 -3.81 -12.67 6.00
CA LYS A 126 -3.34 -13.53 7.13
C LYS A 126 -1.81 -13.57 7.08
N ILE A 127 -1.14 -13.44 8.20
CA ILE A 127 0.35 -13.44 8.15
C ILE A 127 0.94 -14.74 8.69
N ARG A 128 1.90 -15.30 8.00
CA ARG A 128 2.55 -16.55 8.49
C ARG A 128 4.03 -16.25 8.78
N ASP A 129 4.76 -17.21 9.26
CA ASP A 129 6.21 -16.98 9.56
C ASP A 129 7.03 -17.15 8.28
N ASP A 1 -1.37 -11.75 -9.39
CA ASP A 1 -2.63 -11.21 -9.98
C ASP A 1 -3.12 -10.04 -9.12
N GLN A 2 -4.21 -9.42 -9.52
CA GLN A 2 -4.72 -8.27 -8.73
C GLN A 2 -5.47 -8.78 -7.49
N VAL A 3 -5.32 -8.12 -6.38
CA VAL A 3 -6.00 -8.56 -5.13
C VAL A 3 -7.23 -7.67 -4.90
N ASP A 4 -8.08 -8.04 -3.98
CA ASP A 4 -9.29 -7.21 -3.71
C ASP A 4 -9.02 -6.16 -2.64
N VAL A 5 -9.23 -4.91 -2.96
CA VAL A 5 -9.02 -3.82 -1.97
C VAL A 5 -9.92 -2.64 -2.36
N LYS A 6 -10.37 -1.87 -1.40
CA LYS A 6 -11.28 -0.73 -1.75
C LYS A 6 -10.59 0.60 -1.47
N ASP A 7 -10.26 1.33 -2.51
CA ASP A 7 -9.61 2.66 -2.30
C ASP A 7 -10.47 3.49 -1.34
N CYS A 8 -9.85 4.12 -0.37
CA CYS A 8 -10.65 4.94 0.59
C CYS A 8 -10.42 6.42 0.32
N ALA A 9 -9.59 6.75 -0.62
CA ALA A 9 -9.34 8.20 -0.92
C ALA A 9 -10.54 8.76 -1.67
N ASN A 10 -10.86 8.19 -2.78
CA ASN A 10 -12.00 8.68 -3.60
C ASN A 10 -11.93 8.03 -4.97
N ASN A 11 -11.81 6.73 -5.00
CA ASN A 11 -11.69 6.02 -6.30
C ASN A 11 -10.39 6.49 -6.96
N GLU A 12 -9.52 7.09 -6.20
CA GLU A 12 -8.23 7.57 -6.77
C GLU A 12 -7.47 6.38 -7.38
N ILE A 13 -7.12 5.42 -6.57
CA ILE A 13 -6.38 4.24 -7.12
C ILE A 13 -7.23 3.56 -8.20
N LYS A 14 -6.66 3.34 -9.36
CA LYS A 14 -7.42 2.68 -10.45
C LYS A 14 -7.35 1.17 -10.31
N LYS A 15 -6.45 0.69 -9.49
CA LYS A 15 -6.31 -0.79 -9.30
C LYS A 15 -4.91 -1.10 -8.79
N VAL A 16 -4.81 -1.82 -7.71
CA VAL A 16 -3.46 -2.16 -7.17
C VAL A 16 -3.25 -3.68 -7.27
N MET A 17 -2.20 -4.09 -7.92
CA MET A 17 -1.97 -5.56 -8.07
C MET A 17 -0.69 -5.96 -7.34
N VAL A 18 -0.64 -7.16 -6.82
CA VAL A 18 0.58 -7.63 -6.10
C VAL A 18 1.00 -8.97 -6.70
N ASP A 19 2.25 -9.11 -7.06
CA ASP A 19 2.72 -10.38 -7.65
C ASP A 19 3.07 -11.38 -6.53
N GLY A 20 2.10 -12.12 -6.07
CA GLY A 20 2.37 -13.12 -4.99
C GLY A 20 1.05 -13.55 -4.36
N CYS A 21 0.39 -12.66 -3.66
CA CYS A 21 -0.90 -13.02 -3.03
C CYS A 21 -2.01 -13.05 -4.08
N HIS A 22 -3.24 -13.11 -3.67
CA HIS A 22 -4.36 -13.16 -4.67
C HIS A 22 -5.54 -12.31 -4.17
N GLY A 23 -6.55 -12.18 -4.98
CA GLY A 23 -7.74 -11.37 -4.56
C GLY A 23 -8.95 -12.29 -4.41
N SER A 24 -9.86 -11.95 -3.54
CA SER A 24 -11.05 -12.81 -3.33
C SER A 24 -10.64 -14.08 -2.59
N ASP A 25 -9.38 -14.18 -2.23
CA ASP A 25 -8.89 -15.38 -1.51
C ASP A 25 -7.99 -14.90 -0.36
N PRO A 26 -7.53 -15.83 0.44
CA PRO A 26 -6.66 -15.52 1.58
C PRO A 26 -5.24 -15.24 1.06
N CYS A 27 -4.62 -14.21 1.57
CA CYS A 27 -3.25 -13.86 1.11
C CYS A 27 -2.27 -14.13 2.26
N ILE A 28 -1.12 -14.67 1.95
CA ILE A 28 -0.13 -14.97 3.02
C ILE A 28 1.08 -14.06 2.86
N ILE A 29 1.30 -13.22 3.82
CA ILE A 29 2.48 -12.32 3.75
C ILE A 29 3.56 -12.84 4.70
N HIS A 30 4.69 -13.21 4.17
CA HIS A 30 5.76 -13.75 5.05
C HIS A 30 6.57 -12.57 5.64
N ARG A 31 6.67 -12.50 6.93
CA ARG A 31 7.45 -11.37 7.54
C ARG A 31 8.93 -11.55 7.26
N GLY A 32 9.56 -10.56 6.69
CA GLY A 32 11.01 -10.67 6.40
C GLY A 32 11.24 -10.71 4.89
N LYS A 33 10.19 -10.83 4.12
CA LYS A 33 10.34 -10.88 2.64
C LYS A 33 9.74 -9.62 2.02
N PRO A 34 10.18 -9.32 0.83
CA PRO A 34 9.72 -8.14 0.09
C PRO A 34 8.35 -8.37 -0.55
N PHE A 35 7.50 -7.39 -0.46
CA PHE A 35 6.13 -7.51 -1.05
C PHE A 35 6.00 -6.42 -2.12
N THR A 36 5.83 -6.80 -3.35
CA THR A 36 5.73 -5.77 -4.42
C THR A 36 4.27 -5.46 -4.74
N LEU A 37 3.96 -4.22 -4.91
CA LEU A 37 2.56 -3.83 -5.25
C LEU A 37 2.59 -2.58 -6.13
N GLU A 38 1.97 -2.63 -7.27
CA GLU A 38 1.95 -1.44 -8.14
C GLU A 38 0.61 -0.74 -7.96
N ALA A 39 0.61 0.52 -7.63
CA ALA A 39 -0.69 1.20 -7.42
C ALA A 39 -0.80 2.43 -8.30
N LEU A 40 -1.77 2.43 -9.17
CA LEU A 40 -1.99 3.62 -10.04
C LEU A 40 -2.96 4.52 -9.29
N PHE A 41 -2.77 5.79 -9.34
CA PHE A 41 -3.72 6.69 -8.62
C PHE A 41 -3.68 8.07 -9.24
N ASP A 42 -4.80 8.72 -9.36
CA ASP A 42 -4.79 10.07 -9.97
C ASP A 42 -4.46 11.09 -8.89
N ALA A 43 -3.32 11.69 -8.99
CA ALA A 43 -2.90 12.70 -7.99
C ALA A 43 -4.08 13.64 -7.73
N ASN A 44 -4.62 13.61 -6.55
CA ASN A 44 -5.77 14.50 -6.25
C ASN A 44 -5.24 15.84 -5.74
N GLN A 45 -3.97 16.07 -5.84
CA GLN A 45 -3.40 17.36 -5.36
C GLN A 45 -1.98 17.54 -5.89
N ASN A 46 -1.61 18.75 -6.20
CA ASN A 46 -0.23 18.99 -6.72
C ASN A 46 0.74 19.05 -5.53
N THR A 47 1.70 18.16 -5.50
CA THR A 47 2.66 18.15 -4.36
C THR A 47 4.08 17.90 -4.88
N LYS A 48 5.07 18.52 -4.27
CA LYS A 48 6.47 18.32 -4.72
C LYS A 48 7.05 17.08 -4.06
N THR A 49 6.35 16.52 -3.11
CA THR A 49 6.85 15.31 -2.44
C THR A 49 5.68 14.48 -1.96
N ALA A 50 5.79 13.20 -2.10
CA ALA A 50 4.69 12.31 -1.67
C ALA A 50 5.25 11.20 -0.80
N LYS A 51 4.44 10.62 0.05
CA LYS A 51 4.94 9.55 0.94
C LYS A 51 4.06 8.30 0.87
N ILE A 52 4.64 7.16 0.63
CA ILE A 52 3.83 5.93 0.62
C ILE A 52 4.07 5.24 1.96
N GLU A 53 3.04 4.90 2.66
CA GLU A 53 3.23 4.23 3.97
C GLU A 53 2.16 3.16 4.11
N ILE A 54 2.58 1.93 4.19
CA ILE A 54 1.63 0.80 4.30
C ILE A 54 1.43 0.45 5.77
N LYS A 55 0.20 0.35 6.20
CA LYS A 55 -0.06 0.03 7.62
C LYS A 55 -0.74 -1.33 7.73
N ALA A 56 -0.34 -2.11 8.67
CA ALA A 56 -0.95 -3.46 8.81
C ALA A 56 -1.62 -3.61 10.17
N SER A 57 -2.86 -4.02 10.18
CA SER A 57 -3.58 -4.20 11.48
C SER A 57 -3.96 -5.67 11.61
N LEU A 58 -3.31 -6.37 12.49
CA LEU A 58 -3.60 -7.82 12.67
C LEU A 58 -4.88 -8.00 13.47
N ASP A 59 -5.19 -9.21 13.83
CA ASP A 59 -6.44 -9.47 14.60
C ASP A 59 -6.48 -8.58 15.85
N GLY A 60 -5.35 -8.30 16.45
CA GLY A 60 -5.39 -7.44 17.68
C GLY A 60 -4.14 -6.56 17.78
N LEU A 61 -3.24 -6.62 16.84
CA LEU A 61 -2.03 -5.76 16.94
C LEU A 61 -2.06 -4.72 15.81
N GLU A 62 -2.31 -3.49 16.13
CA GLU A 62 -2.33 -2.44 15.07
C GLU A 62 -0.96 -1.75 15.04
N ILE A 63 -0.36 -1.68 13.88
CA ILE A 63 0.98 -1.06 13.78
C ILE A 63 1.13 -0.41 12.41
N ASP A 64 2.18 0.31 12.25
CA ASP A 64 2.49 0.96 10.97
C ASP A 64 3.71 0.24 10.39
N VAL A 65 3.56 -0.40 9.28
CA VAL A 65 4.69 -1.15 8.69
C VAL A 65 5.80 -0.19 8.24
N PRO A 66 6.90 -0.23 8.96
CA PRO A 66 8.08 0.63 8.70
C PRO A 66 9.02 -0.07 7.71
N GLY A 67 10.28 0.31 7.71
CA GLY A 67 11.25 -0.34 6.80
C GLY A 67 10.71 -0.34 5.37
N ILE A 68 10.19 0.77 4.91
CA ILE A 68 9.67 0.81 3.52
C ILE A 68 10.02 2.16 2.88
N ASP A 69 9.11 2.77 2.15
CA ASP A 69 9.45 4.06 1.49
C ASP A 69 8.55 5.19 2.02
N THR A 70 9.10 6.05 2.84
CA THR A 70 8.31 7.20 3.35
C THR A 70 8.54 8.38 2.40
N ASN A 71 8.39 8.13 1.14
CA ASN A 71 8.62 9.18 0.10
C ASN A 71 8.41 8.51 -1.27
N ALA A 72 7.17 8.38 -1.68
CA ALA A 72 6.87 7.68 -2.97
C ALA A 72 7.39 8.41 -4.19
N CYS A 73 7.97 9.58 -4.08
CA CYS A 73 8.47 10.26 -5.32
C CYS A 73 9.62 9.44 -5.92
N HIS A 74 10.08 8.46 -5.21
CA HIS A 74 11.17 7.61 -5.74
C HIS A 74 10.58 6.65 -6.78
N PHE A 75 9.34 6.27 -6.61
CA PHE A 75 8.71 5.35 -7.60
C PHE A 75 7.73 6.12 -8.49
N VAL A 76 7.32 7.27 -8.08
CA VAL A 76 6.37 8.07 -8.91
C VAL A 76 7.08 9.36 -9.36
N LYS A 77 6.50 10.09 -10.25
CA LYS A 77 7.17 11.32 -10.76
C LYS A 77 6.70 12.58 -10.02
N CYS A 78 7.37 12.95 -8.96
CA CYS A 78 6.98 14.19 -8.23
C CYS A 78 7.63 15.39 -8.93
N PRO A 79 7.02 16.54 -8.86
CA PRO A 79 5.78 16.78 -8.10
C PRO A 79 4.57 16.10 -8.73
N LEU A 80 3.81 15.41 -7.94
CA LEU A 80 2.59 14.77 -8.48
C LEU A 80 1.56 15.84 -8.73
N VAL A 81 1.39 16.19 -9.95
CA VAL A 81 0.42 17.27 -10.30
C VAL A 81 -1.01 16.77 -10.11
N LYS A 82 -1.86 17.59 -9.57
CA LYS A 82 -3.27 17.19 -9.35
C LYS A 82 -3.98 17.05 -10.68
N GLY A 83 -4.25 15.83 -11.08
CA GLY A 83 -4.94 15.63 -12.37
C GLY A 83 -4.22 14.56 -13.19
N GLN A 84 -2.99 14.27 -12.88
CA GLN A 84 -2.24 13.24 -13.64
C GLN A 84 -2.28 11.94 -12.86
N GLN A 85 -2.23 10.83 -13.52
CA GLN A 85 -2.22 9.55 -12.78
C GLN A 85 -0.78 9.09 -12.69
N TYR A 86 -0.41 8.51 -11.59
CA TYR A 86 0.99 8.07 -11.44
C TYR A 86 1.06 6.56 -11.19
N ASP A 87 2.12 5.94 -11.61
CA ASP A 87 2.25 4.47 -11.39
C ASP A 87 3.43 4.22 -10.46
N ILE A 88 3.17 3.70 -9.29
CA ILE A 88 4.29 3.46 -8.34
C ILE A 88 4.59 1.97 -8.21
N LYS A 89 5.75 1.58 -8.61
CA LYS A 89 6.17 0.16 -8.44
C LYS A 89 7.00 0.17 -7.16
N TYR A 90 6.53 -0.45 -6.12
CA TYR A 90 7.28 -0.37 -4.85
C TYR A 90 7.52 -1.73 -4.19
N THR A 91 8.71 -1.92 -3.68
CA THR A 91 9.03 -3.17 -2.95
C THR A 91 8.65 -2.91 -1.50
N TRP A 92 8.12 -3.88 -0.81
CA TRP A 92 7.68 -3.61 0.59
C TRP A 92 8.35 -4.57 1.56
N ASN A 93 9.51 -4.22 2.06
CA ASN A 93 10.20 -5.11 3.01
C ASN A 93 9.31 -5.31 4.22
N VAL A 94 8.67 -6.44 4.31
CA VAL A 94 7.77 -6.71 5.47
C VAL A 94 8.61 -6.71 6.75
N PRO A 95 8.04 -6.19 7.79
CA PRO A 95 8.72 -6.13 9.09
C PRO A 95 8.81 -7.54 9.68
N LYS A 96 9.98 -7.96 10.06
CA LYS A 96 10.17 -9.33 10.61
C LYS A 96 9.50 -9.46 11.99
N ILE A 97 8.84 -8.44 12.46
CA ILE A 97 8.18 -8.54 13.78
C ILE A 97 6.77 -9.08 13.60
N ALA A 98 6.21 -8.84 12.44
CA ALA A 98 4.83 -9.31 12.15
C ALA A 98 4.63 -10.71 12.75
N PRO A 99 3.73 -10.79 13.68
CA PRO A 99 3.41 -12.06 14.38
C PRO A 99 2.39 -12.83 13.56
N LYS A 100 2.54 -14.11 13.44
CA LYS A 100 1.54 -14.89 12.64
C LYS A 100 0.15 -14.61 13.20
N SER A 101 -0.50 -13.62 12.67
CA SER A 101 -1.86 -13.26 13.16
C SER A 101 -2.91 -13.87 12.23
N GLU A 102 -3.88 -14.56 12.79
CA GLU A 102 -4.94 -15.20 11.95
C GLU A 102 -5.34 -14.28 10.80
N ASN A 103 -5.59 -13.02 11.08
CA ASN A 103 -6.01 -12.10 9.98
C ASN A 103 -5.22 -10.79 10.07
N VAL A 104 -4.93 -10.22 8.93
CA VAL A 104 -4.17 -8.94 8.89
C VAL A 104 -4.83 -8.01 7.87
N VAL A 105 -4.77 -6.73 8.08
CA VAL A 105 -5.38 -5.78 7.12
C VAL A 105 -4.29 -4.86 6.61
N VAL A 106 -4.01 -4.88 5.34
CA VAL A 106 -2.93 -4.00 4.83
C VAL A 106 -3.53 -2.75 4.21
N THR A 107 -2.90 -1.62 4.44
CA THR A 107 -3.41 -0.34 3.90
C THR A 107 -2.32 0.37 3.10
N VAL A 108 -2.52 0.60 1.84
CA VAL A 108 -1.47 1.32 1.07
C VAL A 108 -1.89 2.79 1.02
N LYS A 109 -1.04 3.68 1.42
CA LYS A 109 -1.46 5.11 1.43
C LYS A 109 -0.39 6.01 0.82
N LEU A 110 -0.82 7.09 0.25
CA LEU A 110 0.13 8.07 -0.36
C LEU A 110 -0.24 9.44 0.19
N ILE A 111 0.71 10.24 0.55
CA ILE A 111 0.38 11.57 1.10
C ILE A 111 1.26 12.65 0.49
N GLY A 112 0.68 13.57 -0.21
CA GLY A 112 1.48 14.67 -0.84
C GLY A 112 1.66 15.79 0.18
N ASP A 113 1.19 16.97 -0.15
CA ASP A 113 1.33 18.11 0.80
C ASP A 113 -0.05 18.69 1.09
N ASN A 114 -1.06 18.20 0.44
CA ASN A 114 -2.43 18.73 0.68
C ASN A 114 -3.32 17.66 1.31
N GLY A 115 -2.83 16.45 1.43
CA GLY A 115 -3.64 15.37 2.04
C GLY A 115 -3.13 14.00 1.56
N VAL A 116 -3.92 12.97 1.70
CA VAL A 116 -3.47 11.63 1.26
C VAL A 116 -3.71 11.48 -0.24
N LEU A 117 -2.66 11.46 -1.02
CA LEU A 117 -2.82 11.32 -2.50
C LEU A 117 -3.71 10.12 -2.82
N ALA A 118 -3.59 9.03 -2.11
CA ALA A 118 -4.45 7.85 -2.42
C ALA A 118 -4.61 6.98 -1.18
N CYS A 119 -5.08 5.78 -1.33
CA CYS A 119 -5.23 4.91 -0.14
C CYS A 119 -5.91 3.59 -0.56
N ALA A 120 -5.59 2.50 0.09
CA ALA A 120 -6.22 1.20 -0.28
C ALA A 120 -6.37 0.34 0.98
N ILE A 121 -7.41 -0.46 1.06
CA ILE A 121 -7.60 -1.30 2.26
C ILE A 121 -7.96 -2.73 1.82
N ALA A 122 -7.37 -3.70 2.44
CA ALA A 122 -7.68 -5.11 2.06
C ALA A 122 -8.41 -5.79 3.22
N THR A 123 -9.49 -6.48 2.95
CA THR A 123 -10.24 -7.15 4.04
C THR A 123 -10.21 -8.67 3.81
N HIS A 124 -9.04 -9.24 3.72
CA HIS A 124 -8.93 -10.71 3.50
C HIS A 124 -7.44 -11.07 3.39
N GLY A 125 -6.69 -10.80 4.42
CA GLY A 125 -5.23 -11.11 4.38
C GLY A 125 -4.83 -11.89 5.63
N LYS A 126 -3.68 -12.50 5.61
CA LYS A 126 -3.21 -13.27 6.79
C LYS A 126 -1.67 -13.27 6.77
N ILE A 127 -1.02 -13.23 7.90
CA ILE A 127 0.48 -13.22 7.87
C ILE A 127 1.02 -14.58 8.32
N ARG A 128 2.06 -15.05 7.69
CA ARG A 128 2.66 -16.37 8.07
C ARG A 128 4.16 -16.19 8.28
N ASP A 129 4.85 -17.25 8.63
CA ASP A 129 6.32 -17.13 8.85
C ASP A 129 7.06 -18.08 7.88
N ASP A 1 -3.08 -12.71 -9.75
CA ASP A 1 -3.64 -11.48 -10.38
C ASP A 1 -3.77 -10.38 -9.32
N GLN A 2 -4.66 -9.46 -9.51
CA GLN A 2 -4.84 -8.36 -8.53
C GLN A 2 -5.53 -8.89 -7.28
N VAL A 3 -5.31 -8.25 -6.15
CA VAL A 3 -5.94 -8.70 -4.90
C VAL A 3 -7.12 -7.76 -4.56
N ASP A 4 -8.04 -8.21 -3.75
CA ASP A 4 -9.20 -7.34 -3.40
C ASP A 4 -8.74 -6.19 -2.51
N VAL A 5 -8.90 -4.96 -2.96
CA VAL A 5 -8.48 -3.79 -2.14
C VAL A 5 -9.54 -2.69 -2.25
N LYS A 6 -9.83 -2.02 -1.17
CA LYS A 6 -10.83 -0.93 -1.21
C LYS A 6 -10.14 0.41 -0.99
N ASP A 7 -10.06 1.22 -2.02
CA ASP A 7 -9.40 2.54 -1.86
C ASP A 7 -10.15 3.36 -0.82
N CYS A 8 -9.49 3.75 0.24
CA CYS A 8 -10.19 4.54 1.31
C CYS A 8 -9.95 6.04 1.06
N ALA A 9 -9.64 6.42 -0.14
CA ALA A 9 -9.40 7.86 -0.43
C ALA A 9 -10.67 8.50 -0.98
N ASN A 10 -10.90 8.34 -2.26
CA ASN A 10 -12.11 8.96 -2.88
C ASN A 10 -12.12 8.65 -4.38
N ASN A 11 -12.07 7.40 -4.74
CA ASN A 11 -12.07 7.04 -6.19
C ASN A 11 -10.76 7.52 -6.82
N GLU A 12 -9.65 7.16 -6.24
CA GLU A 12 -8.34 7.60 -6.80
C GLU A 12 -7.57 6.39 -7.32
N ILE A 13 -7.23 5.46 -6.47
CA ILE A 13 -6.46 4.26 -6.92
C ILE A 13 -7.24 3.55 -8.03
N LYS A 14 -6.63 3.38 -9.18
CA LYS A 14 -7.32 2.67 -10.29
C LYS A 14 -7.42 1.18 -9.95
N LYS A 15 -6.62 0.74 -9.00
CA LYS A 15 -6.60 -0.69 -8.57
C LYS A 15 -5.18 -1.02 -8.16
N VAL A 16 -5.02 -1.78 -7.13
CA VAL A 16 -3.66 -2.14 -6.67
C VAL A 16 -3.48 -3.65 -6.83
N MET A 17 -2.42 -4.07 -7.47
CA MET A 17 -2.23 -5.53 -7.68
C MET A 17 -0.86 -5.98 -7.14
N VAL A 18 -0.79 -7.18 -6.61
CA VAL A 18 0.51 -7.68 -6.07
C VAL A 18 1.16 -8.58 -7.13
N ASP A 19 2.42 -8.89 -6.97
CA ASP A 19 3.08 -9.77 -7.97
C ASP A 19 2.19 -10.97 -8.25
N GLY A 20 1.41 -11.40 -7.28
CA GLY A 20 0.50 -12.56 -7.51
C GLY A 20 0.29 -13.35 -6.21
N CYS A 21 -0.83 -13.15 -5.56
CA CYS A 21 -1.12 -13.89 -4.31
C CYS A 21 -2.50 -14.53 -4.41
N HIS A 22 -3.50 -13.76 -4.74
CA HIS A 22 -4.87 -14.33 -4.86
C HIS A 22 -5.90 -13.22 -4.92
N GLY A 23 -6.30 -12.72 -3.80
CA GLY A 23 -7.32 -11.63 -3.77
C GLY A 23 -8.54 -12.13 -2.99
N SER A 24 -9.63 -12.41 -3.66
CA SER A 24 -10.83 -12.92 -2.94
C SER A 24 -10.38 -14.04 -1.99
N ASP A 25 -9.50 -14.87 -2.44
CA ASP A 25 -8.99 -15.99 -1.59
C ASP A 25 -8.06 -15.41 -0.51
N PRO A 26 -7.62 -16.25 0.38
CA PRO A 26 -6.71 -15.84 1.46
C PRO A 26 -5.27 -15.73 0.94
N CYS A 27 -4.58 -14.68 1.29
CA CYS A 27 -3.18 -14.51 0.83
C CYS A 27 -2.25 -14.63 2.05
N ILE A 28 -1.10 -15.22 1.87
CA ILE A 28 -0.17 -15.39 3.03
C ILE A 28 1.03 -14.46 2.87
N ILE A 29 1.19 -13.56 3.79
CA ILE A 29 2.36 -12.63 3.74
C ILE A 29 3.45 -13.17 4.67
N HIS A 30 4.59 -13.50 4.14
CA HIS A 30 5.67 -14.03 5.01
C HIS A 30 6.62 -12.91 5.44
N ARG A 31 6.79 -12.72 6.71
CA ARG A 31 7.71 -11.64 7.19
C ARG A 31 9.13 -12.00 6.79
N GLY A 32 9.97 -11.00 6.60
CA GLY A 32 11.38 -11.28 6.21
C GLY A 32 11.47 -11.28 4.68
N LYS A 33 10.36 -11.41 4.01
CA LYS A 33 10.36 -11.42 2.52
C LYS A 33 9.78 -10.10 2.01
N PRO A 34 10.28 -9.68 0.87
CA PRO A 34 9.83 -8.43 0.24
C PRO A 34 8.49 -8.61 -0.47
N PHE A 35 7.52 -7.82 -0.09
CA PHE A 35 6.17 -7.91 -0.74
C PHE A 35 6.06 -6.78 -1.76
N THR A 36 5.82 -7.08 -3.00
CA THR A 36 5.72 -6.00 -4.02
C THR A 36 4.27 -5.66 -4.34
N LEU A 37 3.95 -4.40 -4.45
CA LEU A 37 2.56 -4.00 -4.76
C LEU A 37 2.58 -2.75 -5.64
N GLU A 38 1.90 -2.78 -6.75
CA GLU A 38 1.88 -1.58 -7.65
C GLU A 38 0.53 -0.89 -7.50
N ALA A 39 0.51 0.40 -7.27
CA ALA A 39 -0.80 1.08 -7.12
C ALA A 39 -0.87 2.29 -8.06
N LEU A 40 -1.84 2.30 -8.93
CA LEU A 40 -2.00 3.47 -9.83
C LEU A 40 -2.94 4.43 -9.12
N PHE A 41 -2.72 5.70 -9.20
CA PHE A 41 -3.62 6.63 -8.49
C PHE A 41 -3.56 8.00 -9.14
N ASP A 42 -4.69 8.62 -9.34
CA ASP A 42 -4.68 9.96 -9.96
C ASP A 42 -4.42 10.99 -8.87
N ALA A 43 -3.29 11.62 -8.93
CA ALA A 43 -2.94 12.63 -7.90
C ALA A 43 -4.16 13.54 -7.68
N ASN A 44 -4.76 13.47 -6.53
CA ASN A 44 -5.95 14.33 -6.27
C ASN A 44 -5.49 15.71 -5.80
N GLN A 45 -4.21 15.98 -5.89
CA GLN A 45 -3.69 17.30 -5.46
C GLN A 45 -2.26 17.46 -5.96
N ASN A 46 -1.86 18.65 -6.30
CA ASN A 46 -0.48 18.85 -6.81
C ASN A 46 0.47 19.02 -5.63
N THR A 47 1.43 18.15 -5.50
CA THR A 47 2.39 18.25 -4.36
C THR A 47 3.80 17.98 -4.88
N LYS A 48 4.79 18.41 -4.15
CA LYS A 48 6.20 18.19 -4.57
C LYS A 48 6.72 17.02 -3.77
N THR A 49 6.17 16.86 -2.61
CA THR A 49 6.59 15.76 -1.71
C THR A 49 5.48 14.75 -1.59
N ALA A 50 5.83 13.51 -1.62
CA ALA A 50 4.82 12.45 -1.50
C ALA A 50 5.39 11.31 -0.67
N LYS A 51 4.56 10.56 -0.01
CA LYS A 51 5.07 9.45 0.82
C LYS A 51 4.14 8.25 0.74
N ILE A 52 4.68 7.07 0.70
CA ILE A 52 3.80 5.87 0.68
C ILE A 52 3.64 5.40 2.12
N GLU A 53 2.54 4.80 2.44
CA GLU A 53 2.34 4.36 3.84
C GLU A 53 1.66 2.99 3.87
N ILE A 54 2.33 2.01 4.38
CA ILE A 54 1.70 0.67 4.46
C ILE A 54 1.48 0.32 5.93
N LYS A 55 0.26 0.23 6.35
CA LYS A 55 -0.01 -0.12 7.78
C LYS A 55 -0.68 -1.48 7.85
N ALA A 56 -0.19 -2.34 8.69
CA ALA A 56 -0.80 -3.69 8.80
C ALA A 56 -1.57 -3.83 10.11
N SER A 57 -2.80 -4.25 10.04
CA SER A 57 -3.61 -4.44 11.28
C SER A 57 -3.56 -5.91 11.67
N LEU A 58 -3.67 -6.20 12.94
CA LEU A 58 -3.61 -7.62 13.38
C LEU A 58 -5.02 -8.10 13.77
N ASP A 59 -6.02 -7.68 13.04
CA ASP A 59 -7.40 -8.12 13.37
C ASP A 59 -7.78 -7.62 14.77
N GLY A 60 -6.99 -6.73 15.32
CA GLY A 60 -7.31 -6.20 16.68
C GLY A 60 -6.28 -5.13 17.05
N LEU A 61 -5.02 -5.39 16.81
CA LEU A 61 -3.97 -4.38 17.14
C LEU A 61 -3.44 -3.76 15.85
N GLU A 62 -3.72 -2.51 15.62
CA GLU A 62 -3.24 -1.86 14.37
C GLU A 62 -1.77 -1.46 14.52
N ILE A 63 -0.96 -1.75 13.54
CA ILE A 63 0.47 -1.41 13.62
C ILE A 63 0.85 -0.55 12.42
N ASP A 64 2.00 0.03 12.48
CA ASP A 64 2.51 0.85 11.34
C ASP A 64 3.75 0.14 10.81
N VAL A 65 3.71 -0.34 9.60
CA VAL A 65 4.87 -1.10 9.05
C VAL A 65 5.94 -0.14 8.49
N PRO A 66 7.09 -0.15 9.11
CA PRO A 66 8.24 0.67 8.70
C PRO A 66 9.02 -0.07 7.61
N GLY A 67 10.28 0.24 7.45
CA GLY A 67 11.10 -0.46 6.42
C GLY A 67 10.49 -0.27 5.04
N ILE A 68 9.92 0.88 4.77
CA ILE A 68 9.31 1.13 3.45
C ILE A 68 9.90 2.41 2.87
N ASP A 69 9.19 3.05 1.98
CA ASP A 69 9.70 4.30 1.38
C ASP A 69 8.89 5.48 1.90
N THR A 70 9.45 6.29 2.75
CA THR A 70 8.71 7.47 3.26
C THR A 70 8.94 8.62 2.29
N ASN A 71 8.80 8.33 1.03
CA ASN A 71 9.00 9.34 -0.04
C ASN A 71 8.87 8.60 -1.37
N ALA A 72 7.66 8.44 -1.83
CA ALA A 72 7.43 7.68 -3.10
C ALA A 72 8.00 8.42 -4.31
N CYS A 73 8.63 9.55 -4.12
CA CYS A 73 9.21 10.28 -5.28
C CYS A 73 10.29 9.42 -5.94
N HIS A 74 10.71 8.36 -5.30
CA HIS A 74 11.77 7.50 -5.89
C HIS A 74 11.16 6.52 -6.90
N PHE A 75 9.87 6.37 -6.87
CA PHE A 75 9.20 5.43 -7.80
C PHE A 75 8.16 6.18 -8.63
N VAL A 76 7.80 7.37 -8.22
CA VAL A 76 6.81 8.17 -8.99
C VAL A 76 7.46 9.49 -9.37
N LYS A 77 6.83 10.24 -10.22
CA LYS A 77 7.44 11.53 -10.67
C LYS A 77 6.82 12.74 -9.96
N CYS A 78 7.34 13.12 -8.81
CA CYS A 78 6.79 14.33 -8.12
C CYS A 78 7.54 15.55 -8.67
N PRO A 79 6.93 16.72 -8.56
CA PRO A 79 5.62 16.92 -7.90
C PRO A 79 4.48 16.23 -8.63
N LEU A 80 3.75 15.41 -7.94
CA LEU A 80 2.60 14.73 -8.56
C LEU A 80 1.55 15.78 -8.79
N VAL A 81 1.21 16.02 -10.01
CA VAL A 81 0.23 17.09 -10.31
C VAL A 81 -1.20 16.57 -10.16
N LYS A 82 -2.05 17.39 -9.60
CA LYS A 82 -3.46 17.00 -9.41
C LYS A 82 -4.14 16.84 -10.76
N GLY A 83 -4.42 15.63 -11.13
CA GLY A 83 -5.08 15.40 -12.43
C GLY A 83 -4.29 14.37 -13.24
N GLN A 84 -3.05 14.17 -12.90
CA GLN A 84 -2.22 13.17 -13.63
C GLN A 84 -2.24 11.88 -12.83
N GLN A 85 -2.09 10.76 -13.47
CA GLN A 85 -2.09 9.50 -12.70
C GLN A 85 -0.65 8.98 -12.62
N TYR A 86 -0.28 8.40 -11.53
CA TYR A 86 1.10 7.90 -11.38
C TYR A 86 1.09 6.40 -11.12
N ASP A 87 2.10 5.72 -11.55
CA ASP A 87 2.16 4.25 -11.31
C ASP A 87 3.41 3.96 -10.48
N ILE A 88 3.23 3.59 -9.25
CA ILE A 88 4.40 3.33 -8.37
C ILE A 88 4.60 1.83 -8.13
N LYS A 89 5.74 1.34 -8.49
CA LYS A 89 6.08 -0.08 -8.23
C LYS A 89 6.99 -0.03 -7.01
N TYR A 90 6.56 -0.54 -5.89
CA TYR A 90 7.41 -0.41 -4.67
C TYR A 90 7.64 -1.76 -3.99
N THR A 91 8.84 -1.99 -3.52
CA THR A 91 9.11 -3.25 -2.79
C THR A 91 8.94 -2.95 -1.30
N TRP A 92 7.88 -3.43 -0.74
CA TRP A 92 7.58 -3.19 0.70
C TRP A 92 8.36 -4.18 1.56
N ASN A 93 9.51 -3.78 2.03
CA ASN A 93 10.33 -4.69 2.88
C ASN A 93 9.61 -4.91 4.21
N VAL A 94 9.12 -6.10 4.42
CA VAL A 94 8.42 -6.40 5.71
C VAL A 94 9.42 -6.18 6.85
N PRO A 95 8.94 -5.66 7.95
CA PRO A 95 9.78 -5.39 9.14
C PRO A 95 10.29 -6.68 9.78
N LYS A 96 9.77 -7.81 9.39
CA LYS A 96 10.23 -9.09 9.98
C LYS A 96 9.64 -9.25 11.39
N ILE A 97 8.98 -8.23 11.89
CA ILE A 97 8.37 -8.34 13.24
C ILE A 97 6.93 -8.80 13.08
N ALA A 98 6.34 -8.48 11.96
CA ALA A 98 4.93 -8.87 11.71
C ALA A 98 4.67 -10.22 12.39
N PRO A 99 3.76 -10.21 13.32
CA PRO A 99 3.42 -11.40 14.10
C PRO A 99 2.41 -12.25 13.35
N LYS A 100 2.56 -13.55 13.36
CA LYS A 100 1.59 -14.42 12.65
C LYS A 100 0.19 -14.01 13.09
N SER A 101 -0.40 -13.09 12.39
CA SER A 101 -1.75 -12.60 12.76
C SER A 101 -2.80 -13.38 11.97
N GLU A 102 -3.73 -13.99 12.67
CA GLU A 102 -4.79 -14.78 11.96
C GLU A 102 -5.26 -13.97 10.76
N ASN A 103 -5.50 -12.70 10.95
CA ASN A 103 -5.95 -11.85 9.83
C ASN A 103 -5.11 -10.58 9.79
N VAL A 104 -4.78 -10.11 8.62
CA VAL A 104 -3.96 -8.87 8.51
C VAL A 104 -4.60 -7.93 7.50
N VAL A 105 -4.51 -6.65 7.74
CA VAL A 105 -5.08 -5.68 6.79
C VAL A 105 -3.98 -4.69 6.41
N VAL A 106 -3.58 -4.69 5.18
CA VAL A 106 -2.50 -3.77 4.78
C VAL A 106 -3.11 -2.50 4.19
N THR A 107 -2.59 -1.36 4.55
CA THR A 107 -3.15 -0.10 4.01
C THR A 107 -2.09 0.64 3.21
N VAL A 108 -2.26 0.74 1.94
CA VAL A 108 -1.28 1.47 1.12
C VAL A 108 -1.77 2.90 1.01
N LYS A 109 -0.96 3.86 1.37
CA LYS A 109 -1.48 5.24 1.34
C LYS A 109 -0.43 6.24 0.86
N LEU A 110 -0.79 7.08 -0.06
CA LEU A 110 0.17 8.11 -0.55
C LEU A 110 -0.24 9.43 0.07
N ILE A 111 0.70 10.22 0.52
CA ILE A 111 0.33 11.51 1.15
C ILE A 111 1.14 12.64 0.53
N GLY A 112 0.49 13.61 -0.04
CA GLY A 112 1.22 14.75 -0.65
C GLY A 112 1.33 15.86 0.40
N ASP A 113 1.28 17.10 -0.03
CA ASP A 113 1.39 18.22 0.95
C ASP A 113 0.01 18.78 1.26
N ASN A 114 -1.02 18.25 0.64
CA ASN A 114 -2.39 18.78 0.91
C ASN A 114 -3.24 17.70 1.59
N GLY A 115 -2.77 16.49 1.64
CA GLY A 115 -3.57 15.42 2.29
C GLY A 115 -3.11 14.05 1.81
N VAL A 116 -4.00 13.10 1.73
CA VAL A 116 -3.61 11.74 1.27
C VAL A 116 -3.79 11.62 -0.23
N LEU A 117 -2.71 11.55 -0.97
CA LEU A 117 -2.82 11.41 -2.45
C LEU A 117 -3.73 10.24 -2.80
N ALA A 118 -3.58 9.12 -2.13
CA ALA A 118 -4.43 7.94 -2.43
C ALA A 118 -4.45 7.00 -1.23
N CYS A 119 -5.12 5.88 -1.34
CA CYS A 119 -5.17 4.95 -0.19
C CYS A 119 -5.71 3.58 -0.63
N ALA A 120 -5.39 2.53 0.08
CA ALA A 120 -5.87 1.17 -0.30
C ALA A 120 -5.98 0.28 0.95
N ILE A 121 -6.89 -0.65 0.96
CA ILE A 121 -7.02 -1.55 2.14
C ILE A 121 -7.25 -2.99 1.68
N ALA A 122 -6.38 -3.90 2.05
CA ALA A 122 -6.57 -5.32 1.64
C ALA A 122 -7.26 -6.07 2.76
N THR A 123 -8.17 -6.96 2.44
CA THR A 123 -8.89 -7.71 3.49
C THR A 123 -8.75 -9.22 3.24
N HIS A 124 -9.18 -10.02 4.18
CA HIS A 124 -9.07 -11.50 4.01
C HIS A 124 -7.60 -11.90 3.89
N GLY A 125 -6.73 -11.14 4.51
CA GLY A 125 -5.28 -11.47 4.44
C GLY A 125 -4.85 -12.21 5.70
N LYS A 126 -3.73 -12.87 5.66
CA LYS A 126 -3.24 -13.60 6.86
C LYS A 126 -1.71 -13.63 6.81
N ILE A 127 -1.04 -13.35 7.89
CA ILE A 127 0.44 -13.39 7.85
C ILE A 127 0.96 -14.70 8.42
N ARG A 128 1.99 -15.23 7.83
CA ARG A 128 2.56 -16.51 8.33
C ARG A 128 4.08 -16.39 8.44
N ASP A 129 4.73 -17.40 8.92
CA ASP A 129 6.22 -17.33 9.04
C ASP A 129 6.86 -18.10 7.88
N ASP A 1 -2.24 -10.10 -10.60
CA ASP A 1 -3.13 -9.03 -11.14
C ASP A 1 -3.69 -8.20 -9.99
N GLN A 2 -4.68 -7.39 -10.25
CA GLN A 2 -5.28 -6.55 -9.18
C GLN A 2 -5.94 -7.43 -8.13
N VAL A 3 -6.09 -6.93 -6.94
CA VAL A 3 -6.73 -7.71 -5.85
C VAL A 3 -7.90 -6.91 -5.27
N ASP A 4 -8.79 -7.55 -4.54
CA ASP A 4 -9.93 -6.81 -3.96
C ASP A 4 -9.44 -5.92 -2.83
N VAL A 5 -9.63 -4.63 -2.95
CA VAL A 5 -9.17 -3.70 -1.88
C VAL A 5 -10.22 -2.62 -1.67
N LYS A 6 -10.05 -1.79 -0.67
CA LYS A 6 -11.05 -0.72 -0.41
C LYS A 6 -10.35 0.64 -0.45
N ASP A 7 -10.60 1.41 -1.47
CA ASP A 7 -9.96 2.76 -1.56
C ASP A 7 -10.69 3.71 -0.61
N CYS A 8 -10.01 4.25 0.36
CA CYS A 8 -10.69 5.18 1.31
C CYS A 8 -10.41 6.63 0.91
N ALA A 9 -9.90 6.86 -0.27
CA ALA A 9 -9.61 8.26 -0.70
C ALA A 9 -10.81 8.81 -1.47
N ASN A 10 -10.97 8.33 -2.67
CA ASN A 10 -12.10 8.82 -3.52
C ASN A 10 -11.90 8.22 -4.91
N ASN A 11 -11.97 6.93 -5.03
CA ASN A 11 -11.75 6.27 -6.35
C ASN A 11 -10.34 6.64 -6.82
N GLU A 12 -9.51 7.06 -5.90
CA GLU A 12 -8.11 7.44 -6.26
C GLU A 12 -7.41 6.26 -6.91
N ILE A 13 -6.91 5.34 -6.13
CA ILE A 13 -6.22 4.17 -6.73
C ILE A 13 -7.16 3.46 -7.70
N LYS A 14 -6.73 3.28 -8.93
CA LYS A 14 -7.60 2.59 -9.91
C LYS A 14 -7.59 1.10 -9.62
N LYS A 15 -6.56 0.62 -8.98
CA LYS A 15 -6.45 -0.83 -8.64
C LYS A 15 -5.02 -1.12 -8.18
N VAL A 16 -4.87 -1.70 -7.03
CA VAL A 16 -3.51 -2.01 -6.53
C VAL A 16 -3.27 -3.52 -6.69
N MET A 17 -2.22 -3.91 -7.36
CA MET A 17 -1.99 -5.37 -7.57
C MET A 17 -0.76 -5.83 -6.78
N VAL A 18 -0.76 -7.07 -6.37
CA VAL A 18 0.40 -7.63 -5.64
C VAL A 18 1.12 -8.62 -6.56
N ASP A 19 2.34 -8.97 -6.24
CA ASP A 19 3.07 -9.93 -7.11
C ASP A 19 2.74 -11.36 -6.68
N GLY A 20 1.50 -11.77 -6.80
CA GLY A 20 1.12 -13.15 -6.41
C GLY A 20 -0.39 -13.25 -6.25
N CYS A 21 -0.88 -13.11 -5.05
CA CYS A 21 -2.36 -13.20 -4.82
C CYS A 21 -3.10 -12.45 -5.93
N HIS A 22 -4.33 -12.83 -6.17
CA HIS A 22 -5.11 -12.15 -7.25
C HIS A 22 -6.60 -12.45 -7.08
N GLY A 23 -7.37 -11.48 -6.66
CA GLY A 23 -8.83 -11.71 -6.50
C GLY A 23 -9.17 -11.85 -5.01
N SER A 24 -10.16 -12.63 -4.70
CA SER A 24 -10.55 -12.81 -3.27
C SER A 24 -9.73 -13.94 -2.66
N ASP A 25 -8.60 -14.26 -3.22
CA ASP A 25 -7.76 -15.36 -2.66
C ASP A 25 -7.01 -14.83 -1.43
N PRO A 26 -6.63 -15.75 -0.58
CA PRO A 26 -5.90 -15.42 0.66
C PRO A 26 -4.42 -15.14 0.34
N CYS A 27 -3.74 -14.44 1.21
CA CYS A 27 -2.31 -14.13 0.97
C CYS A 27 -1.48 -14.49 2.21
N ILE A 28 -0.30 -15.01 2.02
CA ILE A 28 0.54 -15.36 3.19
C ILE A 28 1.76 -14.44 3.21
N ILE A 29 1.85 -13.60 4.20
CA ILE A 29 3.03 -12.69 4.27
C ILE A 29 4.04 -13.27 5.26
N HIS A 30 5.18 -13.70 4.79
CA HIS A 30 6.20 -14.25 5.71
C HIS A 30 7.07 -13.09 6.19
N ARG A 31 6.89 -12.65 7.41
CA ARG A 31 7.70 -11.51 7.91
C ARG A 31 9.17 -11.72 7.53
N GLY A 32 9.73 -10.78 6.82
CA GLY A 32 11.15 -10.90 6.41
C GLY A 32 11.22 -10.94 4.88
N LYS A 33 10.10 -11.11 4.23
CA LYS A 33 10.07 -11.15 2.75
C LYS A 33 9.54 -9.83 2.22
N PRO A 34 9.99 -9.45 1.06
CA PRO A 34 9.58 -8.19 0.42
C PRO A 34 8.21 -8.36 -0.25
N PHE A 35 7.25 -7.56 0.14
CA PHE A 35 5.89 -7.64 -0.47
C PHE A 35 5.82 -6.57 -1.55
N THR A 36 5.58 -6.94 -2.77
CA THR A 36 5.53 -5.91 -3.84
C THR A 36 4.10 -5.55 -4.19
N LEU A 37 3.79 -4.28 -4.16
CA LEU A 37 2.42 -3.85 -4.52
C LEU A 37 2.49 -2.60 -5.39
N GLU A 38 1.90 -2.64 -6.55
CA GLU A 38 1.93 -1.46 -7.44
C GLU A 38 0.55 -0.80 -7.38
N ALA A 39 0.49 0.49 -7.27
CA ALA A 39 -0.83 1.13 -7.19
C ALA A 39 -0.92 2.31 -8.13
N LEU A 40 -1.87 2.31 -9.01
CA LEU A 40 -2.05 3.46 -9.92
C LEU A 40 -2.95 4.42 -9.19
N PHE A 41 -2.67 5.68 -9.21
CA PHE A 41 -3.56 6.61 -8.46
C PHE A 41 -3.54 7.98 -9.11
N ASP A 42 -4.68 8.57 -9.28
CA ASP A 42 -4.72 9.91 -9.90
C ASP A 42 -4.44 10.95 -8.82
N ALA A 43 -3.29 11.53 -8.88
CA ALA A 43 -2.91 12.54 -7.87
C ALA A 43 -4.09 13.51 -7.67
N ASN A 44 -4.68 13.52 -6.50
CA ASN A 44 -5.83 14.44 -6.26
C ASN A 44 -5.29 15.81 -5.86
N GLN A 45 -4.01 16.02 -6.00
CA GLN A 45 -3.42 17.33 -5.62
C GLN A 45 -2.00 17.43 -6.19
N ASN A 46 -1.59 18.59 -6.59
CA ASN A 46 -0.22 18.74 -7.14
C ASN A 46 0.77 18.92 -5.99
N THR A 47 1.59 17.94 -5.74
CA THR A 47 2.55 18.06 -4.62
C THR A 47 3.98 17.79 -5.13
N LYS A 48 4.97 18.37 -4.50
CA LYS A 48 6.38 18.15 -4.92
C LYS A 48 6.92 16.91 -4.24
N THR A 49 6.31 16.52 -3.17
CA THR A 49 6.78 15.32 -2.46
C THR A 49 5.62 14.40 -2.13
N ALA A 50 5.83 13.13 -2.29
CA ALA A 50 4.76 12.15 -2.00
C ALA A 50 5.41 10.96 -1.31
N LYS A 51 4.71 10.30 -0.43
CA LYS A 51 5.32 9.17 0.30
C LYS A 51 4.31 8.05 0.47
N ILE A 52 4.74 6.82 0.36
CA ILE A 52 3.80 5.70 0.56
C ILE A 52 3.84 5.29 2.03
N GLU A 53 2.75 4.82 2.54
CA GLU A 53 2.69 4.46 3.97
C GLU A 53 1.79 3.23 4.13
N ILE A 54 2.33 2.14 4.60
CA ILE A 54 1.48 0.92 4.73
C ILE A 54 1.22 0.61 6.21
N LYS A 55 -0.02 0.30 6.56
CA LYS A 55 -0.34 -0.03 7.98
C LYS A 55 -1.02 -1.39 8.03
N ALA A 56 -0.59 -2.27 8.89
CA ALA A 56 -1.23 -3.62 8.93
C ALA A 56 -2.05 -3.81 10.21
N SER A 57 -3.11 -4.55 10.11
CA SER A 57 -3.97 -4.82 11.30
C SER A 57 -3.74 -6.27 11.73
N LEU A 58 -3.90 -6.58 12.99
CA LEU A 58 -3.66 -7.99 13.43
C LEU A 58 -4.93 -8.56 14.07
N ASP A 59 -5.98 -8.64 13.32
CA ASP A 59 -7.26 -9.20 13.86
C ASP A 59 -7.49 -8.70 15.28
N GLY A 60 -6.97 -7.55 15.62
CA GLY A 60 -7.18 -7.01 16.99
C GLY A 60 -6.08 -5.99 17.31
N LEU A 61 -4.85 -6.34 17.08
CA LEU A 61 -3.75 -5.39 17.37
C LEU A 61 -3.34 -4.69 16.07
N GLU A 62 -3.58 -3.41 15.98
CA GLU A 62 -3.21 -2.68 14.73
C GLU A 62 -1.81 -2.08 14.87
N ILE A 63 -0.93 -2.42 13.97
CA ILE A 63 0.45 -1.90 14.05
C ILE A 63 0.74 -1.08 12.80
N ASP A 64 1.83 -0.38 12.83
CA ASP A 64 2.25 0.43 11.66
C ASP A 64 3.47 -0.27 11.04
N VAL A 65 3.51 -0.42 9.76
CA VAL A 65 4.66 -1.13 9.13
C VAL A 65 5.63 -0.13 8.48
N PRO A 66 6.77 0.05 9.10
CA PRO A 66 7.82 0.95 8.61
C PRO A 66 8.64 0.26 7.53
N GLY A 67 9.88 0.66 7.34
CA GLY A 67 10.72 0.01 6.30
C GLY A 67 10.15 0.35 4.91
N ILE A 68 9.61 1.51 4.75
CA ILE A 68 9.03 1.89 3.43
C ILE A 68 9.93 2.94 2.77
N ASP A 69 9.58 3.39 1.60
CA ASP A 69 10.43 4.42 0.93
C ASP A 69 10.00 5.80 1.41
N THR A 70 9.01 5.84 2.26
CA THR A 70 8.49 7.14 2.81
C THR A 70 8.68 8.24 1.78
N ASN A 71 8.52 7.92 0.54
CA ASN A 71 8.69 8.92 -0.53
C ASN A 71 8.57 8.19 -1.87
N ALA A 72 7.38 8.13 -2.39
CA ALA A 72 7.15 7.40 -3.66
C ALA A 72 7.66 8.21 -4.86
N CYS A 73 8.24 9.35 -4.63
CA CYS A 73 8.76 10.15 -5.77
C CYS A 73 9.93 9.41 -6.43
N HIS A 74 10.39 8.35 -5.81
CA HIS A 74 11.52 7.59 -6.40
C HIS A 74 10.98 6.55 -7.39
N PHE A 75 9.72 6.26 -7.31
CA PHE A 75 9.11 5.26 -8.25
C PHE A 75 8.06 5.96 -9.11
N VAL A 76 7.69 7.16 -8.75
CA VAL A 76 6.67 7.93 -9.53
C VAL A 76 7.32 9.24 -10.01
N LYS A 77 6.71 9.92 -10.95
CA LYS A 77 7.31 11.19 -11.45
C LYS A 77 6.82 12.38 -10.64
N CYS A 78 7.61 12.82 -9.70
CA CYS A 78 7.22 14.01 -8.89
C CYS A 78 7.77 15.28 -9.55
N PRO A 79 7.10 16.39 -9.35
CA PRO A 79 5.89 16.49 -8.50
C PRO A 79 4.69 15.81 -9.14
N LEU A 80 3.92 15.12 -8.34
CA LEU A 80 2.70 14.48 -8.88
C LEU A 80 1.66 15.57 -9.03
N VAL A 81 1.32 15.89 -10.23
CA VAL A 81 0.34 17.00 -10.44
C VAL A 81 -1.09 16.49 -10.29
N LYS A 82 -1.95 17.32 -9.77
CA LYS A 82 -3.37 16.94 -9.57
C LYS A 82 -4.05 16.80 -10.92
N GLY A 83 -4.50 15.63 -11.22
CA GLY A 83 -5.19 15.41 -12.51
C GLY A 83 -4.42 14.37 -13.33
N GLN A 84 -3.24 14.03 -12.90
CA GLN A 84 -2.44 13.01 -13.63
C GLN A 84 -2.43 11.73 -12.80
N GLN A 85 -2.20 10.61 -13.42
CA GLN A 85 -2.17 9.35 -12.65
C GLN A 85 -0.74 8.85 -12.61
N TYR A 86 -0.33 8.27 -11.52
CA TYR A 86 1.06 7.78 -11.42
C TYR A 86 1.08 6.30 -11.04
N ASP A 87 2.04 5.58 -11.54
CA ASP A 87 2.12 4.13 -11.22
C ASP A 87 3.35 3.88 -10.35
N ILE A 88 3.16 3.50 -9.12
CA ILE A 88 4.34 3.27 -8.24
C ILE A 88 4.52 1.80 -7.95
N LYS A 89 5.62 1.25 -8.37
CA LYS A 89 5.92 -0.17 -8.06
C LYS A 89 6.78 -0.12 -6.80
N TYR A 90 6.31 -0.62 -5.71
CA TYR A 90 7.10 -0.47 -4.47
C TYR A 90 7.38 -1.80 -3.77
N THR A 91 8.58 -1.94 -3.28
CA THR A 91 8.92 -3.14 -2.49
C THR A 91 8.66 -2.76 -1.04
N TRP A 92 7.96 -3.59 -0.32
CA TRP A 92 7.60 -3.26 1.08
C TRP A 92 8.38 -4.15 2.05
N ASN A 93 9.47 -3.64 2.55
CA ASN A 93 10.30 -4.45 3.49
C ASN A 93 9.55 -4.65 4.80
N VAL A 94 9.04 -5.83 5.01
CA VAL A 94 8.31 -6.11 6.28
C VAL A 94 9.30 -5.94 7.44
N PRO A 95 8.81 -5.43 8.55
CA PRO A 95 9.64 -5.21 9.75
C PRO A 95 10.16 -6.52 10.35
N LYS A 96 9.74 -7.63 9.84
CA LYS A 96 10.23 -8.94 10.38
C LYS A 96 9.70 -9.15 11.80
N ILE A 97 9.00 -8.20 12.36
CA ILE A 97 8.46 -8.37 13.73
C ILE A 97 7.03 -8.88 13.60
N ALA A 98 6.42 -8.56 12.50
CA ALA A 98 5.01 -9.00 12.26
C ALA A 98 4.76 -10.33 12.95
N PRO A 99 3.84 -10.33 13.87
CA PRO A 99 3.50 -11.52 14.65
C PRO A 99 2.53 -12.37 13.83
N LYS A 100 2.77 -13.65 13.71
CA LYS A 100 1.84 -14.48 12.91
C LYS A 100 0.41 -14.19 13.34
N SER A 101 -0.21 -13.25 12.69
CA SER A 101 -1.60 -12.87 13.04
C SER A 101 -2.56 -13.65 12.14
N GLU A 102 -3.38 -14.49 12.73
CA GLU A 102 -4.35 -15.31 11.94
C GLU A 102 -4.85 -14.53 10.73
N ASN A 103 -5.25 -13.32 10.92
CA ASN A 103 -5.75 -12.51 9.77
C ASN A 103 -5.04 -11.16 9.76
N VAL A 104 -4.69 -10.69 8.59
CA VAL A 104 -3.99 -9.39 8.51
C VAL A 104 -4.66 -8.51 7.45
N VAL A 105 -4.72 -7.23 7.69
CA VAL A 105 -5.32 -6.31 6.70
C VAL A 105 -4.27 -5.25 6.39
N VAL A 106 -3.81 -5.18 5.18
CA VAL A 106 -2.75 -4.20 4.86
C VAL A 106 -3.37 -2.92 4.31
N THR A 107 -2.80 -1.81 4.69
CA THR A 107 -3.32 -0.50 4.22
C THR A 107 -2.24 0.16 3.37
N VAL A 108 -2.62 0.77 2.30
CA VAL A 108 -1.62 1.45 1.44
C VAL A 108 -2.02 2.92 1.39
N LYS A 109 -1.13 3.82 1.69
CA LYS A 109 -1.56 5.24 1.70
C LYS A 109 -0.49 6.15 1.11
N LEU A 110 -0.87 6.98 0.17
CA LEU A 110 0.10 7.93 -0.41
C LEU A 110 -0.18 9.29 0.20
N ILE A 111 0.82 10.05 0.55
CA ILE A 111 0.57 11.36 1.17
C ILE A 111 1.43 12.42 0.50
N GLY A 112 0.83 13.36 -0.15
CA GLY A 112 1.62 14.43 -0.82
C GLY A 112 1.86 15.57 0.18
N ASP A 113 1.66 16.79 -0.23
CA ASP A 113 1.88 17.93 0.71
C ASP A 113 0.53 18.57 1.07
N ASN A 114 -0.54 18.09 0.51
CA ASN A 114 -1.87 18.68 0.82
C ASN A 114 -2.77 17.64 1.49
N GLY A 115 -2.29 16.44 1.68
CA GLY A 115 -3.14 15.41 2.34
C GLY A 115 -2.72 14.01 1.85
N VAL A 116 -3.60 13.06 1.95
CA VAL A 116 -3.26 11.68 1.49
C VAL A 116 -3.54 11.55 -0.01
N LEU A 117 -2.52 11.45 -0.80
CA LEU A 117 -2.72 11.32 -2.28
C LEU A 117 -3.59 10.09 -2.61
N ALA A 118 -3.41 8.99 -1.92
CA ALA A 118 -4.23 7.78 -2.23
C ALA A 118 -4.40 6.94 -0.95
N CYS A 119 -5.14 5.88 -1.03
CA CYS A 119 -5.33 5.05 0.19
C CYS A 119 -6.02 3.73 -0.18
N ALA A 120 -5.73 2.66 0.52
CA ALA A 120 -6.37 1.35 0.20
C ALA A 120 -6.45 0.50 1.46
N ILE A 121 -7.45 -0.35 1.55
CA ILE A 121 -7.58 -1.22 2.75
C ILE A 121 -7.95 -2.64 2.31
N ALA A 122 -7.14 -3.62 2.62
CA ALA A 122 -7.45 -5.01 2.20
C ALA A 122 -8.31 -5.69 3.27
N THR A 123 -9.13 -6.63 2.86
CA THR A 123 -10.01 -7.33 3.85
C THR A 123 -9.58 -8.79 4.02
N HIS A 124 -8.53 -9.19 3.37
CA HIS A 124 -8.07 -10.60 3.51
C HIS A 124 -6.57 -10.64 3.76
N GLY A 125 -6.03 -11.80 4.03
CA GLY A 125 -4.57 -11.89 4.27
C GLY A 125 -4.30 -12.66 5.57
N LYS A 126 -3.14 -13.24 5.68
CA LYS A 126 -2.76 -13.99 6.90
C LYS A 126 -1.23 -13.94 7.00
N ILE A 127 -0.67 -13.79 8.18
CA ILE A 127 0.82 -13.71 8.25
C ILE A 127 1.41 -15.02 8.78
N ARG A 128 2.51 -15.42 8.22
CA ARG A 128 3.20 -16.66 8.67
C ARG A 128 4.66 -16.33 8.97
N ASP A 129 5.41 -17.27 9.48
CA ASP A 129 6.85 -16.98 9.78
C ASP A 129 7.71 -17.42 8.61
#